data_3NTG
#
_entry.id   3NTG
#
_cell.length_a   180.268
_cell.length_b   134.273
_cell.length_c   122.615
_cell.angle_alpha   90.00
_cell.angle_beta   90.00
_cell.angle_gamma   90.00
#
_symmetry.space_group_name_H-M   'P 21 21 2'
#
loop_
_entity.id
_entity.type
_entity.pdbx_description
1 polymer 'Prostaglandin G/H synthase 2'
2 branched 2-acetamido-2-deoxy-beta-D-glucopyranose-(1-4)-2-acetamido-2-deoxy-beta-D-glucopyranose
3 non-polymer 'PROTOPORPHYRIN IX CONTAINING FE'
4 non-polymer 2-acetamido-2-deoxy-beta-D-glucopyranose
5 non-polymer 'octyl beta-D-glucopyranoside'
6 non-polymer '(2R)-6,8-dichloro-7-(2-methylpropoxy)-2-(trifluoromethyl)-2H-chromene-3-carboxylic acid'
7 water water
#
_entity_poly.entity_id   1
_entity_poly.type   'polypeptide(L)'
_entity_poly.pdbx_seq_one_letter_code
;ANPCCSNPCQNRGECMSTGFDQYKCDCTRTGFYGENCTTPEFLTRIKLLLKPTPNTVHYILTHFKGVWNIVNNIPFLRSL
IMKYVLTSRSYLIDSPPTYNVHYGYKSWEAFSNLSYYTRALPPVADDCPTPMGVKGNKELPDSKEVLEKVLLRREFIPDP
QGSNMMFAFFAQHFTHQFFKTDHKRGPGFTRGLGHGVDLNHIYGETLDRQHKLRLFKDGKLKYQVIGGEVYPPTVKDTQV
EMIYPPHIPENLQFAVGQEVFGLVPGLMMYATIWLREHNRVCDILKQEHPEWGDEQLFQTSRLILIGETIKIVIEDYVQH
LSGYHFKLKFDPELLFNQQFQYQNRIASEFNTLYHWHPLLPDTFNIEDQEYSFKQFLYNNSILLEHGLTQFVESFTRQIA
GRVAGGRNVPIAVQAVAKASIDQSREMKYQSLNEYRKRFSLKPYTSFEELTGEKEMAAELKALYSDIDVMELYPALLVEK
PRPDAIFGETMVELGAPFSLKGLMGNPICSPQYWKPSTFGGEVGFKIINTASIQSLICNNVKGCPFTSFNVQ
;
_entity_poly.pdbx_strand_id   A,B,C,D
#
# COMPACT_ATOMS: atom_id res chain seq x y z
N ALA A 1 -43.95 -42.71 10.74
CA ALA A 1 -43.99 -43.02 12.20
C ALA A 1 -43.65 -41.78 13.05
N ASN A 2 -42.38 -41.36 13.02
CA ASN A 2 -41.94 -40.12 13.67
C ASN A 2 -42.92 -39.01 13.28
N PRO A 3 -43.53 -38.33 14.28
CA PRO A 3 -44.51 -37.28 13.94
C PRO A 3 -43.92 -36.05 13.22
N CYS A 4 -42.61 -35.92 13.22
CA CYS A 4 -41.92 -34.84 12.52
C CYS A 4 -41.60 -35.19 11.06
N CYS A 5 -42.10 -36.33 10.57
CA CYS A 5 -41.78 -36.76 9.21
C CYS A 5 -42.30 -35.80 8.14
N SER A 6 -43.41 -35.13 8.40
CA SER A 6 -43.98 -34.23 7.38
C SER A 6 -43.29 -32.85 7.31
N ASN A 7 -42.27 -32.61 8.12
CA ASN A 7 -41.56 -31.32 8.20
C ASN A 7 -42.50 -30.17 8.53
N PRO A 8 -43.22 -30.27 9.66
CA PRO A 8 -44.29 -29.32 9.93
C PRO A 8 -43.78 -27.91 10.31
N CYS A 9 -42.67 -27.82 11.04
CA CYS A 9 -42.20 -26.53 11.52
C CYS A 9 -41.61 -25.70 10.39
N GLN A 10 -42.11 -24.48 10.23
CA GLN A 10 -41.68 -23.59 9.17
C GLN A 10 -40.68 -22.58 9.70
N ASN A 11 -40.04 -21.88 8.77
CA ASN A 11 -39.22 -20.71 9.07
C ASN A 11 -38.09 -20.99 10.05
N ARG A 12 -37.48 -22.17 9.91
CA ARG A 12 -36.34 -22.61 10.72
C ARG A 12 -36.73 -23.02 12.13
N GLY A 13 -38.03 -23.16 12.40
CA GLY A 13 -38.46 -23.75 13.65
C GLY A 13 -37.89 -25.16 13.72
N GLU A 14 -37.63 -25.65 14.93
CA GLU A 14 -37.11 -27.01 15.08
C GLU A 14 -38.18 -27.93 15.61
N CYS A 15 -38.32 -29.09 14.96
CA CYS A 15 -39.36 -30.07 15.30
C CYS A 15 -38.86 -31.12 16.29
N MET A 16 -39.66 -31.40 17.30
CA MET A 16 -39.33 -32.38 18.30
C MET A 16 -40.60 -33.18 18.57
N SER A 17 -40.52 -34.50 18.50
CA SER A 17 -41.62 -35.34 18.98
C SER A 17 -41.86 -35.16 20.49
N THR A 18 -43.11 -35.28 20.92
CA THR A 18 -43.49 -35.15 22.33
C THR A 18 -44.40 -36.32 22.75
N GLY A 19 -44.24 -37.45 22.08
CA GLY A 19 -45.15 -38.59 22.23
C GLY A 19 -45.18 -39.30 20.89
N PHE A 20 -45.76 -40.50 20.84
CA PHE A 20 -45.70 -41.31 19.61
C PHE A 20 -46.35 -40.63 18.39
N ASP A 21 -47.37 -39.80 18.63
CA ASP A 21 -48.21 -39.22 17.57
C ASP A 21 -48.33 -37.69 17.62
N GLN A 22 -47.44 -37.02 18.35
CA GLN A 22 -47.51 -35.56 18.51
C GLN A 22 -46.13 -34.93 18.42
N TYR A 23 -46.11 -33.68 17.99
CA TYR A 23 -44.87 -32.91 17.91
C TYR A 23 -45.06 -31.54 18.54
N LYS A 24 -43.95 -30.84 18.70
CA LYS A 24 -43.94 -29.44 19.06
C LYS A 24 -42.83 -28.77 18.29
N CYS A 25 -43.04 -27.52 17.92
CA CYS A 25 -42.04 -26.74 17.21
C CYS A 25 -41.42 -25.77 18.17
N ASP A 26 -40.11 -25.59 18.07
CA ASP A 26 -39.40 -24.62 18.87
C ASP A 26 -39.16 -23.43 17.98
N CYS A 27 -39.85 -22.32 18.27
CA CYS A 27 -39.84 -21.16 17.37
C CYS A 27 -38.85 -20.10 17.83
N THR A 28 -38.08 -20.41 18.86
CA THR A 28 -37.03 -19.53 19.39
C THR A 28 -36.26 -18.79 18.31
N ARG A 29 -36.29 -17.46 18.36
CA ARG A 29 -35.53 -16.59 17.44
C ARG A 29 -35.80 -16.79 15.96
N THR A 30 -36.93 -17.38 15.59
CA THR A 30 -37.27 -17.51 14.17
C THR A 30 -37.87 -16.23 13.60
N GLY A 31 -38.42 -15.39 14.47
CA GLY A 31 -39.21 -14.22 14.08
C GLY A 31 -40.69 -14.54 13.90
N PHE A 32 -41.08 -15.77 14.21
CA PHE A 32 -42.46 -16.23 14.08
C PHE A 32 -42.85 -16.98 15.35
N TYR A 33 -44.14 -17.26 15.49
CA TYR A 33 -44.65 -18.14 16.54
C TYR A 33 -45.85 -18.97 16.02
N GLY A 34 -46.48 -19.72 16.91
CA GLY A 34 -47.63 -20.56 16.53
C GLY A 34 -47.21 -22.02 16.46
N GLU A 35 -48.18 -22.93 16.35
CA GLU A 35 -47.91 -24.38 16.37
C GLU A 35 -46.81 -24.82 15.39
N ASN A 36 -46.77 -24.17 14.24
CA ASN A 36 -45.88 -24.52 13.14
C ASN A 36 -44.87 -23.40 12.84
N CYS A 37 -44.79 -22.40 13.72
CA CYS A 37 -43.95 -21.19 13.53
C CYS A 37 -44.29 -20.46 12.23
N THR A 38 -45.58 -20.23 11.98
CA THR A 38 -46.03 -19.56 10.76
C THR A 38 -46.69 -18.19 11.02
N THR A 39 -46.89 -17.83 12.29
CA THR A 39 -47.49 -16.55 12.67
C THR A 39 -46.38 -15.52 12.91
N PRO A 40 -46.22 -14.54 12.00
CA PRO A 40 -45.10 -13.60 12.09
C PRO A 40 -45.25 -12.61 13.22
N GLU A 41 -44.11 -12.15 13.75
CA GLU A 41 -44.09 -11.08 14.74
C GLU A 41 -44.23 -9.75 14.02
N PHE A 42 -44.72 -8.73 14.73
CA PHE A 42 -44.95 -7.42 14.13
C PHE A 42 -43.74 -6.94 13.34
N LEU A 43 -42.57 -6.95 13.97
CA LEU A 43 -41.32 -6.58 13.29
C LEU A 43 -41.04 -7.45 12.06
N THR A 44 -41.46 -8.72 12.11
CA THR A 44 -41.23 -9.67 11.01
C THR A 44 -42.11 -9.38 9.80
N ARG A 45 -43.36 -9.00 10.05
CA ARG A 45 -44.32 -8.67 8.99
C ARG A 45 -43.82 -7.52 8.14
N ILE A 46 -43.20 -6.54 8.79
CA ILE A 46 -42.63 -5.38 8.11
C ILE A 46 -41.49 -5.76 7.18
N LYS A 47 -40.57 -6.58 7.68
CA LYS A 47 -39.41 -6.98 6.91
C LYS A 47 -39.80 -7.81 5.68
N LEU A 48 -40.79 -8.69 5.83
CA LEU A 48 -41.26 -9.49 4.70
C LEU A 48 -41.96 -8.67 3.60
N LEU A 49 -42.47 -7.48 3.95
CA LEU A 49 -43.05 -6.59 2.95
C LEU A 49 -41.98 -5.78 2.21
N LEU A 50 -40.96 -5.33 2.96
CA LEU A 50 -39.88 -4.54 2.38
C LEU A 50 -38.81 -5.39 1.67
N LYS A 51 -38.71 -6.66 2.00
CA LYS A 51 -37.66 -7.52 1.45
C LYS A 51 -37.99 -7.89 0.00
N PRO A 52 -37.11 -7.54 -0.94
CA PRO A 52 -37.33 -7.91 -2.34
C PRO A 52 -36.89 -9.36 -2.57
N THR A 53 -37.41 -9.97 -3.63
CA THR A 53 -37.04 -11.34 -4.00
C THR A 53 -35.61 -11.38 -4.54
N PRO A 54 -34.97 -12.56 -4.50
CA PRO A 54 -33.61 -12.69 -5.07
C PRO A 54 -33.51 -12.35 -6.55
N ASN A 55 -34.57 -12.60 -7.32
CA ASN A 55 -34.58 -12.30 -8.75
C ASN A 55 -34.69 -10.80 -9.04
N THR A 56 -35.52 -10.11 -8.28
CA THR A 56 -35.56 -8.64 -8.33
C THR A 56 -34.16 -8.08 -8.03
N VAL A 57 -33.49 -8.62 -7.00
CA VAL A 57 -32.15 -8.19 -6.63
C VAL A 57 -31.13 -8.53 -7.71
N HIS A 58 -31.23 -9.73 -8.28
CA HIS A 58 -30.34 -10.17 -9.35
C HIS A 58 -30.43 -9.24 -10.55
N TYR A 59 -31.63 -8.78 -10.88
CA TYR A 59 -31.81 -7.86 -12.00
C TYR A 59 -31.06 -6.54 -11.73
N ILE A 60 -31.33 -5.94 -10.57
CA ILE A 60 -30.67 -4.69 -10.16
C ILE A 60 -29.15 -4.80 -10.27
N LEU A 61 -28.58 -5.87 -9.72
CA LEU A 61 -27.12 -6.03 -9.65
C LEU A 61 -26.47 -6.33 -11.01
N THR A 62 -27.28 -6.78 -11.97
CA THR A 62 -26.80 -7.11 -13.31
C THR A 62 -27.21 -6.09 -14.37
N HIS A 63 -27.72 -4.93 -13.94
CA HIS A 63 -28.09 -3.84 -14.83
C HIS A 63 -27.62 -2.53 -14.20
N PHE A 64 -27.88 -1.40 -14.86
CA PHE A 64 -27.45 -0.09 -14.36
C PHE A 64 -25.93 -0.03 -14.16
N LYS A 65 -25.20 -0.55 -15.14
CA LYS A 65 -23.73 -0.61 -15.07
C LYS A 65 -23.09 0.76 -14.82
N GLY A 66 -23.67 1.82 -15.39
CA GLY A 66 -23.22 3.21 -15.15
C GLY A 66 -23.30 3.62 -13.69
N VAL A 67 -24.43 3.36 -13.06
CA VAL A 67 -24.60 3.61 -11.62
C VAL A 67 -23.61 2.80 -10.78
N TRP A 68 -23.42 1.53 -11.14
CA TRP A 68 -22.47 0.67 -10.43
C TRP A 68 -21.03 1.14 -10.59
N ASN A 69 -20.72 1.63 -11.77
CA ASN A 69 -19.42 2.22 -12.05
C ASN A 69 -19.03 3.29 -11.02
N ILE A 70 -20.00 4.13 -10.64
CA ILE A 70 -19.78 5.20 -9.67
C ILE A 70 -19.66 4.66 -8.24
N VAL A 71 -20.58 3.75 -7.88
CA VAL A 71 -20.56 3.11 -6.55
C VAL A 71 -19.21 2.42 -6.30
N ASN A 72 -18.76 1.67 -7.31
CA ASN A 72 -17.50 0.92 -7.23
C ASN A 72 -16.29 1.82 -6.97
N ASN A 73 -16.36 3.07 -7.42
CA ASN A 73 -15.29 4.08 -7.25
C ASN A 73 -15.41 4.93 -5.97
N ILE A 74 -16.35 4.56 -5.09
CA ILE A 74 -16.55 5.22 -3.79
C ILE A 74 -16.27 4.21 -2.65
N PRO A 75 -15.03 4.20 -2.11
CA PRO A 75 -14.56 3.18 -1.17
C PRO A 75 -15.52 2.84 -0.03
N PHE A 76 -16.08 3.85 0.62
CA PHE A 76 -16.89 3.61 1.80
C PHE A 76 -18.20 2.89 1.44
N LEU A 77 -18.77 3.22 0.29
CA LEU A 77 -20.00 2.58 -0.17
C LEU A 77 -19.73 1.17 -0.59
N ARG A 78 -18.66 0.99 -1.35
CA ARG A 78 -18.28 -0.33 -1.82
C ARG A 78 -18.13 -1.28 -0.63
N SER A 79 -17.37 -0.81 0.36
CA SER A 79 -17.17 -1.50 1.64
C SER A 79 -18.49 -1.77 2.36
N LEU A 80 -19.33 -0.75 2.44
CA LEU A 80 -20.64 -0.88 3.12
C LEU A 80 -21.52 -1.95 2.45
N ILE A 81 -21.48 -2.03 1.12
CA ILE A 81 -22.26 -3.02 0.39
C ILE A 81 -21.69 -4.43 0.61
N MET A 82 -20.36 -4.55 0.54
CA MET A 82 -19.71 -5.84 0.69
C MET A 82 -19.84 -6.36 2.13
N LYS A 83 -19.83 -5.45 3.10
CA LYS A 83 -20.09 -5.78 4.49
C LYS A 83 -21.46 -6.48 4.62
N TYR A 84 -22.47 -5.83 4.08
CA TYR A 84 -23.83 -6.33 4.13
C TYR A 84 -23.98 -7.67 3.43
N VAL A 85 -23.36 -7.85 2.25
CA VAL A 85 -23.50 -9.14 1.56
C VAL A 85 -22.90 -10.26 2.38
N LEU A 86 -21.76 -9.99 3.02
CA LEU A 86 -21.07 -10.97 3.84
C LEU A 86 -21.90 -11.40 5.05
N THR A 87 -22.38 -10.43 5.82
CA THR A 87 -23.09 -10.71 7.03
C THR A 87 -24.46 -11.29 6.75
N SER A 88 -25.14 -10.76 5.74
CA SER A 88 -26.48 -11.22 5.40
C SER A 88 -26.47 -12.65 4.87
N ARG A 89 -25.43 -12.99 4.11
CA ARG A 89 -25.32 -14.35 3.59
C ARG A 89 -24.91 -15.34 4.67
N SER A 90 -23.97 -14.96 5.52
CA SER A 90 -23.48 -15.84 6.58
C SER A 90 -24.51 -16.20 7.65
N TYR A 91 -25.49 -15.34 7.92
CA TYR A 91 -26.54 -15.72 8.88
C TYR A 91 -27.42 -16.89 8.39
N LEU A 92 -27.33 -17.26 7.11
CA LEU A 92 -28.04 -18.46 6.62
C LEU A 92 -27.40 -19.77 7.08
N ILE A 93 -26.13 -19.74 7.50
CA ILE A 93 -25.43 -20.94 7.90
C ILE A 93 -25.41 -21.11 9.43
N ASP A 94 -25.76 -22.31 9.89
CA ASP A 94 -25.56 -22.70 11.30
C ASP A 94 -24.07 -22.73 11.65
N SER A 95 -23.65 -21.93 12.63
CA SER A 95 -22.24 -21.92 13.01
C SER A 95 -22.08 -21.44 14.44
N PRO A 96 -21.65 -22.32 15.36
CA PRO A 96 -21.26 -23.74 15.25
C PRO A 96 -22.28 -24.64 14.55
N PRO A 97 -21.81 -25.67 13.83
CA PRO A 97 -22.68 -26.54 13.06
C PRO A 97 -23.53 -27.46 13.91
N THR A 98 -24.51 -28.08 13.25
CA THR A 98 -25.56 -28.83 13.93
C THR A 98 -25.64 -30.27 13.39
N TYR A 99 -26.43 -30.47 12.35
CA TYR A 99 -26.82 -31.81 11.93
C TYR A 99 -25.78 -32.50 11.04
N ASN A 100 -25.93 -33.80 10.87
CA ASN A 100 -25.17 -34.54 9.87
C ASN A 100 -26.00 -35.75 9.42
N VAL A 101 -25.41 -36.64 8.65
CA VAL A 101 -26.19 -37.69 7.98
C VAL A 101 -26.85 -38.68 8.97
N HIS A 102 -26.22 -38.86 10.14
CA HIS A 102 -26.73 -39.76 11.17
C HIS A 102 -27.49 -39.09 12.32
N TYR A 103 -27.42 -37.77 12.42
CA TYR A 103 -28.12 -37.03 13.46
C TYR A 103 -29.06 -35.95 12.93
N GLY A 104 -30.36 -36.20 13.05
CA GLY A 104 -31.40 -35.21 12.75
C GLY A 104 -31.82 -34.38 13.97
N TYR A 105 -31.04 -34.46 15.04
CA TYR A 105 -31.21 -33.63 16.22
C TYR A 105 -29.80 -33.30 16.65
N LYS A 106 -29.64 -32.22 17.41
CA LYS A 106 -28.31 -31.80 17.82
C LYS A 106 -27.75 -32.76 18.86
N SER A 107 -26.46 -33.10 18.70
CA SER A 107 -25.78 -34.02 19.61
C SER A 107 -24.30 -33.67 19.66
N TRP A 108 -23.63 -34.06 20.74
CA TRP A 108 -22.21 -33.74 20.84
C TRP A 108 -21.44 -34.51 19.79
N GLU A 109 -21.94 -35.69 19.44
CA GLU A 109 -21.31 -36.49 18.40
C GLU A 109 -21.31 -35.77 17.07
N ALA A 110 -22.47 -35.23 16.66
CA ALA A 110 -22.60 -34.44 15.42
C ALA A 110 -21.83 -33.14 15.48
N PHE A 111 -21.68 -32.55 16.65
CA PHE A 111 -20.80 -31.38 16.76
C PHE A 111 -19.31 -31.72 16.65
N SER A 112 -18.87 -32.69 17.44
CA SER A 112 -17.43 -32.93 17.65
C SER A 112 -16.73 -33.77 16.57
N ASN A 113 -17.48 -34.56 15.81
CA ASN A 113 -16.86 -35.53 14.91
C ASN A 113 -16.57 -34.87 13.56
N LEU A 114 -15.31 -34.51 13.36
CA LEU A 114 -14.90 -33.74 12.19
C LEU A 114 -14.91 -34.58 10.90
N SER A 115 -15.09 -35.89 11.03
CA SER A 115 -15.16 -36.78 9.85
C SER A 115 -16.49 -36.75 9.09
N TYR A 116 -17.51 -36.08 9.63
CA TYR A 116 -18.77 -35.91 8.90
C TYR A 116 -18.76 -34.60 8.13
N TYR A 117 -19.37 -34.58 6.97
CA TYR A 117 -19.87 -33.34 6.42
C TYR A 117 -21.06 -32.94 7.30
N THR A 118 -21.20 -31.66 7.60
CA THR A 118 -22.42 -31.19 8.29
C THR A 118 -23.61 -31.11 7.32
N ARG A 119 -24.81 -30.81 7.82
CA ARG A 119 -26.03 -30.71 7.00
C ARG A 119 -26.85 -29.43 7.26
N ALA A 120 -27.17 -28.68 6.20
CA ALA A 120 -28.01 -27.49 6.31
C ALA A 120 -29.44 -27.83 6.71
N LEU A 121 -29.93 -29.00 6.29
CA LEU A 121 -31.17 -29.53 6.81
C LEU A 121 -30.94 -30.95 7.33
N PRO A 122 -31.61 -31.31 8.43
CA PRO A 122 -31.39 -32.66 8.94
C PRO A 122 -31.90 -33.71 7.94
N PRO A 123 -31.43 -34.94 8.09
CA PRO A 123 -31.96 -36.04 7.28
C PRO A 123 -33.41 -36.34 7.59
N VAL A 124 -34.13 -36.78 6.56
CA VAL A 124 -35.40 -37.45 6.73
C VAL A 124 -35.18 -38.73 7.55
N ALA A 125 -35.95 -38.90 8.63
CA ALA A 125 -35.73 -40.01 9.56
C ALA A 125 -36.03 -41.36 8.92
N ASP A 126 -35.35 -42.41 9.41
CA ASP A 126 -35.44 -43.76 8.84
C ASP A 126 -36.85 -44.33 8.84
N ASP A 127 -37.66 -44.02 9.85
CA ASP A 127 -39.01 -44.63 9.95
C ASP A 127 -40.12 -43.84 9.25
N CYS A 128 -39.77 -42.78 8.54
CA CYS A 128 -40.76 -42.07 7.73
C CYS A 128 -41.31 -42.99 6.63
N PRO A 129 -42.59 -42.82 6.25
CA PRO A 129 -43.19 -43.68 5.23
C PRO A 129 -42.67 -43.47 3.79
N THR A 130 -42.19 -42.26 3.48
CA THR A 130 -41.68 -41.95 2.14
C THR A 130 -40.28 -41.36 2.21
N PRO A 131 -39.51 -41.45 1.10
CA PRO A 131 -38.17 -40.86 1.09
C PRO A 131 -38.13 -39.38 1.48
N MET A 132 -39.14 -38.61 1.11
CA MET A 132 -39.17 -37.17 1.39
C MET A 132 -39.85 -36.78 2.70
N GLY A 133 -40.43 -37.77 3.37
CA GLY A 133 -41.10 -37.59 4.66
C GLY A 133 -42.41 -38.35 4.65
N VAL A 134 -43.47 -37.67 4.21
CA VAL A 134 -44.78 -38.31 4.02
C VAL A 134 -45.30 -38.17 2.57
N LYS A 135 -44.87 -37.12 1.86
CA LYS A 135 -45.32 -36.85 0.49
C LYS A 135 -44.69 -37.82 -0.51
N GLY A 136 -45.39 -38.00 -1.63
CA GLY A 136 -44.88 -38.80 -2.76
C GLY A 136 -45.16 -40.28 -2.65
N ASN A 137 -44.44 -41.08 -3.42
CA ASN A 137 -44.59 -42.53 -3.43
C ASN A 137 -43.58 -43.18 -2.49
N LYS A 138 -43.74 -44.48 -2.26
CA LYS A 138 -42.83 -45.24 -1.38
C LYS A 138 -41.39 -45.32 -1.93
N GLU A 139 -41.25 -45.22 -3.25
CA GLU A 139 -39.94 -45.12 -3.92
C GLU A 139 -39.90 -43.86 -4.81
N LEU A 140 -38.76 -43.20 -4.81
CA LEU A 140 -38.47 -42.10 -5.74
C LEU A 140 -38.27 -42.68 -7.14
N PRO A 141 -38.48 -41.87 -8.20
CA PRO A 141 -38.37 -42.42 -9.55
C PRO A 141 -36.96 -42.89 -9.88
N ASP A 142 -36.88 -43.94 -10.71
CA ASP A 142 -35.61 -44.53 -11.15
C ASP A 142 -34.62 -43.42 -11.54
N SER A 143 -33.49 -43.39 -10.84
CA SER A 143 -32.46 -42.38 -11.05
C SER A 143 -31.93 -42.38 -12.47
N LYS A 144 -31.81 -43.56 -13.08
CA LYS A 144 -31.39 -43.71 -14.48
C LYS A 144 -32.34 -42.97 -15.42
N GLU A 145 -33.63 -43.06 -15.11
CA GLU A 145 -34.67 -42.41 -15.90
C GLU A 145 -34.57 -40.89 -15.77
N VAL A 146 -34.37 -40.42 -14.54
CA VAL A 146 -34.22 -38.97 -14.29
C VAL A 146 -33.01 -38.48 -15.10
N LEU A 147 -31.89 -39.17 -14.92
CA LEU A 147 -30.61 -38.87 -15.57
C LEU A 147 -30.79 -38.78 -17.09
N GLU A 148 -31.36 -39.81 -17.68
CA GLU A 148 -31.47 -39.91 -19.13
C GLU A 148 -32.42 -38.87 -19.70
N LYS A 149 -33.58 -38.72 -19.11
CA LYS A 149 -34.57 -37.80 -19.63
C LYS A 149 -34.23 -36.30 -19.51
N VAL A 150 -33.56 -35.88 -18.43
CA VAL A 150 -33.35 -34.43 -18.24
C VAL A 150 -31.97 -33.92 -17.88
N LEU A 151 -31.02 -34.82 -17.66
CA LEU A 151 -29.67 -34.39 -17.29
C LEU A 151 -28.64 -34.58 -18.41
N LEU A 152 -28.72 -35.70 -19.13
CA LEU A 152 -27.69 -36.01 -20.12
C LEU A 152 -27.72 -35.07 -21.35
N ARG A 153 -26.54 -34.67 -21.78
CA ARG A 153 -26.34 -33.76 -22.89
C ARG A 153 -26.67 -34.42 -24.22
N ARG A 154 -27.52 -33.77 -25.02
CA ARG A 154 -27.67 -34.21 -26.41
C ARG A 154 -26.58 -33.42 -27.13
N GLU A 155 -26.75 -32.11 -27.13
CA GLU A 155 -25.87 -31.19 -27.81
C GLU A 155 -25.26 -30.26 -26.77
N PHE A 156 -23.95 -30.05 -26.84
CA PHE A 156 -23.25 -29.11 -25.97
C PHE A 156 -23.97 -27.76 -25.94
N ILE A 157 -24.38 -27.35 -24.73
CA ILE A 157 -25.01 -26.05 -24.51
C ILE A 157 -23.95 -25.16 -23.84
N PRO A 158 -23.47 -24.13 -24.58
CA PRO A 158 -22.41 -23.27 -24.03
C PRO A 158 -22.88 -22.38 -22.89
N ASP A 159 -22.01 -22.09 -21.94
CA ASP A 159 -22.32 -21.12 -20.91
C ASP A 159 -22.43 -19.74 -21.56
N PRO A 160 -23.59 -19.08 -21.46
CA PRO A 160 -23.72 -17.73 -22.02
C PRO A 160 -22.92 -16.67 -21.28
N GLN A 161 -22.60 -16.88 -20.01
CA GLN A 161 -21.70 -15.97 -19.28
C GLN A 161 -20.24 -16.12 -19.76
N GLY A 162 -19.99 -17.10 -20.63
CA GLY A 162 -18.70 -17.23 -21.28
C GLY A 162 -17.61 -17.82 -20.44
N SER A 163 -17.98 -18.63 -19.44
CA SER A 163 -16.98 -19.31 -18.61
C SER A 163 -16.12 -20.22 -19.46
N ASN A 164 -14.85 -20.34 -19.11
CA ASN A 164 -13.93 -21.08 -19.93
C ASN A 164 -13.35 -22.26 -19.15
N MET A 165 -12.42 -22.98 -19.75
CA MET A 165 -11.80 -24.12 -19.11
C MET A 165 -10.85 -23.74 -17.98
N MET A 166 -10.28 -22.53 -18.04
CA MET A 166 -9.51 -22.02 -16.91
C MET A 166 -10.40 -21.94 -15.68
N PHE A 167 -11.60 -21.42 -15.87
CA PHE A 167 -12.59 -21.37 -14.80
C PHE A 167 -12.97 -22.77 -14.33
N ALA A 168 -13.35 -23.64 -15.27
CA ALA A 168 -13.84 -24.98 -14.89
C ALA A 168 -12.78 -25.73 -14.09
N PHE A 169 -11.52 -25.64 -14.48
CA PHE A 169 -10.45 -26.37 -13.79
C PHE A 169 -10.03 -25.66 -12.48
N PHE A 170 -10.18 -24.33 -12.42
CA PHE A 170 -9.97 -23.65 -11.14
C PHE A 170 -10.99 -24.13 -10.10
N ALA A 171 -12.22 -24.29 -10.54
CA ALA A 171 -13.29 -24.71 -9.66
C ALA A 171 -13.05 -26.12 -9.09
N GLN A 172 -12.73 -27.04 -9.97
CA GLN A 172 -12.47 -28.43 -9.56
C GLN A 172 -11.30 -28.47 -8.59
N HIS A 173 -10.23 -27.77 -8.95
CA HIS A 173 -9.00 -27.79 -8.18
C HIS A 173 -9.20 -27.17 -6.80
N PHE A 174 -9.81 -25.99 -6.77
CA PHE A 174 -10.03 -25.26 -5.53
C PHE A 174 -10.94 -26.04 -4.58
N THR A 175 -12.08 -26.49 -5.09
CA THR A 175 -13.08 -27.18 -4.28
C THR A 175 -12.62 -28.52 -3.73
N HIS A 176 -11.67 -29.14 -4.41
CA HIS A 176 -11.26 -30.49 -4.06
C HIS A 176 -10.29 -30.52 -2.88
N GLN A 177 -10.00 -29.35 -2.31
CA GLN A 177 -9.35 -29.33 -0.99
C GLN A 177 -10.37 -29.52 0.12
N PHE A 178 -11.64 -29.15 -0.11
CA PHE A 178 -12.66 -29.35 0.92
C PHE A 178 -13.79 -30.34 0.59
N PHE A 179 -13.91 -30.75 -0.67
CA PHE A 179 -14.79 -31.87 -1.01
C PHE A 179 -13.90 -33.07 -1.28
N LYS A 180 -13.84 -33.98 -0.31
CA LYS A 180 -12.96 -35.13 -0.37
C LYS A 180 -13.68 -36.28 0.32
N THR A 181 -14.72 -36.79 -0.32
CA THR A 181 -15.53 -37.82 0.29
C THR A 181 -14.69 -39.04 0.62
N ASP A 182 -14.95 -39.58 1.82
CA ASP A 182 -14.29 -40.74 2.38
C ASP A 182 -15.16 -41.94 2.05
N HIS A 183 -14.88 -42.60 0.93
CA HIS A 183 -15.75 -43.70 0.47
C HIS A 183 -15.61 -44.97 1.32
N LYS A 184 -14.50 -45.12 2.05
CA LYS A 184 -14.39 -46.18 3.07
C LYS A 184 -15.55 -46.12 4.07
N ARG A 185 -15.88 -44.91 4.53
CA ARG A 185 -16.97 -44.68 5.48
C ARG A 185 -18.34 -44.50 4.81
N GLY A 186 -18.38 -43.78 3.68
CA GLY A 186 -19.64 -43.47 2.97
C GLY A 186 -19.77 -42.01 2.55
N PRO A 187 -20.82 -41.69 1.76
CA PRO A 187 -20.97 -40.38 1.14
C PRO A 187 -21.10 -39.19 2.12
N GLY A 188 -21.55 -39.47 3.34
CA GLY A 188 -21.70 -38.43 4.33
C GLY A 188 -20.45 -38.13 5.13
N PHE A 189 -19.29 -38.60 4.66
CA PHE A 189 -18.02 -38.45 5.39
C PHE A 189 -16.91 -37.84 4.56
N THR A 190 -16.05 -37.04 5.19
CA THR A 190 -14.98 -36.31 4.51
C THR A 190 -13.59 -36.64 5.08
N ARG A 191 -12.58 -36.60 4.21
CA ARG A 191 -11.18 -36.68 4.64
C ARG A 191 -10.60 -35.27 4.82
N GLY A 192 -11.36 -34.25 4.45
CA GLY A 192 -10.93 -32.85 4.56
C GLY A 192 -11.27 -32.29 5.91
N LEU A 193 -10.49 -32.70 6.91
CA LEU A 193 -10.77 -32.38 8.31
C LEU A 193 -10.56 -30.90 8.66
N GLY A 194 -9.83 -30.17 7.84
CA GLY A 194 -9.74 -28.70 7.98
C GLY A 194 -11.04 -27.99 7.61
N HIS A 195 -11.91 -28.70 6.89
CA HIS A 195 -13.23 -28.18 6.55
C HIS A 195 -13.18 -26.77 5.94
N GLY A 196 -12.21 -26.53 5.07
CA GLY A 196 -12.07 -25.21 4.48
C GLY A 196 -10.84 -25.03 3.61
N VAL A 197 -10.46 -23.77 3.43
CA VAL A 197 -9.36 -23.38 2.55
C VAL A 197 -8.04 -23.42 3.31
N ASP A 198 -7.49 -24.63 3.43
CA ASP A 198 -6.23 -24.84 4.12
C ASP A 198 -5.12 -25.22 3.14
N LEU A 199 -5.47 -25.29 1.86
CA LEU A 199 -4.55 -25.70 0.79
C LEU A 199 -3.88 -27.07 1.04
N ASN A 200 -4.62 -27.99 1.62
CA ASN A 200 -4.12 -29.36 1.77
C ASN A 200 -3.90 -30.02 0.40
N HIS A 201 -4.66 -29.59 -0.61
CA HIS A 201 -4.44 -30.08 -1.97
C HIS A 201 -3.10 -29.66 -2.56
N ILE A 202 -2.44 -28.68 -1.95
CA ILE A 202 -1.06 -28.37 -2.31
C ILE A 202 -0.06 -29.01 -1.35
N TYR A 203 -0.36 -28.92 -0.05
CA TYR A 203 0.59 -29.27 1.02
C TYR A 203 0.38 -30.65 1.66
N GLY A 204 -0.73 -31.31 1.33
CA GLY A 204 -1.10 -32.59 1.95
C GLY A 204 -1.94 -32.40 3.20
N GLU A 205 -2.81 -33.39 3.48
CA GLU A 205 -3.62 -33.41 4.71
C GLU A 205 -2.81 -33.64 5.96
N THR A 206 -1.87 -34.59 5.91
CA THR A 206 -1.14 -35.01 7.10
C THR A 206 0.25 -34.43 7.09
N LEU A 207 0.83 -34.32 8.28
CA LEU A 207 2.18 -33.79 8.46
C LEU A 207 3.20 -34.62 7.68
N ASP A 208 2.99 -35.94 7.68
CA ASP A 208 3.90 -36.88 7.03
C ASP A 208 3.95 -36.68 5.52
N ARG A 209 2.81 -36.36 4.93
CA ARG A 209 2.72 -36.12 3.49
C ARG A 209 3.33 -34.75 3.17
N GLN A 210 3.05 -33.75 4.01
CA GLN A 210 3.66 -32.43 3.84
C GLN A 210 5.17 -32.56 3.83
N HIS A 211 5.70 -33.26 4.81
CA HIS A 211 7.13 -33.42 4.94
C HIS A 211 7.75 -34.12 3.73
N LYS A 212 7.10 -35.14 3.20
CA LYS A 212 7.56 -35.80 1.98
C LYS A 212 7.56 -34.85 0.76
N LEU A 213 6.66 -33.88 0.74
CA LEU A 213 6.55 -32.93 -0.38
C LEU A 213 7.48 -31.74 -0.23
N ARG A 214 8.09 -31.57 0.94
CA ARG A 214 8.95 -30.42 1.22
C ARG A 214 10.42 -30.66 0.92
N LEU A 215 11.08 -29.60 0.46
CA LEU A 215 12.49 -29.60 0.17
C LEU A 215 13.35 -29.44 1.42
N PHE A 216 12.83 -28.73 2.42
CA PHE A 216 13.55 -28.45 3.68
C PHE A 216 14.78 -27.55 3.50
N LYS A 217 14.80 -26.81 2.40
CA LYS A 217 15.72 -25.70 2.20
C LYS A 217 14.89 -24.52 1.69
N ASP A 218 15.05 -23.37 2.35
CA ASP A 218 14.39 -22.10 1.99
C ASP A 218 12.85 -22.13 1.95
N GLY A 219 12.24 -22.99 2.77
CA GLY A 219 10.77 -23.09 2.83
C GLY A 219 10.08 -23.74 1.65
N LYS A 220 10.84 -24.30 0.71
CA LYS A 220 10.26 -24.71 -0.59
C LYS A 220 9.68 -26.12 -0.62
N LEU A 221 8.89 -26.34 -1.65
CA LEU A 221 8.34 -27.62 -2.01
C LEU A 221 9.29 -28.27 -3.03
N LYS A 222 9.44 -29.59 -2.93
CA LYS A 222 10.26 -30.32 -3.90
C LYS A 222 9.72 -30.05 -5.30
N TYR A 223 10.61 -30.05 -6.28
CA TYR A 223 10.22 -29.94 -7.69
C TYR A 223 11.23 -30.66 -8.56
N GLN A 224 10.89 -30.85 -9.84
CA GLN A 224 11.91 -31.19 -10.84
C GLN A 224 11.81 -30.28 -12.04
N VAL A 225 12.87 -30.27 -12.85
CA VAL A 225 12.96 -29.45 -14.04
C VAL A 225 13.00 -30.36 -15.25
N ILE A 226 12.01 -30.21 -16.13
CA ILE A 226 11.91 -31.01 -17.35
C ILE A 226 11.84 -30.01 -18.50
N GLY A 227 12.83 -30.04 -19.38
CA GLY A 227 12.88 -29.11 -20.51
C GLY A 227 13.00 -27.65 -20.07
N GLY A 228 13.73 -27.41 -18.99
CA GLY A 228 13.90 -26.06 -18.45
C GLY A 228 12.68 -25.49 -17.74
N GLU A 229 11.73 -26.36 -17.39
CA GLU A 229 10.45 -25.94 -16.82
C GLU A 229 10.18 -26.68 -15.51
N VAL A 230 9.69 -25.96 -14.49
CA VAL A 230 9.46 -26.56 -13.18
C VAL A 230 8.16 -27.36 -13.09
N TYR A 231 8.26 -28.60 -12.64
CA TYR A 231 7.10 -29.47 -12.45
C TYR A 231 7.18 -30.13 -11.07
N PRO A 232 6.08 -30.76 -10.61
CA PRO A 232 6.13 -31.46 -9.35
C PRO A 232 7.03 -32.68 -9.42
N PRO A 233 7.52 -33.16 -8.26
CA PRO A 233 8.35 -34.34 -8.22
C PRO A 233 7.52 -35.60 -8.46
N THR A 234 8.18 -36.76 -8.55
CA THR A 234 7.49 -38.01 -8.81
C THR A 234 7.16 -38.77 -7.52
N VAL A 235 6.20 -39.67 -7.65
CA VAL A 235 5.88 -40.65 -6.61
C VAL A 235 7.15 -41.38 -6.13
N LYS A 236 7.94 -41.87 -7.08
CA LYS A 236 9.16 -42.59 -6.74
C LYS A 236 10.14 -41.72 -5.96
N ASP A 237 10.30 -40.46 -6.38
CA ASP A 237 11.24 -39.55 -5.72
C ASP A 237 10.90 -39.31 -4.23
N THR A 238 9.63 -39.09 -3.94
CA THR A 238 9.15 -38.60 -2.64
C THR A 238 8.39 -39.62 -1.77
N GLN A 239 8.08 -40.78 -2.34
N GLN A 239 8.07 -40.78 -2.34
CA GLN A 239 7.27 -41.83 -1.71
CA GLN A 239 7.30 -41.84 -1.66
C GLN A 239 5.90 -41.40 -1.23
C GLN A 239 5.87 -41.45 -1.29
N VAL A 240 5.34 -40.37 -1.86
CA VAL A 240 3.98 -39.89 -1.49
C VAL A 240 2.95 -40.56 -2.39
N GLU A 241 1.86 -41.03 -1.81
CA GLU A 241 0.89 -41.82 -2.57
C GLU A 241 0.00 -40.95 -3.47
N MET A 242 -0.14 -41.37 -4.72
CA MET A 242 -1.05 -40.77 -5.69
C MET A 242 -1.88 -41.86 -6.35
N ILE A 243 -3.07 -41.47 -6.81
CA ILE A 243 -3.93 -42.40 -7.53
C ILE A 243 -3.56 -42.33 -9.00
N TYR A 244 -2.94 -43.40 -9.51
CA TYR A 244 -2.63 -43.53 -10.93
C TYR A 244 -2.90 -44.98 -11.36
N PRO A 245 -3.44 -45.16 -12.57
CA PRO A 245 -3.55 -46.52 -13.07
C PRO A 245 -2.16 -47.09 -13.35
N PRO A 246 -1.99 -48.42 -13.22
CA PRO A 246 -0.66 -49.04 -13.19
C PRO A 246 0.22 -48.77 -14.42
N HIS A 247 -0.37 -48.62 -15.60
CA HIS A 247 0.37 -48.39 -16.83
C HIS A 247 1.06 -47.00 -16.93
N ILE A 248 0.71 -46.07 -16.05
CA ILE A 248 1.32 -44.74 -16.08
C ILE A 248 2.81 -44.85 -15.73
N PRO A 249 3.70 -44.40 -16.62
CA PRO A 249 5.13 -44.47 -16.34
C PRO A 249 5.56 -43.62 -15.14
N GLU A 250 6.63 -44.05 -14.47
CA GLU A 250 7.09 -43.45 -13.23
C GLU A 250 7.48 -41.98 -13.40
N ASN A 251 8.06 -41.64 -14.54
CA ASN A 251 8.41 -40.25 -14.82
C ASN A 251 7.20 -39.34 -15.02
N LEU A 252 6.01 -39.91 -15.22
CA LEU A 252 4.77 -39.11 -15.29
C LEU A 252 3.89 -39.21 -14.04
N GLN A 253 4.30 -39.99 -13.04
CA GLN A 253 3.54 -40.11 -11.79
C GLN A 253 3.87 -38.94 -10.87
N PHE A 254 3.18 -37.81 -11.08
CA PHE A 254 3.46 -36.60 -10.34
C PHE A 254 2.87 -36.61 -8.93
N ALA A 255 3.66 -36.17 -7.95
CA ALA A 255 3.25 -36.16 -6.55
C ALA A 255 2.90 -34.74 -6.07
N VAL A 256 1.63 -34.56 -5.70
CA VAL A 256 1.12 -33.26 -5.26
C VAL A 256 0.27 -33.43 -4.02
N GLY A 257 -0.17 -32.33 -3.44
CA GLY A 257 -0.89 -32.40 -2.17
C GLY A 257 -2.08 -33.37 -2.18
N GLN A 258 -2.86 -33.31 -3.26
CA GLN A 258 -4.11 -34.03 -3.36
C GLN A 258 -3.91 -35.24 -4.26
N GLU A 259 -4.22 -36.42 -3.72
CA GLU A 259 -3.89 -37.70 -4.30
C GLU A 259 -4.57 -38.02 -5.64
N VAL A 260 -5.65 -37.31 -5.94
CA VAL A 260 -6.46 -37.60 -7.12
C VAL A 260 -6.11 -36.66 -8.27
N PHE A 261 -5.17 -35.75 -8.05
CA PHE A 261 -4.92 -34.65 -9.00
C PHE A 261 -4.19 -35.05 -10.28
N GLY A 262 -3.62 -36.25 -10.30
CA GLY A 262 -3.04 -36.81 -11.53
C GLY A 262 -4.08 -37.34 -12.50
N LEU A 263 -5.35 -37.34 -12.08
CA LEU A 263 -6.48 -37.85 -12.86
C LEU A 263 -6.78 -36.98 -14.09
N VAL A 264 -6.42 -35.70 -14.01
CA VAL A 264 -6.80 -34.72 -15.05
C VAL A 264 -5.66 -33.69 -15.26
N PRO A 265 -5.17 -33.55 -16.50
CA PRO A 265 -4.16 -32.54 -16.81
C PRO A 265 -4.50 -31.14 -16.32
N GLY A 266 -5.77 -30.76 -16.37
CA GLY A 266 -6.22 -29.45 -15.91
C GLY A 266 -5.97 -29.19 -14.43
N LEU A 267 -6.13 -30.25 -13.63
CA LEU A 267 -5.81 -30.19 -12.19
C LEU A 267 -4.31 -30.05 -12.01
N MET A 268 -3.56 -30.92 -12.68
CA MET A 268 -2.10 -30.86 -12.61
C MET A 268 -1.55 -29.52 -13.09
N MET A 269 -2.22 -28.88 -14.06
CA MET A 269 -1.86 -27.53 -14.48
C MET A 269 -1.84 -26.61 -13.27
N TYR A 270 -2.95 -26.51 -12.59
CA TYR A 270 -3.04 -25.66 -11.41
C TYR A 270 -2.13 -26.09 -10.27
N ALA A 271 -1.90 -27.40 -10.14
CA ALA A 271 -1.02 -27.93 -9.12
C ALA A 271 0.41 -27.43 -9.34
N THR A 272 0.80 -27.36 -10.61
CA THR A 272 2.12 -26.87 -11.00
C THR A 272 2.21 -25.37 -10.75
N ILE A 273 1.20 -24.63 -11.22
CA ILE A 273 1.16 -23.18 -11.04
C ILE A 273 1.32 -22.78 -9.56
N TRP A 274 0.61 -23.50 -8.69
CA TRP A 274 0.53 -23.15 -7.26
C TRP A 274 1.78 -23.59 -6.53
N LEU A 275 2.35 -24.71 -6.94
CA LEU A 275 3.66 -25.15 -6.45
C LEU A 275 4.71 -24.08 -6.80
N ARG A 276 4.70 -23.66 -8.05
CA ARG A 276 5.60 -22.59 -8.47
C ARG A 276 5.40 -21.31 -7.65
N GLU A 277 4.14 -20.98 -7.35
CA GLU A 277 3.81 -19.80 -6.57
C GLU A 277 4.32 -19.87 -5.14
N HIS A 278 4.14 -21.02 -4.49
CA HIS A 278 4.72 -21.23 -3.17
C HIS A 278 6.21 -20.96 -3.16
N ASN A 279 6.94 -21.58 -4.09
CA ASN A 279 8.39 -21.42 -4.14
C ASN A 279 8.82 -20.00 -4.52
N ARG A 280 7.95 -19.31 -5.26
CA ARG A 280 8.18 -17.92 -5.62
C ARG A 280 8.10 -17.00 -4.41
N VAL A 281 7.11 -17.24 -3.55
CA VAL A 281 6.91 -16.45 -2.33
C VAL A 281 8.01 -16.73 -1.30
N CYS A 282 8.43 -18.00 -1.19
CA CYS A 282 9.65 -18.35 -0.44
C CYS A 282 10.86 -17.49 -0.83
N ASP A 283 11.09 -17.32 -2.12
CA ASP A 283 12.20 -16.48 -2.59
C ASP A 283 11.99 -15.03 -2.15
N ILE A 284 10.76 -14.55 -2.27
CA ILE A 284 10.43 -13.19 -1.90
C ILE A 284 10.71 -13.01 -0.40
N LEU A 285 10.18 -13.90 0.44
CA LEU A 285 10.38 -13.84 1.88
C LEU A 285 11.84 -14.03 2.31
N LYS A 286 12.57 -14.91 1.61
CA LYS A 286 13.99 -15.10 1.89
C LYS A 286 14.78 -13.81 1.66
N GLN A 287 14.50 -13.12 0.56
CA GLN A 287 15.10 -11.80 0.31
C GLN A 287 14.86 -10.88 1.53
N GLU A 288 13.61 -10.69 1.92
CA GLU A 288 13.26 -9.78 3.00
C GLU A 288 13.79 -10.27 4.36
N HIS A 289 13.79 -11.58 4.54
CA HIS A 289 14.17 -12.18 5.79
C HIS A 289 15.35 -13.16 5.65
N PRO A 290 16.58 -12.64 5.52
CA PRO A 290 17.70 -13.58 5.49
C PRO A 290 17.90 -14.38 6.79
N GLU A 291 17.35 -13.90 7.91
CA GLU A 291 17.46 -14.56 9.24
C GLU A 291 16.65 -15.82 9.35
N TRP A 292 15.70 -16.00 8.44
CA TRP A 292 14.67 -16.99 8.63
C TRP A 292 15.13 -18.38 8.24
N GLY A 293 14.66 -19.38 8.98
CA GLY A 293 14.93 -20.77 8.64
C GLY A 293 13.89 -21.29 7.68
N ASP A 294 14.01 -22.57 7.36
CA ASP A 294 13.13 -23.24 6.41
C ASP A 294 11.69 -23.42 6.92
N GLU A 295 11.53 -23.74 8.22
CA GLU A 295 10.18 -23.93 8.77
C GLU A 295 9.38 -22.65 8.57
N GLN A 296 9.89 -21.54 9.11
CA GLN A 296 9.17 -20.27 9.04
C GLN A 296 8.90 -19.78 7.61
N LEU A 297 9.87 -19.89 6.72
CA LEU A 297 9.66 -19.52 5.30
C LEU A 297 8.54 -20.37 4.69
N PHE A 298 8.46 -21.64 5.07
CA PHE A 298 7.44 -22.52 4.50
C PHE A 298 6.09 -22.16 5.07
N GLN A 299 6.03 -22.05 6.40
CA GLN A 299 4.77 -21.76 7.07
C GLN A 299 4.21 -20.41 6.64
N THR A 300 5.06 -19.39 6.57
CA THR A 300 4.62 -18.04 6.18
C THR A 300 4.10 -18.00 4.73
N SER A 301 4.80 -18.66 3.81
CA SER A 301 4.36 -18.78 2.41
C SER A 301 2.95 -19.40 2.30
N ARG A 302 2.70 -20.47 3.04
CA ARG A 302 1.40 -21.12 3.04
C ARG A 302 0.28 -20.17 3.49
N LEU A 303 0.54 -19.35 4.51
CA LEU A 303 -0.46 -18.39 4.95
C LEU A 303 -0.73 -17.32 3.89
N ILE A 304 0.30 -16.93 3.12
CA ILE A 304 0.13 -15.98 2.00
C ILE A 304 -0.62 -16.61 0.85
N LEU A 305 -0.30 -17.86 0.50
CA LEU A 305 -1.07 -18.55 -0.54
C LEU A 305 -2.54 -18.75 -0.20
N ILE A 306 -2.84 -19.03 1.07
CA ILE A 306 -4.24 -19.13 1.49
C ILE A 306 -4.90 -17.77 1.29
N GLY A 307 -4.18 -16.70 1.61
CA GLY A 307 -4.66 -15.36 1.37
C GLY A 307 -4.88 -15.11 -0.10
N GLU A 308 -3.86 -15.41 -0.90
CA GLU A 308 -3.98 -15.26 -2.36
C GLU A 308 -5.18 -16.00 -2.91
N THR A 309 -5.41 -17.20 -2.37
CA THR A 309 -6.50 -18.08 -2.82
C THR A 309 -7.85 -17.45 -2.55
N ILE A 310 -8.03 -16.95 -1.32
CA ILE A 310 -9.31 -16.34 -0.94
C ILE A 310 -9.53 -15.05 -1.76
N LYS A 311 -8.45 -14.30 -1.98
CA LYS A 311 -8.51 -13.07 -2.77
C LYS A 311 -9.05 -13.33 -4.17
N ILE A 312 -8.43 -14.29 -4.86
CA ILE A 312 -8.79 -14.66 -6.24
C ILE A 312 -10.21 -15.24 -6.32
N VAL A 313 -10.58 -16.07 -5.35
CA VAL A 313 -11.90 -16.68 -5.38
C VAL A 313 -13.00 -15.62 -5.27
N ILE A 314 -12.83 -14.62 -4.41
CA ILE A 314 -13.83 -13.58 -4.29
C ILE A 314 -13.75 -12.58 -5.46
N GLU A 315 -12.58 -12.04 -5.76
CA GLU A 315 -12.51 -10.90 -6.71
C GLU A 315 -12.41 -11.26 -8.19
N ASP A 316 -12.07 -12.53 -8.47
CA ASP A 316 -12.05 -13.03 -9.85
C ASP A 316 -13.15 -14.06 -10.11
N TYR A 317 -13.19 -15.07 -9.26
CA TYR A 317 -13.99 -16.26 -9.53
C TYR A 317 -15.47 -15.97 -9.27
N VAL A 318 -15.81 -15.60 -8.03
CA VAL A 318 -17.18 -15.22 -7.67
C VAL A 318 -17.64 -13.97 -8.43
N GLN A 319 -16.71 -13.06 -8.69
CA GLN A 319 -17.03 -11.86 -9.43
C GLN A 319 -17.58 -12.29 -10.80
N HIS A 320 -16.85 -13.16 -11.46
CA HIS A 320 -17.25 -13.63 -12.78
C HIS A 320 -18.56 -14.40 -12.73
N LEU A 321 -18.65 -15.30 -11.75
CA LEU A 321 -19.76 -16.24 -11.63
C LEU A 321 -21.07 -15.53 -11.28
N SER A 322 -20.97 -14.54 -10.39
CA SER A 322 -22.12 -13.71 -10.03
C SER A 322 -22.72 -12.92 -11.20
N GLY A 323 -21.89 -12.57 -12.18
CA GLY A 323 -22.35 -11.69 -13.26
C GLY A 323 -22.64 -10.27 -12.81
N TYR A 324 -22.16 -9.91 -11.62
CA TYR A 324 -22.49 -8.61 -11.05
C TYR A 324 -21.55 -7.53 -11.58
N HIS A 325 -22.11 -6.33 -11.76
CA HIS A 325 -21.33 -5.14 -12.09
C HIS A 325 -20.72 -4.51 -10.84
N PHE A 326 -21.35 -4.71 -9.68
CA PHE A 326 -20.74 -4.33 -8.41
C PHE A 326 -19.42 -5.11 -8.24
N LYS A 327 -18.37 -4.41 -7.82
CA LYS A 327 -17.04 -5.00 -7.68
C LYS A 327 -16.83 -5.53 -6.26
N LEU A 328 -16.79 -6.85 -6.14
CA LEU A 328 -16.68 -7.52 -4.83
C LEU A 328 -15.30 -7.31 -4.27
N LYS A 329 -15.15 -7.48 -2.97
CA LYS A 329 -13.88 -7.15 -2.31
C LYS A 329 -13.58 -8.14 -1.22
N PHE A 330 -12.35 -8.63 -1.23
CA PHE A 330 -11.82 -9.43 -0.14
C PHE A 330 -11.22 -8.46 0.84
N ASP A 331 -11.93 -8.25 1.95
CA ASP A 331 -11.46 -7.37 3.00
C ASP A 331 -11.98 -7.80 4.37
N PRO A 332 -11.20 -8.64 5.08
CA PRO A 332 -11.51 -9.08 6.44
C PRO A 332 -11.91 -7.95 7.40
N GLU A 333 -11.27 -6.77 7.24
CA GLU A 333 -11.63 -5.59 8.05
C GLU A 333 -13.14 -5.32 8.06
N LEU A 334 -13.82 -5.69 6.97
CA LEU A 334 -15.27 -5.45 6.88
C LEU A 334 -16.07 -6.14 7.96
N LEU A 335 -15.55 -7.22 8.54
CA LEU A 335 -16.32 -7.98 9.52
C LEU A 335 -15.99 -7.66 10.97
N PHE A 336 -14.89 -6.93 11.21
CA PHE A 336 -14.37 -6.68 12.57
C PHE A 336 -15.35 -6.00 13.55
N ASN A 337 -16.29 -5.20 13.04
CA ASN A 337 -17.29 -4.54 13.91
C ASN A 337 -18.66 -5.21 13.78
N GLN A 338 -18.66 -6.39 13.17
CA GLN A 338 -19.88 -7.13 12.93
C GLN A 338 -19.77 -8.44 13.71
N GLN A 339 -20.90 -9.11 13.88
CA GLN A 339 -20.92 -10.44 14.50
C GLN A 339 -20.65 -11.47 13.44
N PHE A 340 -19.68 -12.35 13.71
CA PHE A 340 -19.25 -13.33 12.74
C PHE A 340 -18.35 -14.35 13.40
N GLN A 341 -18.64 -15.63 13.14
CA GLN A 341 -17.89 -16.75 13.68
C GLN A 341 -16.79 -17.16 12.71
N TYR A 342 -15.54 -17.03 13.15
CA TYR A 342 -14.39 -17.45 12.33
C TYR A 342 -14.22 -18.96 12.47
N GLN A 343 -15.15 -19.70 11.87
CA GLN A 343 -15.05 -21.15 11.76
C GLN A 343 -15.99 -21.61 10.66
N ASN A 344 -15.76 -22.82 10.20
CA ASN A 344 -16.61 -23.39 9.18
C ASN A 344 -16.59 -24.91 9.25
N ARG A 345 -17.72 -25.51 8.90
CA ARG A 345 -17.86 -26.94 8.74
C ARG A 345 -18.52 -27.13 7.37
N ILE A 346 -17.91 -27.97 6.53
CA ILE A 346 -18.35 -28.15 5.15
C ILE A 346 -19.63 -28.95 5.10
N ALA A 347 -20.62 -28.41 4.40
CA ALA A 347 -21.94 -29.07 4.31
C ALA A 347 -21.99 -30.13 3.21
N SER A 348 -22.74 -31.20 3.45
CA SER A 348 -23.03 -32.18 2.39
C SER A 348 -23.74 -31.55 1.17
N GLU A 349 -24.67 -30.63 1.41
CA GLU A 349 -25.46 -30.03 0.33
C GLU A 349 -24.61 -29.10 -0.56
N PHE A 350 -23.61 -28.47 0.05
CA PHE A 350 -22.64 -27.65 -0.70
C PHE A 350 -21.83 -28.51 -1.67
N ASN A 351 -21.39 -29.66 -1.19
CA ASN A 351 -20.73 -30.64 -2.02
C ASN A 351 -21.65 -31.03 -3.17
N THR A 352 -22.91 -31.31 -2.84
CA THR A 352 -23.85 -31.74 -3.86
C THR A 352 -24.11 -30.66 -4.91
N LEU A 353 -24.35 -29.42 -4.49
CA LEU A 353 -24.65 -28.37 -5.46
C LEU A 353 -23.45 -28.02 -6.36
N TYR A 354 -22.25 -28.27 -5.86
CA TYR A 354 -21.01 -28.00 -6.58
C TYR A 354 -20.62 -29.07 -7.62
N HIS A 355 -21.46 -30.08 -7.85
CA HIS A 355 -21.23 -31.02 -8.95
C HIS A 355 -21.57 -30.36 -10.29
N TRP A 356 -20.64 -29.53 -10.77
CA TRP A 356 -20.84 -28.74 -11.99
C TRP A 356 -20.23 -29.36 -13.25
N HIS A 357 -20.43 -30.66 -13.42
CA HIS A 357 -19.87 -31.37 -14.56
C HIS A 357 -20.44 -30.90 -15.92
N PRO A 358 -21.63 -30.26 -15.93
CA PRO A 358 -22.03 -29.70 -17.22
C PRO A 358 -21.05 -28.68 -17.83
N LEU A 359 -20.17 -28.12 -16.99
CA LEU A 359 -19.08 -27.25 -17.44
C LEU A 359 -18.13 -27.92 -18.42
N LEU A 360 -17.93 -29.23 -18.28
CA LEU A 360 -16.97 -29.94 -19.12
C LEU A 360 -17.45 -30.02 -20.58
N PRO A 361 -16.54 -29.78 -21.53
CA PRO A 361 -16.87 -29.92 -22.94
C PRO A 361 -16.81 -31.38 -23.38
N ASP A 362 -17.13 -31.64 -24.63
CA ASP A 362 -17.09 -33.01 -25.13
C ASP A 362 -15.65 -33.44 -25.44
N THR A 363 -14.82 -32.46 -25.77
CA THR A 363 -13.40 -32.68 -26.05
C THR A 363 -12.63 -31.52 -25.45
N PHE A 364 -11.40 -31.78 -25.01
CA PHE A 364 -10.56 -30.73 -24.43
C PHE A 364 -9.58 -30.30 -25.51
N ASN A 365 -9.64 -29.00 -25.85
CA ASN A 365 -8.92 -28.47 -27.01
C ASN A 365 -7.69 -27.71 -26.59
N ILE A 366 -6.52 -28.28 -26.87
CA ILE A 366 -5.23 -27.66 -26.53
C ILE A 366 -4.35 -27.53 -27.78
N GLU A 367 -3.92 -26.30 -28.07
CA GLU A 367 -3.18 -26.03 -29.28
C GLU A 367 -4.05 -26.56 -30.45
N ASP A 368 -3.53 -27.44 -31.31
CA ASP A 368 -4.30 -27.98 -32.43
C ASP A 368 -4.89 -29.39 -32.21
N GLN A 369 -4.79 -29.90 -30.99
CA GLN A 369 -5.29 -31.25 -30.69
C GLN A 369 -6.67 -31.16 -30.03
N GLU A 370 -7.55 -32.10 -30.37
CA GLU A 370 -8.84 -32.27 -29.71
C GLU A 370 -8.83 -33.60 -28.98
N TYR A 371 -8.64 -33.57 -27.66
CA TYR A 371 -8.58 -34.78 -26.85
C TYR A 371 -9.95 -35.19 -26.31
N SER A 372 -10.33 -36.44 -26.58
CA SER A 372 -11.50 -37.05 -25.92
C SER A 372 -11.24 -37.24 -24.43
N PHE A 373 -12.26 -37.60 -23.67
CA PHE A 373 -12.08 -37.89 -22.26
C PHE A 373 -11.07 -39.01 -22.06
N LYS A 374 -11.27 -40.11 -22.76
CA LYS A 374 -10.36 -41.25 -22.67
C LYS A 374 -8.89 -40.81 -22.85
N GLN A 375 -8.64 -40.02 -23.89
CA GLN A 375 -7.29 -39.52 -24.18
C GLN A 375 -6.77 -38.55 -23.13
N PHE A 376 -7.67 -37.82 -22.49
CA PHE A 376 -7.31 -36.76 -21.56
C PHE A 376 -7.10 -37.26 -20.14
N LEU A 377 -7.90 -38.23 -19.70
CA LEU A 377 -7.83 -38.71 -18.31
C LEU A 377 -6.48 -39.37 -17.99
N TYR A 378 -5.99 -39.08 -16.79
CA TYR A 378 -4.70 -39.56 -16.30
C TYR A 378 -3.61 -39.53 -17.39
N ASN A 379 -3.48 -38.39 -18.08
CA ASN A 379 -2.49 -38.27 -19.14
C ASN A 379 -1.68 -36.99 -19.02
N ASN A 380 -0.67 -37.04 -18.16
CA ASN A 380 0.21 -35.90 -17.96
C ASN A 380 1.21 -35.66 -19.10
N SER A 381 1.37 -36.64 -20.00
CA SER A 381 2.16 -36.46 -21.23
C SER A 381 1.67 -35.26 -21.99
N ILE A 382 0.35 -35.08 -22.02
CA ILE A 382 -0.30 -33.95 -22.68
C ILE A 382 0.22 -32.63 -22.12
N LEU A 383 0.42 -32.58 -20.81
CA LEU A 383 0.85 -31.36 -20.12
C LEU A 383 2.30 -31.06 -20.44
N LEU A 384 3.15 -32.09 -20.42
CA LEU A 384 4.57 -31.93 -20.71
C LEU A 384 4.83 -31.65 -22.18
N GLU A 385 3.94 -32.14 -23.04
CA GLU A 385 4.11 -32.00 -24.48
C GLU A 385 3.79 -30.57 -24.90
N HIS A 386 2.66 -30.07 -24.41
CA HIS A 386 2.21 -28.74 -24.78
C HIS A 386 2.85 -27.68 -23.90
N GLY A 387 2.95 -27.95 -22.60
CA GLY A 387 3.52 -27.02 -21.65
C GLY A 387 2.46 -26.14 -21.02
N LEU A 388 2.82 -25.50 -19.91
CA LEU A 388 1.91 -24.64 -19.17
C LEU A 388 1.40 -23.41 -19.93
N THR A 389 2.28 -22.74 -20.66
CA THR A 389 1.90 -21.56 -21.43
C THR A 389 0.79 -21.91 -22.41
N GLN A 390 0.97 -22.99 -23.15
CA GLN A 390 -0.04 -23.42 -24.13
C GLN A 390 -1.35 -23.88 -23.48
N PHE A 391 -1.25 -24.54 -22.33
CA PHE A 391 -2.43 -24.90 -21.55
C PHE A 391 -3.27 -23.69 -21.17
N VAL A 392 -2.61 -22.64 -20.68
CA VAL A 392 -3.32 -21.45 -20.24
C VAL A 392 -3.98 -20.77 -21.44
N GLU A 393 -3.20 -20.58 -22.49
CA GLU A 393 -3.70 -19.99 -23.73
C GLU A 393 -4.90 -20.76 -24.28
N SER A 394 -4.79 -22.08 -24.31
CA SER A 394 -5.85 -22.93 -24.86
C SER A 394 -7.11 -22.94 -24.00
N PHE A 395 -6.93 -23.21 -22.71
CA PHE A 395 -8.04 -23.22 -21.78
C PHE A 395 -8.72 -21.88 -21.60
N THR A 396 -7.99 -20.79 -21.85
CA THR A 396 -8.55 -19.45 -21.77
C THR A 396 -9.54 -19.23 -22.92
N ARG A 397 -9.24 -19.87 -24.05
CA ARG A 397 -10.03 -19.73 -25.29
C ARG A 397 -11.23 -20.68 -25.38
N GLN A 398 -11.23 -21.77 -24.63
CA GLN A 398 -12.29 -22.79 -24.77
C GLN A 398 -13.42 -22.58 -23.77
N ILE A 399 -14.64 -22.40 -24.29
CA ILE A 399 -15.81 -22.15 -23.47
C ILE A 399 -16.31 -23.42 -22.77
N ALA A 400 -16.88 -23.21 -21.59
CA ALA A 400 -17.42 -24.28 -20.77
C ALA A 400 -18.92 -24.37 -20.99
N GLY A 401 -19.53 -25.43 -20.46
CA GLY A 401 -20.97 -25.63 -20.62
C GLY A 401 -21.76 -24.84 -19.62
N ARG A 402 -23.00 -24.50 -19.98
CA ARG A 402 -23.98 -24.00 -19.01
C ARG A 402 -24.39 -25.11 -18.02
N VAL A 403 -24.61 -24.73 -16.75
CA VAL A 403 -24.89 -25.72 -15.70
C VAL A 403 -26.40 -25.92 -15.45
N ALA A 404 -27.13 -24.82 -15.23
CA ALA A 404 -28.58 -24.92 -15.14
C ALA A 404 -29.17 -25.05 -16.55
N GLY A 405 -30.49 -25.14 -16.67
CA GLY A 405 -31.14 -25.14 -17.99
C GLY A 405 -31.43 -26.52 -18.55
N GLY A 406 -30.75 -27.54 -18.01
CA GLY A 406 -31.06 -28.92 -18.30
C GLY A 406 -30.22 -29.52 -19.41
N ARG A 407 -30.16 -30.84 -19.44
CA ARG A 407 -29.61 -31.61 -20.55
C ARG A 407 -28.22 -31.15 -20.99
N ASN A 408 -27.33 -30.96 -20.03
CA ASN A 408 -25.96 -30.62 -20.37
C ASN A 408 -24.89 -31.37 -19.59
N VAL A 409 -25.24 -32.49 -18.97
CA VAL A 409 -24.26 -33.34 -18.32
C VAL A 409 -23.58 -34.22 -19.38
N PRO A 410 -22.25 -34.15 -19.51
CA PRO A 410 -21.57 -34.95 -20.52
C PRO A 410 -21.75 -36.45 -20.31
N ILE A 411 -21.92 -37.19 -21.38
CA ILE A 411 -22.24 -38.62 -21.25
C ILE A 411 -21.06 -39.39 -20.67
N ALA A 412 -19.84 -38.89 -20.88
CA ALA A 412 -18.64 -39.57 -20.36
C ALA A 412 -18.61 -39.62 -18.84
N VAL A 413 -19.45 -38.80 -18.21
CA VAL A 413 -19.46 -38.74 -16.77
C VAL A 413 -20.87 -39.04 -16.22
N GLN A 414 -21.68 -39.79 -16.98
CA GLN A 414 -23.04 -40.13 -16.53
C GLN A 414 -23.07 -40.94 -15.21
N ALA A 415 -22.07 -41.78 -14.98
CA ALA A 415 -22.04 -42.59 -13.76
C ALA A 415 -21.85 -41.70 -12.52
N VAL A 416 -21.13 -40.60 -12.67
CA VAL A 416 -21.01 -39.60 -11.61
C VAL A 416 -22.33 -38.88 -11.36
N ALA A 417 -23.06 -38.55 -12.42
CA ALA A 417 -24.34 -37.85 -12.28
C ALA A 417 -25.38 -38.76 -11.64
N LYS A 418 -25.42 -40.02 -12.05
CA LYS A 418 -26.32 -40.97 -11.41
C LYS A 418 -25.99 -41.12 -9.92
N ALA A 419 -24.70 -41.13 -9.59
CA ALA A 419 -24.25 -41.30 -8.20
C ALA A 419 -24.70 -40.14 -7.31
N SER A 420 -24.61 -38.92 -7.84
CA SER A 420 -25.02 -37.76 -7.08
C SER A 420 -26.47 -37.91 -6.66
N ILE A 421 -27.32 -38.36 -7.59
CA ILE A 421 -28.72 -38.65 -7.29
C ILE A 421 -28.84 -39.76 -6.24
N ASP A 422 -28.19 -40.89 -6.50
CA ASP A 422 -28.30 -42.06 -5.64
C ASP A 422 -27.76 -41.83 -4.23
N GLN A 423 -26.73 -41.01 -4.09
CA GLN A 423 -26.13 -40.73 -2.79
C GLN A 423 -26.96 -39.75 -1.98
N SER A 424 -27.54 -38.76 -2.65
CA SER A 424 -28.44 -37.83 -2.01
C SER A 424 -29.55 -38.58 -1.29
N ARG A 425 -30.11 -39.56 -2.01
CA ARG A 425 -31.15 -40.45 -1.46
C ARG A 425 -30.63 -41.31 -0.32
N GLU A 426 -29.48 -41.92 -0.50
CA GLU A 426 -28.86 -42.70 0.56
C GLU A 426 -28.67 -41.83 1.82
N MET A 427 -28.21 -40.59 1.64
CA MET A 427 -28.05 -39.62 2.73
C MET A 427 -29.38 -39.01 3.26
N LYS A 428 -30.50 -39.43 2.68
CA LYS A 428 -31.84 -39.03 3.13
C LYS A 428 -32.08 -37.52 3.08
N TYR A 429 -31.68 -36.91 1.96
CA TYR A 429 -31.94 -35.52 1.68
C TYR A 429 -33.45 -35.19 1.67
N GLN A 430 -33.80 -34.06 2.26
CA GLN A 430 -35.13 -33.46 2.06
C GLN A 430 -35.30 -32.94 0.62
N SER A 431 -36.51 -32.52 0.29
CA SER A 431 -36.86 -32.14 -1.07
C SER A 431 -36.29 -30.81 -1.45
N LEU A 432 -36.33 -30.53 -2.75
CA LEU A 432 -35.97 -29.23 -3.30
C LEU A 432 -36.68 -28.10 -2.59
N ASN A 433 -37.99 -28.25 -2.41
CA ASN A 433 -38.77 -27.16 -1.82
C ASN A 433 -38.46 -26.91 -0.35
N GLU A 434 -38.09 -27.97 0.39
CA GLU A 434 -37.63 -27.79 1.77
C GLU A 434 -36.34 -26.98 1.78
N TYR A 435 -35.40 -27.34 0.91
CA TYR A 435 -34.16 -26.56 0.80
C TYR A 435 -34.40 -25.11 0.38
N ARG A 436 -35.30 -24.90 -0.59
CA ARG A 436 -35.69 -23.52 -0.92
C ARG A 436 -36.18 -22.77 0.32
N LYS A 437 -37.11 -23.35 1.08
CA LYS A 437 -37.60 -22.70 2.31
C LYS A 437 -36.44 -22.39 3.27
N ARG A 438 -35.64 -23.43 3.55
CA ARG A 438 -34.47 -23.31 4.41
C ARG A 438 -33.67 -22.03 4.09
N PHE A 439 -33.60 -21.68 2.80
CA PHE A 439 -32.82 -20.53 2.33
C PHE A 439 -33.68 -19.37 1.84
N SER A 440 -34.84 -19.18 2.47
CA SER A 440 -35.70 -17.99 2.31
C SER A 440 -36.23 -17.81 0.90
N LEU A 441 -36.50 -18.93 0.25
CA LEU A 441 -37.03 -18.91 -1.10
C LEU A 441 -38.47 -19.42 -1.10
N LYS A 442 -39.23 -18.99 -2.10
CA LYS A 442 -40.61 -19.40 -2.28
C LYS A 442 -40.62 -20.81 -2.90
N PRO A 443 -41.40 -21.74 -2.34
CA PRO A 443 -41.49 -23.07 -2.97
C PRO A 443 -42.07 -23.05 -4.39
N TYR A 444 -41.46 -23.80 -5.30
CA TYR A 444 -42.02 -23.99 -6.65
C TYR A 444 -43.34 -24.72 -6.60
N THR A 445 -44.30 -24.26 -7.41
CA THR A 445 -45.67 -24.80 -7.42
C THR A 445 -45.96 -25.65 -8.64
N SER A 446 -44.98 -25.82 -9.50
CA SER A 446 -45.08 -26.75 -10.60
C SER A 446 -43.68 -27.00 -11.17
N PHE A 447 -43.58 -28.06 -11.97
CA PHE A 447 -42.34 -28.35 -12.69
C PHE A 447 -42.06 -27.31 -13.78
N GLU A 448 -43.11 -26.70 -14.33
CA GLU A 448 -42.94 -25.64 -15.34
C GLU A 448 -42.36 -24.35 -14.73
N GLU A 449 -42.75 -24.03 -13.50
CA GLU A 449 -42.11 -22.92 -12.76
C GLU A 449 -40.64 -23.21 -12.53
N LEU A 450 -40.33 -24.47 -12.21
CA LEU A 450 -38.96 -24.89 -11.95
C LEU A 450 -38.08 -24.74 -13.18
N THR A 451 -38.56 -25.27 -14.30
CA THR A 451 -37.77 -25.37 -15.53
C THR A 451 -37.90 -24.14 -16.43
N GLY A 452 -39.04 -23.47 -16.35
CA GLY A 452 -39.36 -22.36 -17.27
C GLY A 452 -39.76 -22.79 -18.68
N GLU A 453 -39.91 -24.11 -18.88
CA GLU A 453 -40.29 -24.66 -20.18
C GLU A 453 -41.26 -25.81 -19.94
N LYS A 454 -41.63 -26.53 -21.00
CA LYS A 454 -42.69 -27.53 -20.92
C LYS A 454 -42.23 -28.99 -21.06
N GLU A 455 -41.25 -29.24 -21.93
CA GLU A 455 -40.85 -30.60 -22.28
C GLU A 455 -40.22 -31.37 -21.11
N MET A 456 -39.17 -30.78 -20.52
CA MET A 456 -38.52 -31.40 -19.37
C MET A 456 -39.47 -31.40 -18.18
N ALA A 457 -40.24 -30.32 -18.03
CA ALA A 457 -41.19 -30.22 -16.94
C ALA A 457 -42.15 -31.43 -16.97
N ALA A 458 -42.69 -31.73 -18.15
CA ALA A 458 -43.63 -32.84 -18.32
C ALA A 458 -42.96 -34.19 -18.04
N GLU A 459 -41.77 -34.40 -18.60
CA GLU A 459 -40.96 -35.56 -18.24
C GLU A 459 -40.83 -35.70 -16.71
N LEU A 460 -40.52 -34.59 -16.05
CA LEU A 460 -40.35 -34.57 -14.59
C LEU A 460 -41.66 -34.82 -13.84
N LYS A 461 -42.78 -34.35 -14.39
CA LYS A 461 -44.07 -34.50 -13.71
C LYS A 461 -44.60 -35.95 -13.75
N ALA A 462 -44.33 -36.65 -14.85
CA ALA A 462 -44.67 -38.07 -14.97
C ALA A 462 -43.86 -38.90 -13.99
N LEU A 463 -42.61 -38.49 -13.74
CA LEU A 463 -41.71 -39.25 -12.88
C LEU A 463 -41.97 -39.05 -11.40
N TYR A 464 -42.12 -37.79 -10.97
CA TYR A 464 -42.22 -37.42 -9.56
C TYR A 464 -43.64 -37.15 -9.04
N SER A 465 -44.58 -36.85 -9.96
CA SER A 465 -45.97 -36.50 -9.63
C SER A 465 -46.13 -35.14 -8.94
N ASP A 466 -45.54 -34.99 -7.75
CA ASP A 466 -45.68 -33.78 -6.96
C ASP A 466 -44.40 -32.95 -7.07
N ILE A 467 -44.54 -31.63 -7.19
CA ILE A 467 -43.41 -30.71 -7.18
C ILE A 467 -42.68 -30.78 -5.83
N ASP A 468 -43.44 -31.07 -4.77
CA ASP A 468 -42.88 -31.17 -3.41
C ASP A 468 -42.02 -32.43 -3.18
N VAL A 469 -42.07 -33.37 -4.11
CA VAL A 469 -41.27 -34.60 -4.06
C VAL A 469 -39.94 -34.44 -4.82
N MET A 470 -39.85 -33.41 -5.66
CA MET A 470 -38.67 -33.16 -6.49
C MET A 470 -37.40 -33.00 -5.66
N GLU A 471 -36.28 -33.52 -6.19
CA GLU A 471 -35.00 -33.62 -5.47
C GLU A 471 -34.10 -32.43 -5.77
N LEU A 472 -33.26 -32.10 -4.79
CA LEU A 472 -32.37 -30.96 -4.90
C LEU A 472 -31.46 -31.03 -6.11
N TYR A 473 -30.70 -32.13 -6.24
CA TYR A 473 -29.60 -32.17 -7.22
C TYR A 473 -30.04 -32.07 -8.69
N PRO A 474 -31.01 -32.91 -9.12
CA PRO A 474 -31.53 -32.77 -10.48
C PRO A 474 -32.16 -31.39 -10.73
N ALA A 475 -32.92 -30.90 -9.77
CA ALA A 475 -33.53 -29.57 -9.85
C ALA A 475 -32.51 -28.47 -10.18
N LEU A 476 -31.34 -28.50 -9.53
CA LEU A 476 -30.31 -27.48 -9.77
C LEU A 476 -29.82 -27.47 -11.22
N LEU A 477 -29.70 -28.65 -11.82
CA LEU A 477 -29.21 -28.81 -13.18
C LEU A 477 -30.29 -28.70 -14.27
N VAL A 478 -31.57 -28.71 -13.88
CA VAL A 478 -32.66 -28.42 -14.81
C VAL A 478 -33.25 -27.01 -14.62
N GLU A 479 -32.87 -26.30 -13.58
CA GLU A 479 -33.58 -25.06 -13.20
C GLU A 479 -33.51 -24.00 -14.29
N LYS A 480 -34.60 -23.25 -14.45
CA LYS A 480 -34.63 -22.06 -15.30
C LYS A 480 -33.44 -21.18 -14.93
N PRO A 481 -32.52 -20.94 -15.86
CA PRO A 481 -31.45 -20.02 -15.53
C PRO A 481 -31.94 -18.59 -15.45
N ARG A 482 -31.16 -17.75 -14.78
CA ARG A 482 -31.36 -16.32 -14.86
C ARG A 482 -31.07 -15.92 -16.31
N PRO A 483 -31.54 -14.74 -16.73
CA PRO A 483 -31.37 -14.37 -18.13
C PRO A 483 -29.90 -14.37 -18.52
N ASP A 484 -29.55 -15.26 -19.45
CA ASP A 484 -28.17 -15.41 -19.95
C ASP A 484 -27.19 -15.77 -18.83
N ALA A 485 -27.69 -16.43 -17.79
CA ALA A 485 -26.85 -16.82 -16.67
C ALA A 485 -26.52 -18.31 -16.73
N ILE A 486 -25.42 -18.67 -16.09
CA ILE A 486 -25.00 -20.06 -15.98
C ILE A 486 -25.87 -20.87 -14.98
N PHE A 487 -26.42 -20.18 -13.98
CA PHE A 487 -27.16 -20.82 -12.88
C PHE A 487 -28.56 -20.28 -12.73
N GLY A 488 -29.41 -21.09 -12.09
CA GLY A 488 -30.71 -20.64 -11.65
C GLY A 488 -30.63 -20.11 -10.23
N GLU A 489 -31.78 -19.64 -9.74
CA GLU A 489 -31.93 -19.05 -8.39
C GLU A 489 -31.42 -19.93 -7.26
N THR A 490 -31.85 -21.18 -7.25
CA THR A 490 -31.56 -22.07 -6.11
C THR A 490 -30.07 -22.29 -5.91
N MET A 491 -29.34 -22.46 -7.02
CA MET A 491 -27.89 -22.64 -6.95
C MET A 491 -27.19 -21.45 -6.30
N VAL A 492 -27.56 -20.24 -6.69
CA VAL A 492 -26.96 -19.03 -6.14
C VAL A 492 -27.34 -18.81 -4.70
N GLU A 493 -28.62 -18.97 -4.40
CA GLU A 493 -29.11 -18.69 -3.06
C GLU A 493 -28.68 -19.69 -2.00
N LEU A 494 -28.45 -20.96 -2.36
CA LEU A 494 -27.85 -21.89 -1.40
C LEU A 494 -26.33 -21.77 -1.44
N GLY A 495 -25.78 -21.58 -2.62
CA GLY A 495 -24.35 -21.65 -2.84
C GLY A 495 -23.56 -20.46 -2.31
N ALA A 496 -24.16 -19.29 -2.32
CA ALA A 496 -23.48 -18.07 -1.87
C ALA A 496 -23.22 -18.10 -0.36
N PRO A 497 -24.24 -18.45 0.44
CA PRO A 497 -24.02 -18.56 1.88
C PRO A 497 -22.92 -19.57 2.27
N PHE A 498 -22.94 -20.75 1.68
CA PHE A 498 -21.90 -21.76 1.94
C PHE A 498 -20.53 -21.25 1.52
N SER A 499 -20.46 -20.67 0.33
CA SER A 499 -19.19 -20.22 -0.22
C SER A 499 -18.52 -19.13 0.64
N LEU A 500 -19.25 -18.06 0.94
CA LEU A 500 -18.66 -16.91 1.61
C LEU A 500 -18.31 -17.17 3.08
N LYS A 501 -19.05 -18.06 3.73
CA LYS A 501 -18.73 -18.47 5.09
C LYS A 501 -17.44 -19.26 5.12
N GLY A 502 -17.27 -20.18 4.17
CA GLY A 502 -16.01 -20.94 4.03
C GLY A 502 -14.81 -20.05 3.80
N LEU A 503 -14.98 -19.03 2.96
CA LEU A 503 -13.92 -18.05 2.66
C LEU A 503 -13.58 -17.16 3.85
N MET A 504 -14.60 -16.49 4.38
CA MET A 504 -14.35 -15.51 5.44
C MET A 504 -14.17 -16.18 6.81
N GLY A 505 -14.64 -17.41 6.96
CA GLY A 505 -14.49 -18.14 8.23
C GLY A 505 -13.06 -18.56 8.52
N ASN A 506 -12.20 -18.52 7.51
CA ASN A 506 -10.80 -18.90 7.68
C ASN A 506 -10.12 -18.04 8.78
N PRO A 507 -9.23 -18.63 9.60
CA PRO A 507 -8.67 -17.83 10.69
C PRO A 507 -7.75 -16.71 10.25
N ILE A 508 -7.17 -16.78 9.05
CA ILE A 508 -6.33 -15.67 8.60
C ILE A 508 -7.15 -14.38 8.44
N CYS A 509 -8.48 -14.49 8.42
CA CYS A 509 -9.39 -13.37 8.33
C CYS A 509 -9.76 -12.75 9.68
N SER A 510 -9.39 -13.42 10.77
CA SER A 510 -9.70 -12.95 12.12
C SER A 510 -8.78 -11.79 12.50
N PRO A 511 -9.26 -10.88 13.37
CA PRO A 511 -8.48 -9.72 13.80
C PRO A 511 -7.02 -10.01 14.17
N GLN A 512 -6.75 -11.06 14.92
CA GLN A 512 -5.37 -11.29 15.36
C GLN A 512 -4.45 -11.88 14.29
N TYR A 513 -5.02 -12.50 13.25
CA TYR A 513 -4.21 -12.99 12.13
C TYR A 513 -4.01 -11.95 11.01
N TRP A 514 -5.00 -11.09 10.78
CA TRP A 514 -4.99 -10.20 9.61
C TRP A 514 -4.23 -8.92 9.87
N LYS A 515 -2.92 -9.05 9.88
CA LYS A 515 -2.03 -7.91 10.05
C LYS A 515 -0.70 -8.23 9.33
N PRO A 516 0.13 -7.22 9.07
CA PRO A 516 1.28 -7.50 8.23
C PRO A 516 2.20 -8.61 8.79
N SER A 517 2.42 -8.60 10.10
CA SER A 517 3.41 -9.50 10.72
C SER A 517 3.13 -10.98 10.48
N THR A 518 1.85 -11.33 10.33
CA THR A 518 1.45 -12.72 10.08
C THR A 518 2.02 -13.27 8.78
N PHE A 519 2.18 -12.38 7.80
CA PHE A 519 2.64 -12.75 6.48
C PHE A 519 4.07 -12.28 6.20
N GLY A 520 4.88 -12.14 7.24
CA GLY A 520 6.28 -11.75 7.11
C GLY A 520 6.53 -10.28 6.78
N GLY A 521 5.56 -9.42 7.06
CA GLY A 521 5.70 -7.99 6.81
C GLY A 521 4.83 -7.49 5.65
N GLU A 522 4.95 -6.21 5.35
CA GLU A 522 4.08 -5.56 4.35
C GLU A 522 4.23 -6.16 2.95
N VAL A 523 5.42 -6.65 2.63
CA VAL A 523 5.72 -7.22 1.33
C VAL A 523 4.91 -8.50 1.08
N GLY A 524 4.85 -9.38 2.07
CA GLY A 524 4.01 -10.58 1.98
C GLY A 524 2.54 -10.25 2.09
N PHE A 525 2.20 -9.25 2.92
CA PHE A 525 0.82 -8.81 3.05
C PHE A 525 0.33 -8.28 1.68
N LYS A 526 1.19 -7.53 1.01
CA LYS A 526 0.92 -7.02 -0.34
C LYS A 526 0.70 -8.12 -1.40
N ILE A 527 1.34 -9.28 -1.22
CA ILE A 527 1.17 -10.40 -2.18
C ILE A 527 -0.26 -10.90 -2.15
N ILE A 528 -0.85 -10.93 -0.95
CA ILE A 528 -2.24 -11.33 -0.79
C ILE A 528 -3.15 -10.29 -1.43
N ASN A 529 -3.00 -9.05 -0.96
CA ASN A 529 -3.92 -7.99 -1.29
C ASN A 529 -3.85 -7.46 -2.74
N THR A 530 -2.90 -7.94 -3.53
CA THR A 530 -2.87 -7.64 -4.97
C THR A 530 -2.99 -8.89 -5.85
N ALA A 531 -3.33 -10.03 -5.26
CA ALA A 531 -3.40 -11.27 -6.02
C ALA A 531 -4.55 -11.18 -7.00
N SER A 532 -4.41 -11.89 -8.13
CA SER A 532 -5.47 -12.03 -9.10
C SER A 532 -5.15 -13.25 -9.91
N ILE A 533 -6.14 -13.89 -10.50
CA ILE A 533 -5.87 -15.02 -11.39
C ILE A 533 -4.85 -14.60 -12.47
N GLN A 534 -4.96 -13.39 -13.02
CA GLN A 534 -3.97 -12.96 -14.03
C GLN A 534 -2.54 -12.93 -13.47
N SER A 535 -2.38 -12.38 -12.27
CA SER A 535 -1.03 -12.24 -11.71
C SER A 535 -0.48 -13.60 -11.25
N LEU A 536 -1.36 -14.49 -10.81
CA LEU A 536 -0.94 -15.86 -10.49
C LEU A 536 -0.29 -16.52 -11.71
N ILE A 537 -0.93 -16.35 -12.88
CA ILE A 537 -0.37 -16.91 -14.12
C ILE A 537 0.86 -16.13 -14.60
N CYS A 538 0.82 -14.82 -14.50
CA CYS A 538 1.92 -13.97 -15.00
C CYS A 538 3.25 -14.19 -14.25
N ASN A 539 3.19 -14.36 -12.94
CA ASN A 539 4.39 -14.58 -12.13
C ASN A 539 4.99 -15.98 -12.26
N ASN A 540 4.21 -16.92 -12.79
CA ASN A 540 4.56 -18.34 -12.71
C ASN A 540 4.56 -19.09 -14.02
N VAL A 541 4.02 -18.49 -15.08
CA VAL A 541 4.01 -19.13 -16.40
C VAL A 541 4.84 -18.34 -17.40
N LYS A 542 5.69 -19.04 -18.13
CA LYS A 542 6.61 -18.40 -19.07
C LYS A 542 5.82 -17.59 -20.10
N GLY A 543 6.28 -16.37 -20.35
CA GLY A 543 5.68 -15.47 -21.34
C GLY A 543 4.50 -14.63 -20.85
N CYS A 544 4.14 -14.80 -19.57
CA CYS A 544 3.02 -14.09 -18.96
C CYS A 544 1.81 -14.05 -19.89
N PRO A 545 1.27 -15.24 -20.26
CA PRO A 545 0.13 -15.33 -21.14
C PRO A 545 -1.08 -14.66 -20.54
N PHE A 546 -1.89 -14.02 -21.37
CA PHE A 546 -3.13 -13.44 -20.89
C PHE A 546 -4.06 -14.54 -20.41
N THR A 547 -4.75 -14.33 -19.28
CA THR A 547 -5.78 -15.27 -18.87
C THR A 547 -6.94 -14.58 -18.20
N SER A 548 -7.99 -15.34 -17.98
CA SER A 548 -9.24 -14.84 -17.48
C SER A 548 -10.13 -16.05 -17.23
N PHE A 549 -11.21 -15.86 -16.49
CA PHE A 549 -12.16 -16.93 -16.26
C PHE A 549 -13.22 -16.97 -17.36
N ASN A 550 -13.16 -16.02 -18.29
CA ASN A 550 -14.12 -15.97 -19.37
C ASN A 550 -13.49 -15.81 -20.74
N VAL A 551 -14.20 -16.30 -21.75
CA VAL A 551 -13.76 -16.28 -23.13
C VAL A 551 -13.76 -14.84 -23.64
N GLN A 552 -12.80 -14.52 -24.49
CA GLN A 552 -12.61 -13.13 -24.93
C GLN A 552 -13.30 -12.89 -26.27
N ALA B 1 20.74 -14.29 19.58
CA ALA B 1 20.97 -13.44 18.37
C ALA B 1 19.66 -13.04 17.68
N ASN B 2 18.62 -13.86 17.84
CA ASN B 2 17.27 -13.48 17.41
C ASN B 2 16.91 -12.12 18.03
N PRO B 3 16.71 -11.10 17.18
CA PRO B 3 16.52 -9.73 17.71
C PRO B 3 15.20 -9.49 18.46
N CYS B 4 14.28 -10.45 18.42
CA CYS B 4 13.05 -10.37 19.20
C CYS B 4 13.19 -11.06 20.58
N CYS B 5 14.42 -11.45 20.94
CA CYS B 5 14.66 -12.12 22.24
C CYS B 5 14.40 -11.22 23.44
N SER B 6 14.55 -9.90 23.29
CA SER B 6 14.31 -8.99 24.42
C SER B 6 12.81 -8.76 24.66
N ASN B 7 11.95 -9.33 23.81
CA ASN B 7 10.50 -9.11 23.88
C ASN B 7 10.19 -7.62 23.87
N PRO B 8 10.73 -6.89 22.88
CA PRO B 8 10.69 -5.43 22.85
C PRO B 8 9.32 -4.80 22.56
N CYS B 9 8.43 -5.50 21.85
CA CYS B 9 7.11 -4.95 21.53
C CYS B 9 6.18 -4.99 22.72
N GLN B 10 5.54 -3.86 23.01
CA GLN B 10 4.66 -3.71 24.15
C GLN B 10 3.20 -3.62 23.75
N ASN B 11 2.32 -3.84 24.72
CA ASN B 11 0.88 -3.70 24.54
C ASN B 11 0.31 -4.57 23.41
N ARG B 12 0.68 -5.85 23.41
CA ARG B 12 0.16 -6.85 22.45
C ARG B 12 0.61 -6.67 21.01
N GLY B 13 1.64 -5.86 20.81
CA GLY B 13 2.25 -5.72 19.49
C GLY B 13 3.09 -6.95 19.21
N GLU B 14 3.22 -7.28 17.94
CA GLU B 14 3.91 -8.50 17.54
C GLU B 14 5.28 -8.16 16.97
N CYS B 15 6.32 -8.85 17.47
CA CYS B 15 7.69 -8.65 17.02
C CYS B 15 8.02 -9.55 15.84
N MET B 16 8.84 -9.03 14.94
CA MET B 16 9.26 -9.76 13.75
C MET B 16 10.66 -9.29 13.40
N SER B 17 11.57 -10.23 13.17
CA SER B 17 12.91 -9.88 12.74
C SER B 17 12.87 -9.33 11.30
N THR B 18 13.60 -8.25 11.04
CA THR B 18 13.73 -7.68 9.69
C THR B 18 15.16 -7.80 9.15
N GLY B 19 15.96 -8.67 9.76
CA GLY B 19 17.36 -8.81 9.42
C GLY B 19 18.05 -9.54 10.56
N PHE B 20 19.30 -9.94 10.37
CA PHE B 20 20.00 -10.77 11.34
C PHE B 20 20.06 -10.17 12.75
N ASP B 21 20.02 -8.84 12.86
CA ASP B 21 20.00 -8.18 14.17
C ASP B 21 19.10 -6.93 14.29
N GLN B 22 18.01 -6.87 13.54
CA GLN B 22 17.01 -5.79 13.72
C GLN B 22 15.60 -6.37 13.73
N TYR B 23 14.68 -5.63 14.34
CA TYR B 23 13.29 -6.08 14.48
C TYR B 23 12.30 -5.01 14.07
N LYS B 24 11.04 -5.43 13.97
CA LYS B 24 9.93 -4.54 13.66
C LYS B 24 8.74 -4.97 14.52
N CYS B 25 8.06 -4.01 15.13
CA CYS B 25 6.85 -4.30 15.90
C CYS B 25 5.61 -3.99 15.08
N ASP B 26 4.68 -4.94 15.02
CA ASP B 26 3.40 -4.72 14.38
C ASP B 26 2.41 -4.23 15.43
N CYS B 27 2.07 -2.95 15.36
CA CYS B 27 1.22 -2.30 16.35
C CYS B 27 -0.24 -2.27 15.95
N THR B 28 -0.57 -2.94 14.85
CA THR B 28 -1.96 -3.04 14.35
C THR B 28 -2.97 -3.33 15.45
N ARG B 29 -3.95 -2.45 15.58
CA ARG B 29 -5.04 -2.59 16.55
C ARG B 29 -4.58 -2.77 18.02
N THR B 30 -3.38 -2.31 18.36
CA THR B 30 -2.93 -2.34 19.75
C THR B 30 -3.47 -1.13 20.49
N GLY B 31 -3.71 -0.05 19.74
CA GLY B 31 -4.09 1.24 20.33
C GLY B 31 -2.88 2.11 20.59
N PHE B 32 -1.69 1.60 20.25
CA PHE B 32 -0.45 2.31 20.39
C PHE B 32 0.29 2.32 19.05
N TYR B 33 1.20 3.27 18.90
CA TYR B 33 2.13 3.27 17.77
C TYR B 33 3.54 3.43 18.31
N GLY B 34 4.51 3.61 17.42
CA GLY B 34 5.91 3.79 17.82
C GLY B 34 6.72 2.52 17.63
N GLU B 35 8.02 2.64 17.83
CA GLU B 35 8.95 1.55 17.56
C GLU B 35 8.58 0.28 18.32
N ASN B 36 8.13 0.45 19.56
CA ASN B 36 7.87 -0.66 20.47
C ASN B 36 6.39 -0.76 20.86
N CYS B 37 5.53 -0.02 20.14
CA CYS B 37 4.09 0.07 20.43
C CYS B 37 3.84 0.56 21.85
N THR B 38 4.50 1.65 22.21
CA THR B 38 4.34 2.25 23.54
C THR B 38 3.82 3.69 23.49
N THR B 39 3.76 4.30 22.30
CA THR B 39 3.14 5.61 22.13
C THR B 39 1.64 5.44 21.92
N PRO B 40 0.82 5.86 22.89
CA PRO B 40 -0.62 5.63 22.81
C PRO B 40 -1.33 6.61 21.89
N GLU B 41 -2.46 6.17 21.34
CA GLU B 41 -3.35 7.05 20.58
C GLU B 41 -4.26 7.78 21.57
N PHE B 42 -4.77 8.93 21.15
CA PHE B 42 -5.53 9.81 22.05
C PHE B 42 -6.54 9.03 22.88
N LEU B 43 -7.41 8.27 22.22
CA LEU B 43 -8.47 7.54 22.91
C LEU B 43 -7.94 6.55 23.95
N THR B 44 -6.78 5.95 23.66
CA THR B 44 -6.13 5.03 24.60
C THR B 44 -5.67 5.75 25.87
N ARG B 45 -5.15 6.96 25.72
CA ARG B 45 -4.72 7.76 26.87
C ARG B 45 -5.87 7.96 27.84
N ILE B 46 -7.01 8.39 27.31
CA ILE B 46 -8.21 8.60 28.11
C ILE B 46 -8.66 7.29 28.75
N LYS B 47 -8.76 6.22 27.96
CA LYS B 47 -9.21 4.91 28.47
C LYS B 47 -8.35 4.41 29.65
N LEU B 48 -7.03 4.59 29.54
CA LEU B 48 -6.09 4.20 30.60
C LEU B 48 -6.15 5.10 31.85
N LEU B 49 -6.60 6.34 31.71
CA LEU B 49 -6.79 7.22 32.87
C LEU B 49 -8.08 6.90 33.64
N LEU B 50 -9.07 6.33 32.95
CA LEU B 50 -10.38 5.99 33.55
C LEU B 50 -10.52 4.50 33.89
N LYS B 51 -9.42 3.73 33.76
CA LYS B 51 -9.44 2.30 34.10
C LYS B 51 -8.95 2.14 35.53
N PRO B 52 -9.79 1.55 36.40
CA PRO B 52 -9.36 1.29 37.76
C PRO B 52 -8.48 0.05 37.78
N THR B 53 -7.64 -0.06 38.80
CA THR B 53 -6.79 -1.23 38.96
C THR B 53 -7.64 -2.48 39.30
N PRO B 54 -7.17 -3.68 38.90
CA PRO B 54 -7.81 -4.92 39.33
C PRO B 54 -8.05 -5.00 40.84
N ASN B 55 -7.08 -4.55 41.64
CA ASN B 55 -7.25 -4.54 43.10
C ASN B 55 -8.32 -3.55 43.56
N THR B 56 -8.45 -2.45 42.84
CA THR B 56 -9.53 -1.48 43.08
C THR B 56 -10.87 -2.15 42.82
N VAL B 57 -10.98 -2.85 41.69
CA VAL B 57 -12.19 -3.57 41.34
C VAL B 57 -12.51 -4.68 42.35
N HIS B 58 -11.50 -5.45 42.73
CA HIS B 58 -11.66 -6.52 43.74
C HIS B 58 -12.27 -6.02 45.03
N TYR B 59 -11.78 -4.87 45.52
CA TYR B 59 -12.30 -4.25 46.75
C TYR B 59 -13.80 -3.97 46.63
N ILE B 60 -14.20 -3.33 45.54
CA ILE B 60 -15.58 -2.90 45.36
C ILE B 60 -16.50 -4.11 45.24
N LEU B 61 -16.01 -5.13 44.55
CA LEU B 61 -16.74 -6.39 44.38
C LEU B 61 -16.83 -7.22 45.67
N THR B 62 -15.90 -7.03 46.60
CA THR B 62 -15.88 -7.81 47.85
C THR B 62 -16.35 -7.00 49.06
N HIS B 63 -16.81 -5.77 48.82
CA HIS B 63 -17.32 -4.91 49.89
C HIS B 63 -18.70 -4.35 49.49
N PHE B 64 -19.31 -3.56 50.36
CA PHE B 64 -20.59 -2.96 50.09
C PHE B 64 -21.63 -4.05 49.80
N LYS B 65 -21.77 -5.00 50.73
CA LYS B 65 -22.65 -6.14 50.53
C LYS B 65 -24.11 -5.73 50.33
N GLY B 66 -24.57 -4.73 51.08
CA GLY B 66 -25.94 -4.23 50.98
C GLY B 66 -26.34 -3.75 49.60
N VAL B 67 -25.42 -3.05 48.93
CA VAL B 67 -25.64 -2.53 47.59
C VAL B 67 -25.75 -3.67 46.59
N TRP B 68 -24.81 -4.61 46.64
CA TRP B 68 -24.84 -5.74 45.72
C TRP B 68 -26.10 -6.58 45.91
N ASN B 69 -26.58 -6.65 47.15
CA ASN B 69 -27.84 -7.32 47.45
C ASN B 69 -29.00 -6.74 46.63
N ILE B 70 -29.00 -5.41 46.51
CA ILE B 70 -30.01 -4.71 45.73
C ILE B 70 -29.78 -4.95 44.26
N VAL B 71 -28.54 -4.72 43.82
CA VAL B 71 -28.15 -4.93 42.43
C VAL B 71 -28.51 -6.33 41.95
N ASN B 72 -28.20 -7.35 42.78
CA ASN B 72 -28.49 -8.74 42.42
C ASN B 72 -29.96 -9.00 42.10
N ASN B 73 -30.86 -8.25 42.73
CA ASN B 73 -32.30 -8.40 42.52
C ASN B 73 -32.88 -7.44 41.46
N ILE B 74 -32.03 -6.80 40.65
CA ILE B 74 -32.49 -6.00 39.51
C ILE B 74 -31.99 -6.64 38.20
N PRO B 75 -32.75 -7.61 37.65
CA PRO B 75 -32.25 -8.47 36.57
C PRO B 75 -31.50 -7.75 35.45
N PHE B 76 -32.07 -6.66 34.95
CA PHE B 76 -31.44 -5.95 33.84
C PHE B 76 -30.06 -5.42 34.25
N LEU B 77 -29.92 -4.99 35.50
CA LEU B 77 -28.62 -4.60 36.05
C LEU B 77 -27.67 -5.78 36.20
N ARG B 78 -28.15 -6.84 36.82
CA ARG B 78 -27.37 -8.07 36.92
C ARG B 78 -26.88 -8.56 35.54
N SER B 79 -27.79 -8.57 34.57
CA SER B 79 -27.47 -8.97 33.19
C SER B 79 -26.45 -8.05 32.54
N LEU B 80 -26.56 -6.76 32.80
CA LEU B 80 -25.63 -5.79 32.23
C LEU B 80 -24.22 -6.03 32.78
N ILE B 81 -24.14 -6.24 34.09
CA ILE B 81 -22.86 -6.42 34.75
C ILE B 81 -22.19 -7.68 34.20
N MET B 82 -22.92 -8.78 34.23
CA MET B 82 -22.40 -10.06 33.75
C MET B 82 -22.07 -10.05 32.27
N LYS B 83 -22.89 -9.38 31.47
CA LYS B 83 -22.58 -9.19 30.04
C LYS B 83 -21.21 -8.54 29.92
N TYR B 84 -20.96 -7.49 30.69
CA TYR B 84 -19.70 -6.79 30.60
C TYR B 84 -18.53 -7.65 31.07
N VAL B 85 -18.71 -8.46 32.11
CA VAL B 85 -17.56 -9.26 32.58
C VAL B 85 -17.20 -10.29 31.51
N LEU B 86 -18.20 -10.98 30.98
CA LEU B 86 -18.01 -11.97 29.91
C LEU B 86 -17.24 -11.46 28.69
N THR B 87 -17.64 -10.30 28.16
CA THR B 87 -17.03 -9.79 26.92
C THR B 87 -15.66 -9.17 27.18
N SER B 88 -15.52 -8.45 28.31
CA SER B 88 -14.28 -7.80 28.65
C SER B 88 -13.22 -8.83 29.04
N ARG B 89 -13.62 -9.86 29.76
CA ARG B 89 -12.70 -10.96 30.05
C ARG B 89 -12.20 -11.61 28.77
N SER B 90 -13.16 -11.98 27.93
CA SER B 90 -12.88 -12.84 26.79
C SER B 90 -12.04 -12.16 25.72
N TYR B 91 -12.13 -10.83 25.56
CA TYR B 91 -11.25 -10.13 24.61
C TYR B 91 -9.75 -10.32 24.93
N LEU B 92 -9.42 -10.66 26.18
CA LEU B 92 -8.03 -10.99 26.53
C LEU B 92 -7.54 -12.29 25.88
N ILE B 93 -8.43 -13.15 25.39
CA ILE B 93 -8.00 -14.41 24.77
C ILE B 93 -7.91 -14.28 23.23
N ASP B 94 -6.88 -14.91 22.65
CA ASP B 94 -6.74 -15.01 21.20
C ASP B 94 -7.65 -16.11 20.66
N SER B 95 -8.56 -15.75 19.77
CA SER B 95 -9.58 -16.67 19.29
C SER B 95 -10.10 -16.29 17.89
N PRO B 96 -9.78 -17.07 16.85
CA PRO B 96 -8.99 -18.29 16.77
C PRO B 96 -7.59 -18.17 17.38
N PRO B 97 -7.02 -19.30 17.81
CA PRO B 97 -5.80 -19.30 18.58
C PRO B 97 -4.56 -19.20 17.72
N THR B 98 -3.43 -18.88 18.36
CA THR B 98 -2.23 -18.52 17.64
C THR B 98 -1.03 -19.44 17.94
N TYR B 99 -0.22 -19.11 18.95
CA TYR B 99 1.10 -19.72 19.14
C TYR B 99 0.98 -21.06 19.84
N ASN B 100 2.01 -21.88 19.75
CA ASN B 100 2.10 -23.05 20.63
C ASN B 100 3.56 -23.23 21.06
N VAL B 101 3.89 -24.35 21.71
CA VAL B 101 5.25 -24.58 22.17
C VAL B 101 6.29 -24.58 21.05
N HIS B 102 5.91 -25.04 19.85
CA HIS B 102 6.85 -25.05 18.71
C HIS B 102 6.81 -23.83 17.79
N TYR B 103 5.80 -22.98 17.92
CA TYR B 103 5.60 -21.84 16.98
C TYR B 103 5.47 -20.50 17.71
N GLY B 104 6.48 -19.66 17.57
CA GLY B 104 6.45 -18.30 18.12
C GLY B 104 6.07 -17.27 17.06
N TYR B 105 5.48 -17.77 15.99
CA TYR B 105 4.89 -16.95 14.94
C TYR B 105 3.68 -17.75 14.48
N LYS B 106 2.67 -17.07 13.96
CA LYS B 106 1.45 -17.74 13.56
C LYS B 106 1.73 -18.60 12.35
N SER B 107 1.14 -19.78 12.33
CA SER B 107 1.31 -20.74 11.26
C SER B 107 0.07 -21.63 11.16
N TRP B 108 -0.14 -22.19 9.98
CA TRP B 108 -1.25 -23.11 9.80
C TRP B 108 -1.08 -24.36 10.66
N GLU B 109 0.16 -24.76 10.94
CA GLU B 109 0.41 -25.91 11.81
C GLU B 109 -0.06 -25.62 13.22
N ALA B 110 0.33 -24.46 13.73
CA ALA B 110 -0.06 -24.08 15.10
C ALA B 110 -1.57 -23.86 15.15
N PHE B 111 -2.16 -23.30 14.11
CA PHE B 111 -3.62 -23.22 14.12
C PHE B 111 -4.30 -24.60 14.04
N SER B 112 -3.89 -25.46 13.12
CA SER B 112 -4.67 -26.68 12.79
C SER B 112 -4.45 -27.89 13.70
N ASN B 113 -3.27 -28.00 14.31
CA ASN B 113 -2.92 -29.21 15.05
C ASN B 113 -3.52 -29.17 16.44
N LEU B 114 -4.58 -29.93 16.61
CA LEU B 114 -5.30 -29.95 17.87
C LEU B 114 -4.57 -30.66 19.00
N SER B 115 -3.47 -31.34 18.71
CA SER B 115 -2.73 -32.04 19.77
C SER B 115 -1.94 -31.12 20.68
N TYR B 116 -1.75 -29.87 20.27
CA TYR B 116 -0.99 -28.91 21.08
C TYR B 116 -1.91 -28.19 22.06
N TYR B 117 -1.39 -27.88 23.25
CA TYR B 117 -1.92 -26.76 24.01
C TYR B 117 -1.51 -25.52 23.21
N THR B 118 -2.34 -24.47 23.23
CA THR B 118 -1.97 -23.20 22.58
C THR B 118 -1.22 -22.35 23.60
N ARG B 119 -0.72 -21.19 23.17
CA ARG B 119 0.09 -20.34 24.04
C ARG B 119 -0.38 -18.89 24.02
N ALA B 120 -0.79 -18.42 25.20
CA ALA B 120 -1.16 -17.01 25.39
C ALA B 120 0.01 -16.12 25.00
N LEU B 121 1.23 -16.52 25.35
CA LEU B 121 2.46 -15.85 24.88
C LEU B 121 3.36 -16.85 24.13
N PRO B 122 3.97 -16.39 23.03
CA PRO B 122 4.86 -17.28 22.29
C PRO B 122 6.02 -17.71 23.15
N PRO B 123 6.61 -18.86 22.84
CA PRO B 123 7.77 -19.30 23.59
C PRO B 123 8.99 -18.44 23.32
N VAL B 124 9.91 -18.39 24.27
CA VAL B 124 11.19 -17.75 24.07
C VAL B 124 11.94 -18.55 23.02
N ALA B 125 12.47 -17.87 22.00
CA ALA B 125 13.21 -18.53 20.92
C ALA B 125 14.38 -19.36 21.44
N ASP B 126 14.68 -20.45 20.75
CA ASP B 126 15.73 -21.38 21.17
C ASP B 126 17.11 -20.72 21.26
N ASP B 127 17.37 -19.77 20.36
CA ASP B 127 18.71 -19.20 20.23
C ASP B 127 18.98 -17.97 21.09
N CYS B 128 18.03 -17.60 21.95
CA CYS B 128 18.21 -16.47 22.85
C CYS B 128 19.30 -16.76 23.89
N PRO B 129 20.08 -15.72 24.28
CA PRO B 129 21.20 -15.91 25.20
C PRO B 129 20.82 -16.36 26.62
N THR B 130 19.61 -16.04 27.09
CA THR B 130 19.17 -16.49 28.40
C THR B 130 17.84 -17.23 28.30
N PRO B 131 17.42 -17.90 29.38
CA PRO B 131 16.14 -18.63 29.33
C PRO B 131 14.91 -17.73 29.18
N MET B 132 14.99 -16.51 29.72
CA MET B 132 13.85 -15.59 29.66
C MET B 132 13.98 -14.62 28.49
N GLY B 133 15.06 -14.75 27.73
CA GLY B 133 15.30 -13.90 26.56
C GLY B 133 16.71 -13.34 26.59
N VAL B 134 16.86 -12.16 27.19
CA VAL B 134 18.17 -11.53 27.38
C VAL B 134 18.52 -11.24 28.84
N LYS B 135 17.49 -11.12 29.70
CA LYS B 135 17.71 -10.81 31.12
C LYS B 135 18.11 -12.04 31.91
N GLY B 136 18.81 -11.82 33.03
CA GLY B 136 19.16 -12.87 33.96
C GLY B 136 20.40 -13.64 33.59
N ASN B 137 20.65 -14.73 34.32
CA ASN B 137 21.84 -15.56 34.13
C ASN B 137 21.61 -16.62 33.05
N LYS B 138 22.66 -17.38 32.74
CA LYS B 138 22.59 -18.39 31.68
C LYS B 138 21.64 -19.53 32.04
N GLU B 139 21.58 -19.86 33.33
CA GLU B 139 20.63 -20.85 33.82
C GLU B 139 19.71 -20.25 34.89
N LEU B 140 18.44 -20.61 34.84
CA LEU B 140 17.50 -20.31 35.93
C LEU B 140 17.96 -21.01 37.21
N PRO B 141 17.55 -20.49 38.38
CA PRO B 141 17.91 -21.13 39.64
C PRO B 141 17.41 -22.55 39.72
N ASP B 142 18.14 -23.37 40.46
CA ASP B 142 17.80 -24.77 40.65
C ASP B 142 16.35 -24.90 41.14
N SER B 143 15.55 -25.65 40.39
CA SER B 143 14.12 -25.79 40.67
C SER B 143 13.84 -26.41 42.04
N LYS B 144 14.69 -27.35 42.46
CA LYS B 144 14.61 -27.95 43.80
C LYS B 144 14.83 -26.89 44.88
N GLU B 145 15.72 -25.93 44.62
CA GLU B 145 15.98 -24.85 45.57
C GLU B 145 14.74 -23.98 45.70
N VAL B 146 14.21 -23.58 44.55
CA VAL B 146 12.98 -22.80 44.50
C VAL B 146 11.85 -23.54 45.23
N LEU B 147 11.67 -24.81 44.86
CA LEU B 147 10.65 -25.68 45.45
C LEU B 147 10.73 -25.68 46.97
N GLU B 148 11.93 -25.96 47.48
CA GLU B 148 12.09 -26.13 48.90
C GLU B 148 12.10 -24.80 49.63
N LYS B 149 12.66 -23.75 49.02
CA LYS B 149 12.79 -22.49 49.73
C LYS B 149 11.45 -21.76 49.86
N VAL B 150 10.58 -21.82 48.86
CA VAL B 150 9.37 -21.02 48.90
C VAL B 150 8.05 -21.73 48.61
N LEU B 151 8.05 -23.00 48.20
CA LEU B 151 6.79 -23.66 47.82
C LEU B 151 6.29 -24.74 48.79
N LEU B 152 7.21 -25.48 49.41
CA LEU B 152 6.82 -26.60 50.24
C LEU B 152 6.17 -26.17 51.54
N ARG B 153 5.14 -26.91 51.93
CA ARG B 153 4.45 -26.68 53.19
C ARG B 153 5.36 -26.95 54.37
N ARG B 154 5.37 -26.04 55.35
CA ARG B 154 5.93 -26.32 56.67
C ARG B 154 4.74 -26.71 57.53
N GLU B 155 3.84 -25.76 57.75
CA GLU B 155 2.61 -25.99 58.51
C GLU B 155 1.40 -25.64 57.63
N PHE B 156 0.36 -26.46 57.71
CA PHE B 156 -0.84 -26.29 56.87
C PHE B 156 -1.36 -24.86 56.98
N ILE B 157 -1.52 -24.19 55.85
CA ILE B 157 -2.15 -22.88 55.80
C ILE B 157 -3.57 -23.04 55.25
N PRO B 158 -4.59 -22.95 56.12
CA PRO B 158 -5.94 -23.11 55.64
C PRO B 158 -6.34 -21.96 54.74
N ASP B 159 -7.23 -22.24 53.79
CA ASP B 159 -7.77 -21.22 52.93
C ASP B 159 -8.64 -20.29 53.77
N PRO B 160 -8.33 -18.98 53.79
CA PRO B 160 -9.18 -18.03 54.50
C PRO B 160 -10.57 -17.89 53.90
N GLN B 161 -10.75 -18.22 52.60
CA GLN B 161 -12.10 -18.27 52.01
C GLN B 161 -12.91 -19.50 52.43
N GLY B 162 -12.26 -20.44 53.14
CA GLY B 162 -12.94 -21.61 53.67
C GLY B 162 -13.32 -22.65 52.62
N SER B 163 -12.65 -22.64 51.48
CA SER B 163 -12.83 -23.67 50.49
C SER B 163 -12.69 -25.04 51.15
N ASN B 164 -13.59 -25.95 50.82
CA ASN B 164 -13.61 -27.28 51.41
C ASN B 164 -13.09 -28.33 50.45
N MET B 165 -13.17 -29.58 50.83
CA MET B 165 -12.68 -30.67 49.97
C MET B 165 -13.68 -31.03 48.87
N MET B 166 -14.96 -30.70 49.03
CA MET B 166 -15.89 -30.84 47.91
C MET B 166 -15.41 -29.93 46.77
N PHE B 167 -14.90 -28.75 47.11
CA PHE B 167 -14.38 -27.85 46.09
C PHE B 167 -13.07 -28.36 45.50
N ALA B 168 -12.15 -28.81 46.35
CA ALA B 168 -10.84 -29.24 45.84
C ALA B 168 -11.02 -30.38 44.84
N PHE B 169 -11.79 -31.38 45.22
CA PHE B 169 -12.00 -32.51 44.32
C PHE B 169 -12.85 -32.17 43.09
N PHE B 170 -13.75 -31.21 43.20
CA PHE B 170 -14.48 -30.70 42.04
C PHE B 170 -13.55 -30.03 41.04
N ALA B 171 -12.65 -29.17 41.54
CA ALA B 171 -11.69 -28.52 40.65
C ALA B 171 -10.86 -29.56 39.90
N GLN B 172 -10.40 -30.57 40.64
CA GLN B 172 -9.61 -31.66 40.04
C GLN B 172 -10.40 -32.46 39.01
N HIS B 173 -11.62 -32.84 39.36
CA HIS B 173 -12.47 -33.62 38.47
C HIS B 173 -12.88 -32.83 37.23
N PHE B 174 -13.32 -31.61 37.43
CA PHE B 174 -13.78 -30.75 36.33
C PHE B 174 -12.68 -30.41 35.32
N THR B 175 -11.51 -30.02 35.81
CA THR B 175 -10.41 -29.57 34.96
C THR B 175 -9.74 -30.72 34.21
N HIS B 176 -9.75 -31.91 34.79
CA HIS B 176 -9.09 -33.05 34.17
C HIS B 176 -9.83 -33.61 32.94
N GLN B 177 -10.96 -33.03 32.54
CA GLN B 177 -11.53 -33.32 31.23
C GLN B 177 -10.81 -32.53 30.16
N PHE B 178 -10.31 -31.32 30.48
CA PHE B 178 -9.54 -30.54 29.51
C PHE B 178 -8.02 -30.41 29.78
N PHE B 179 -7.56 -30.77 30.97
CA PHE B 179 -6.12 -30.97 31.20
C PHE B 179 -5.75 -32.45 31.22
N LYS B 180 -5.20 -32.90 30.10
CA LYS B 180 -4.85 -34.30 29.86
C LYS B 180 -3.59 -34.34 29.00
N THR B 181 -2.46 -34.03 29.65
CA THR B 181 -1.20 -33.86 28.96
C THR B 181 -0.72 -35.19 28.37
N ASP B 182 -0.38 -35.16 27.09
CA ASP B 182 0.13 -36.34 26.40
C ASP B 182 1.63 -36.48 26.68
N HIS B 183 1.98 -37.33 27.65
CA HIS B 183 3.37 -37.49 28.07
C HIS B 183 4.20 -38.24 27.02
N LYS B 184 3.53 -38.94 26.13
CA LYS B 184 4.16 -39.59 24.97
C LYS B 184 4.74 -38.53 24.03
N ARG B 185 4.06 -37.39 23.91
CA ARG B 185 4.50 -36.31 23.04
C ARG B 185 5.37 -35.29 23.75
N GLY B 186 4.92 -34.84 24.93
CA GLY B 186 5.61 -33.79 25.66
C GLY B 186 4.62 -32.92 26.41
N PRO B 187 5.13 -32.05 27.30
CA PRO B 187 4.30 -31.22 28.18
C PRO B 187 3.42 -30.18 27.45
N GLY B 188 3.82 -29.76 26.25
CA GLY B 188 3.04 -28.82 25.47
C GLY B 188 1.98 -29.47 24.58
N PHE B 189 1.65 -30.73 24.87
CA PHE B 189 0.65 -31.48 24.11
C PHE B 189 -0.49 -32.04 24.96
N THR B 190 -1.67 -32.16 24.35
CA THR B 190 -2.89 -32.57 25.03
C THR B 190 -3.57 -33.74 24.33
N ARG B 191 -4.25 -34.59 25.11
CA ARG B 191 -5.10 -35.66 24.58
C ARG B 191 -6.59 -35.28 24.63
N GLY B 192 -6.87 -34.06 25.07
CA GLY B 192 -8.23 -33.54 25.16
C GLY B 192 -8.51 -32.66 23.95
N LEU B 193 -8.76 -33.33 22.82
CA LEU B 193 -8.90 -32.71 21.52
C LEU B 193 -10.17 -31.93 21.42
N GLY B 194 -11.08 -32.16 22.35
CA GLY B 194 -12.28 -31.33 22.47
C GLY B 194 -11.98 -29.93 23.00
N HIS B 195 -10.89 -29.78 23.75
CA HIS B 195 -10.38 -28.46 24.19
C HIS B 195 -11.42 -27.63 24.96
N GLY B 196 -12.14 -28.28 25.86
CA GLY B 196 -13.22 -27.63 26.59
C GLY B 196 -14.07 -28.58 27.43
N VAL B 197 -15.29 -28.15 27.71
CA VAL B 197 -16.20 -28.88 28.56
C VAL B 197 -17.10 -29.81 27.72
N ASP B 198 -16.58 -30.97 27.33
CA ASP B 198 -17.33 -31.94 26.55
C ASP B 198 -17.77 -33.15 27.39
N LEU B 199 -17.38 -33.12 28.66
CA LEU B 199 -17.56 -34.22 29.60
C LEU B 199 -16.96 -35.55 29.15
N ASN B 200 -15.86 -35.49 28.40
CA ASN B 200 -15.12 -36.69 28.07
C ASN B 200 -14.65 -37.48 29.29
N HIS B 201 -14.50 -36.80 30.42
CA HIS B 201 -14.10 -37.46 31.65
C HIS B 201 -15.19 -38.36 32.27
N ILE B 202 -16.42 -38.19 31.79
CA ILE B 202 -17.53 -39.10 32.10
C ILE B 202 -17.79 -40.05 30.92
N TYR B 203 -17.85 -39.50 29.70
CA TYR B 203 -18.23 -40.30 28.51
C TYR B 203 -17.10 -40.95 27.74
N GLY B 204 -15.86 -40.51 27.96
CA GLY B 204 -14.67 -40.97 27.20
C GLY B 204 -14.32 -40.05 26.04
N GLU B 205 -13.04 -39.97 25.67
CA GLU B 205 -12.60 -39.13 24.53
C GLU B 205 -13.14 -39.64 23.23
N THR B 206 -13.01 -40.94 23.04
CA THR B 206 -13.29 -41.55 21.77
C THR B 206 -14.59 -42.31 21.83
N LEU B 207 -15.17 -42.58 20.66
CA LEU B 207 -16.45 -43.26 20.52
C LEU B 207 -16.38 -44.72 21.00
N ASP B 208 -15.26 -45.37 20.71
CA ASP B 208 -15.01 -46.73 21.14
C ASP B 208 -15.15 -46.86 22.66
N ARG B 209 -14.48 -45.97 23.38
CA ARG B 209 -14.50 -45.98 24.83
C ARG B 209 -15.90 -45.67 25.35
N GLN B 210 -16.54 -44.68 24.73
CA GLN B 210 -17.91 -44.31 25.07
C GLN B 210 -18.84 -45.50 24.89
N HIS B 211 -18.72 -46.21 23.77
CA HIS B 211 -19.60 -47.35 23.52
C HIS B 211 -19.43 -48.51 24.55
N LYS B 212 -18.22 -48.73 25.04
CA LYS B 212 -17.97 -49.71 26.11
C LYS B 212 -18.54 -49.26 27.45
N LEU B 213 -18.67 -47.95 27.67
CA LEU B 213 -19.21 -47.42 28.93
C LEU B 213 -20.74 -47.36 28.94
N ARG B 214 -21.37 -47.58 27.79
CA ARG B 214 -22.80 -47.34 27.62
C ARG B 214 -23.60 -48.65 27.71
N LEU B 215 -24.82 -48.57 28.26
CA LEU B 215 -25.66 -49.73 28.47
C LEU B 215 -26.49 -50.06 27.21
N PHE B 216 -26.60 -49.08 26.30
CA PHE B 216 -27.45 -49.18 25.10
C PHE B 216 -28.90 -49.57 25.41
N LYS B 217 -29.34 -49.20 26.61
CA LYS B 217 -30.74 -49.26 26.98
C LYS B 217 -31.07 -47.94 27.67
N ASP B 218 -32.08 -47.26 27.15
CA ASP B 218 -32.57 -46.00 27.74
C ASP B 218 -31.52 -44.87 27.85
N GLY B 219 -30.51 -44.90 27.00
CA GLY B 219 -29.51 -43.84 26.95
C GLY B 219 -28.50 -43.88 28.09
N LYS B 220 -28.53 -44.95 28.88
CA LYS B 220 -27.79 -45.00 30.14
C LYS B 220 -26.33 -45.46 30.01
N LEU B 221 -25.58 -45.21 31.07
CA LEU B 221 -24.23 -45.69 31.23
C LEU B 221 -24.29 -46.96 32.06
N LYS B 222 -23.47 -47.96 31.74
CA LYS B 222 -23.38 -49.15 32.58
C LYS B 222 -23.07 -48.74 34.02
N TYR B 223 -23.49 -49.56 34.95
CA TYR B 223 -23.23 -49.36 36.37
C TYR B 223 -23.29 -50.74 37.07
N GLN B 224 -22.85 -50.77 38.32
CA GLN B 224 -23.00 -51.95 39.17
C GLN B 224 -23.55 -51.50 40.51
N VAL B 225 -24.22 -52.43 41.17
CA VAL B 225 -24.77 -52.21 42.49
C VAL B 225 -23.93 -52.98 43.51
N ILE B 226 -23.50 -52.29 44.56
CA ILE B 226 -22.71 -52.85 45.63
C ILE B 226 -23.31 -52.31 46.91
N GLY B 227 -23.72 -53.21 47.79
CA GLY B 227 -24.38 -52.85 49.03
C GLY B 227 -25.54 -51.90 48.82
N GLY B 228 -26.34 -52.16 47.79
CA GLY B 228 -27.52 -51.35 47.50
C GLY B 228 -27.29 -49.99 46.87
N GLU B 229 -26.03 -49.63 46.58
CA GLU B 229 -25.67 -48.33 46.04
C GLU B 229 -25.08 -48.44 44.62
N VAL B 230 -25.35 -47.42 43.81
CA VAL B 230 -24.92 -47.44 42.42
C VAL B 230 -23.51 -46.90 42.32
N TYR B 231 -22.63 -47.67 41.68
CA TYR B 231 -21.26 -47.24 41.43
C TYR B 231 -20.94 -47.48 39.96
N PRO B 232 -19.82 -46.93 39.48
CA PRO B 232 -19.47 -47.23 38.10
C PRO B 232 -19.17 -48.72 37.89
N PRO B 233 -19.18 -49.16 36.64
CA PRO B 233 -18.88 -50.55 36.36
C PRO B 233 -17.38 -50.84 36.42
N THR B 234 -17.02 -52.11 36.21
CA THR B 234 -15.63 -52.53 36.30
C THR B 234 -14.92 -52.56 34.95
N VAL B 235 -13.59 -52.52 35.02
CA VAL B 235 -12.75 -52.77 33.86
C VAL B 235 -13.05 -54.14 33.25
N LYS B 236 -13.34 -55.13 34.09
CA LYS B 236 -13.63 -56.48 33.61
C LYS B 236 -14.97 -56.58 32.89
N ASP B 237 -15.96 -55.79 33.30
CA ASP B 237 -17.27 -55.79 32.66
C ASP B 237 -17.22 -55.03 31.33
N THR B 238 -16.54 -53.89 31.33
CA THR B 238 -16.59 -52.96 30.21
C THR B 238 -15.42 -53.08 29.25
N GLN B 239 -14.31 -53.64 29.71
CA GLN B 239 -13.09 -53.77 28.89
C GLN B 239 -12.41 -52.43 28.58
N VAL B 240 -12.73 -51.37 29.34
CA VAL B 240 -12.16 -50.05 29.06
C VAL B 240 -10.85 -49.89 29.80
N GLU B 241 -9.91 -49.18 29.18
CA GLU B 241 -8.58 -49.01 29.76
C GLU B 241 -8.58 -47.97 30.89
N MET B 242 -7.98 -48.35 32.02
CA MET B 242 -7.79 -47.46 33.16
C MET B 242 -6.36 -47.60 33.68
N ILE B 243 -5.90 -46.57 34.39
CA ILE B 243 -4.62 -46.59 35.08
C ILE B 243 -4.83 -47.07 36.52
N TYR B 244 -4.27 -48.24 36.84
CA TYR B 244 -4.33 -48.85 38.17
C TYR B 244 -3.00 -49.54 38.50
N PRO B 245 -2.52 -49.40 39.75
CA PRO B 245 -1.33 -50.13 40.12
C PRO B 245 -1.62 -51.63 40.16
N PRO B 246 -0.59 -52.46 39.92
CA PRO B 246 -0.78 -53.89 39.64
C PRO B 246 -1.49 -54.73 40.73
N HIS B 247 -1.60 -54.20 41.95
CA HIS B 247 -2.14 -54.95 43.08
C HIS B 247 -3.63 -54.70 43.35
N ILE B 248 -4.21 -53.71 42.68
CA ILE B 248 -5.64 -53.40 42.86
C ILE B 248 -6.47 -54.57 42.34
N PRO B 249 -7.33 -55.16 43.19
CA PRO B 249 -8.12 -56.30 42.75
C PRO B 249 -9.14 -55.92 41.70
N GLU B 250 -9.46 -56.87 40.83
CA GLU B 250 -10.35 -56.66 39.69
C GLU B 250 -11.65 -55.97 40.09
N ASN B 251 -12.28 -56.42 41.18
CA ASN B 251 -13.56 -55.85 41.60
C ASN B 251 -13.50 -54.38 42.04
N LEU B 252 -12.31 -53.84 42.27
CA LEU B 252 -12.17 -52.41 42.61
C LEU B 252 -11.58 -51.59 41.47
N GLN B 253 -11.42 -52.19 40.29
CA GLN B 253 -10.97 -51.44 39.12
C GLN B 253 -12.20 -50.87 38.43
N PHE B 254 -12.58 -49.67 38.85
CA PHE B 254 -13.74 -48.99 38.28
C PHE B 254 -13.39 -48.38 36.93
N ALA B 255 -14.36 -48.37 36.01
CA ALA B 255 -14.20 -47.83 34.67
C ALA B 255 -15.04 -46.57 34.53
N VAL B 256 -14.37 -45.46 34.21
CA VAL B 256 -15.02 -44.17 33.93
C VAL B 256 -14.35 -43.52 32.72
N GLY B 257 -14.91 -42.40 32.27
CA GLY B 257 -14.43 -41.75 31.04
C GLY B 257 -12.93 -41.43 31.08
N GLN B 258 -12.51 -40.82 32.19
CA GLN B 258 -11.11 -40.46 32.40
C GLN B 258 -10.31 -41.63 32.99
N GLU B 259 -9.25 -42.01 32.30
CA GLU B 259 -8.47 -43.18 32.68
C GLU B 259 -7.75 -43.05 34.04
N VAL B 260 -7.56 -41.85 34.56
CA VAL B 260 -6.83 -41.71 35.83
C VAL B 260 -7.70 -41.48 37.06
N PHE B 261 -9.02 -41.56 36.92
CA PHE B 261 -9.93 -41.18 38.01
C PHE B 261 -10.07 -42.22 39.15
N GLY B 262 -9.56 -43.41 38.94
CA GLY B 262 -9.64 -44.49 39.94
C GLY B 262 -8.51 -44.42 40.95
N LEU B 263 -7.67 -43.41 40.80
CA LEU B 263 -6.44 -43.26 41.55
C LEU B 263 -6.61 -42.30 42.73
N VAL B 264 -7.76 -41.62 42.77
CA VAL B 264 -8.07 -40.70 43.85
C VAL B 264 -9.53 -40.93 44.21
N PRO B 265 -9.83 -41.35 45.45
CA PRO B 265 -11.22 -41.58 45.79
C PRO B 265 -12.12 -40.34 45.70
N GLY B 266 -11.58 -39.15 45.88
CA GLY B 266 -12.35 -37.90 45.66
C GLY B 266 -12.78 -37.72 44.20
N LEU B 267 -11.96 -38.20 43.27
CA LEU B 267 -12.30 -38.15 41.87
C LEU B 267 -13.37 -39.19 41.57
N MET B 268 -13.15 -40.39 42.08
CA MET B 268 -14.11 -41.46 41.95
C MET B 268 -15.47 -41.09 42.56
N MET B 269 -15.48 -40.32 43.64
CA MET B 269 -16.73 -39.78 44.20
C MET B 269 -17.51 -38.94 43.18
N TYR B 270 -16.84 -38.01 42.50
CA TYR B 270 -17.54 -37.21 41.50
C TYR B 270 -17.90 -38.00 40.24
N ALA B 271 -17.07 -38.97 39.86
CA ALA B 271 -17.38 -39.81 38.70
C ALA B 271 -18.68 -40.58 38.93
N THR B 272 -18.87 -41.05 40.16
CA THR B 272 -20.06 -41.76 40.55
C THR B 272 -21.28 -40.84 40.57
N ILE B 273 -21.12 -39.67 41.17
CA ILE B 273 -22.21 -38.71 41.24
C ILE B 273 -22.71 -38.30 39.86
N TRP B 274 -21.80 -38.06 38.93
CA TRP B 274 -22.18 -37.62 37.57
C TRP B 274 -22.77 -38.77 36.74
N LEU B 275 -22.20 -39.95 36.88
CA LEU B 275 -22.77 -41.12 36.23
C LEU B 275 -24.22 -41.29 36.70
N ARG B 276 -24.39 -41.14 38.01
CA ARG B 276 -25.71 -41.17 38.61
C ARG B 276 -26.62 -40.09 38.04
N GLU B 277 -26.08 -38.88 37.86
CA GLU B 277 -26.85 -37.76 37.28
C GLU B 277 -27.22 -38.03 35.85
N HIS B 278 -26.32 -38.64 35.08
CA HIS B 278 -26.63 -38.99 33.69
C HIS B 278 -27.81 -39.98 33.60
N ASN B 279 -27.76 -41.06 34.37
CA ASN B 279 -28.85 -42.06 34.34
C ASN B 279 -30.18 -41.48 34.83
N ARG B 280 -30.11 -40.64 35.85
CA ARG B 280 -31.29 -39.93 36.32
C ARG B 280 -31.95 -39.08 35.21
N VAL B 281 -31.15 -38.35 34.44
CA VAL B 281 -31.66 -37.49 33.37
C VAL B 281 -32.23 -38.32 32.22
N CYS B 282 -31.70 -39.51 32.03
CA CYS B 282 -32.29 -40.47 31.07
C CYS B 282 -33.72 -40.86 31.46
N ASP B 283 -33.97 -41.06 32.76
CA ASP B 283 -35.30 -41.46 33.21
C ASP B 283 -36.31 -40.32 33.05
N ILE B 284 -35.87 -39.09 33.30
CA ILE B 284 -36.70 -37.92 33.09
C ILE B 284 -36.98 -37.72 31.60
N LEU B 285 -35.99 -37.94 30.75
CA LEU B 285 -36.18 -37.77 29.31
C LEU B 285 -37.11 -38.85 28.73
N LYS B 286 -36.99 -40.08 29.22
CA LYS B 286 -37.82 -41.18 28.79
C LYS B 286 -39.28 -40.98 29.18
N GLN B 287 -39.50 -40.39 30.35
CA GLN B 287 -40.83 -40.02 30.78
C GLN B 287 -41.42 -39.03 29.79
N GLU B 288 -40.68 -37.96 29.49
CA GLU B 288 -41.12 -36.94 28.53
C GLU B 288 -41.22 -37.48 27.09
N HIS B 289 -40.42 -38.49 26.77
CA HIS B 289 -40.30 -38.96 25.39
C HIS B 289 -40.29 -40.48 25.30
N PRO B 290 -41.46 -41.13 25.48
CA PRO B 290 -41.47 -42.57 25.26
C PRO B 290 -41.20 -43.02 23.80
N GLU B 291 -41.29 -42.10 22.82
CA GLU B 291 -40.92 -42.39 21.40
C GLU B 291 -39.44 -42.57 21.16
N TRP B 292 -38.64 -41.92 22.00
CA TRP B 292 -37.21 -41.81 21.76
C TRP B 292 -36.49 -43.14 21.96
N GLY B 293 -35.43 -43.33 21.18
CA GLY B 293 -34.56 -44.47 21.29
C GLY B 293 -33.36 -44.16 22.17
N ASP B 294 -32.59 -45.21 22.46
CA ASP B 294 -31.38 -45.15 23.26
C ASP B 294 -30.38 -44.05 22.85
N GLU B 295 -30.08 -43.95 21.55
CA GLU B 295 -29.07 -42.98 21.07
C GLU B 295 -29.44 -41.57 21.53
N GLN B 296 -30.65 -41.16 21.19
CA GLN B 296 -31.07 -39.79 21.42
C GLN B 296 -31.22 -39.51 22.90
N LEU B 297 -31.61 -40.52 23.67
CA LEU B 297 -31.71 -40.34 25.11
C LEU B 297 -30.29 -40.08 25.65
N PHE B 298 -29.32 -40.85 25.18
CA PHE B 298 -27.92 -40.70 25.60
C PHE B 298 -27.38 -39.34 25.22
N GLN B 299 -27.59 -38.97 23.96
CA GLN B 299 -27.00 -37.73 23.43
C GLN B 299 -27.61 -36.49 24.10
N THR B 300 -28.94 -36.48 24.23
CA THR B 300 -29.60 -35.33 24.82
C THR B 300 -29.18 -35.18 26.28
N SER B 301 -29.10 -36.30 27.00
CA SER B 301 -28.62 -36.29 28.38
C SER B 301 -27.21 -35.70 28.49
N ARG B 302 -26.33 -36.10 27.58
CA ARG B 302 -24.98 -35.58 27.57
C ARG B 302 -24.99 -34.06 27.39
N LEU B 303 -25.86 -33.55 26.51
CA LEU B 303 -25.94 -32.13 26.31
C LEU B 303 -26.39 -31.42 27.58
N ILE B 304 -27.37 -32.03 28.27
CA ILE B 304 -27.93 -31.44 29.50
C ILE B 304 -26.88 -31.42 30.60
N LEU B 305 -26.10 -32.49 30.71
CA LEU B 305 -25.08 -32.58 31.74
C LEU B 305 -23.94 -31.60 31.50
N ILE B 306 -23.64 -31.32 30.22
CA ILE B 306 -22.73 -30.23 29.86
C ILE B 306 -23.25 -28.88 30.34
N GLY B 307 -24.54 -28.60 30.12
CA GLY B 307 -25.16 -27.37 30.61
C GLY B 307 -25.13 -27.28 32.13
N GLU B 308 -25.53 -28.36 32.80
CA GLU B 308 -25.45 -28.42 34.26
C GLU B 308 -24.06 -28.08 34.74
N THR B 309 -23.06 -28.56 34.01
CA THR B 309 -21.66 -28.38 34.40
C THR B 309 -21.25 -26.91 34.30
N ILE B 310 -21.53 -26.27 33.16
CA ILE B 310 -21.17 -24.85 33.00
C ILE B 310 -21.96 -23.99 33.98
N LYS B 311 -23.22 -24.34 34.19
CA LYS B 311 -24.09 -23.65 35.14
C LYS B 311 -23.53 -23.64 36.55
N ILE B 312 -23.11 -24.82 37.01
CA ILE B 312 -22.53 -25.02 38.34
C ILE B 312 -21.17 -24.35 38.45
N VAL B 313 -20.32 -24.56 37.45
CA VAL B 313 -19.01 -23.92 37.44
C VAL B 313 -19.10 -22.38 37.59
N ILE B 314 -20.04 -21.75 36.89
CA ILE B 314 -20.17 -20.28 36.99
C ILE B 314 -20.82 -19.83 38.29
N GLU B 315 -21.98 -20.39 38.59
CA GLU B 315 -22.83 -19.85 39.64
C GLU B 315 -22.52 -20.36 41.04
N ASP B 316 -21.74 -21.44 41.15
CA ASP B 316 -21.36 -21.98 42.46
C ASP B 316 -19.86 -21.98 42.66
N TYR B 317 -19.13 -22.56 41.70
CA TYR B 317 -17.68 -22.72 41.78
C TYR B 317 -16.94 -21.40 41.63
N VAL B 318 -17.12 -20.70 40.51
CA VAL B 318 -16.53 -19.38 40.33
C VAL B 318 -17.11 -18.39 41.35
N GLN B 319 -18.42 -18.44 41.57
CA GLN B 319 -19.03 -17.59 42.59
C GLN B 319 -18.21 -17.66 43.87
N HIS B 320 -17.93 -18.89 44.34
CA HIS B 320 -17.21 -19.10 45.60
C HIS B 320 -15.75 -18.65 45.54
N LEU B 321 -15.05 -19.06 44.48
CA LEU B 321 -13.62 -18.73 44.32
C LEU B 321 -13.39 -17.21 44.28
N SER B 322 -14.27 -16.50 43.57
CA SER B 322 -14.12 -15.05 43.36
C SER B 322 -14.26 -14.24 44.66
N GLY B 323 -15.09 -14.76 45.58
CA GLY B 323 -15.44 -14.04 46.81
C GLY B 323 -16.40 -12.88 46.61
N TYR B 324 -16.97 -12.74 45.41
CA TYR B 324 -17.76 -11.56 45.07
C TYR B 324 -19.16 -11.62 45.65
N HIS B 325 -19.67 -10.45 46.03
CA HIS B 325 -21.03 -10.33 46.55
C HIS B 325 -22.02 -10.27 45.40
N PHE B 326 -21.57 -9.74 44.26
CA PHE B 326 -22.33 -9.74 43.02
C PHE B 326 -22.66 -11.17 42.62
N LYS B 327 -23.90 -11.41 42.22
CA LYS B 327 -24.36 -12.77 41.90
C LYS B 327 -24.12 -13.11 40.42
N LEU B 328 -23.09 -13.93 40.16
CA LEU B 328 -22.74 -14.32 38.78
C LEU B 328 -23.82 -15.17 38.15
N LYS B 329 -23.90 -15.15 36.81
CA LYS B 329 -25.00 -15.80 36.10
C LYS B 329 -24.57 -16.53 34.82
N PHE B 330 -25.05 -17.77 34.70
CA PHE B 330 -24.94 -18.51 33.46
C PHE B 330 -26.16 -18.21 32.59
N ASP B 331 -25.95 -17.39 31.57
CA ASP B 331 -27.00 -17.00 30.64
C ASP B 331 -26.42 -16.71 29.26
N PRO B 332 -26.44 -17.72 28.37
CA PRO B 332 -25.93 -17.58 27.01
C PRO B 332 -26.54 -16.39 26.23
N GLU B 333 -27.80 -16.07 26.50
CA GLU B 333 -28.48 -14.92 25.89
C GLU B 333 -27.73 -13.60 26.08
N LEU B 334 -26.96 -13.47 27.16
CA LEU B 334 -26.14 -12.28 27.39
C LEU B 334 -25.20 -11.95 26.23
N LEU B 335 -24.76 -12.96 25.48
CA LEU B 335 -23.79 -12.72 24.41
C LEU B 335 -24.38 -12.59 23.02
N PHE B 336 -25.70 -12.80 22.86
CA PHE B 336 -26.29 -12.87 21.51
C PHE B 336 -26.28 -11.57 20.69
N ASN B 337 -26.29 -10.40 21.35
CA ASN B 337 -26.14 -9.11 20.64
C ASN B 337 -24.70 -8.59 20.72
N GLN B 338 -23.77 -9.49 21.03
CA GLN B 338 -22.40 -9.15 21.34
C GLN B 338 -21.48 -9.95 20.42
N GLN B 339 -20.28 -9.44 20.14
CA GLN B 339 -19.27 -10.15 19.34
C GLN B 339 -18.56 -11.16 20.21
N PHE B 340 -18.71 -12.45 19.90
CA PHE B 340 -18.09 -13.54 20.67
C PHE B 340 -17.83 -14.73 19.77
N GLN B 341 -16.67 -15.37 19.95
CA GLN B 341 -16.31 -16.56 19.19
C GLN B 341 -16.69 -17.80 19.98
N TYR B 342 -17.63 -18.58 19.46
CA TYR B 342 -18.01 -19.84 20.08
C TYR B 342 -17.00 -20.95 19.75
N GLN B 343 -15.79 -20.77 20.25
CA GLN B 343 -14.70 -21.74 20.14
C GLN B 343 -13.66 -21.47 21.23
N ASN B 344 -12.84 -22.48 21.52
CA ASN B 344 -11.79 -22.39 22.52
C ASN B 344 -10.68 -23.40 22.24
N ARG B 345 -9.44 -22.98 22.52
CA ARG B 345 -8.27 -23.86 22.47
C ARG B 345 -7.57 -23.73 23.84
N ILE B 346 -7.40 -24.84 24.54
CA ILE B 346 -6.84 -24.82 25.91
C ILE B 346 -5.41 -24.31 25.92
N ALA B 347 -5.14 -23.35 26.80
CA ALA B 347 -3.80 -22.74 26.86
C ALA B 347 -2.89 -23.48 27.83
N SER B 348 -1.62 -23.58 27.49
CA SER B 348 -0.65 -24.28 28.33
C SER B 348 -0.54 -23.59 29.67
N GLU B 349 -0.52 -22.27 29.60
CA GLU B 349 -0.43 -21.43 30.79
C GLU B 349 -1.67 -21.57 31.65
N PHE B 350 -2.80 -21.89 31.05
CA PHE B 350 -4.00 -22.16 31.85
C PHE B 350 -3.82 -23.47 32.62
N ASN B 351 -3.25 -24.49 31.96
CA ASN B 351 -2.87 -25.74 32.63
C ASN B 351 -1.94 -25.43 33.79
N THR B 352 -0.86 -24.70 33.51
CA THR B 352 0.14 -24.37 34.51
C THR B 352 -0.46 -23.69 35.75
N LEU B 353 -1.30 -22.67 35.55
CA LEU B 353 -1.81 -21.89 36.70
C LEU B 353 -2.81 -22.66 37.55
N TYR B 354 -3.40 -23.71 36.98
CA TYR B 354 -4.44 -24.49 37.65
C TYR B 354 -3.87 -25.59 38.51
N HIS B 355 -2.55 -25.70 38.57
CA HIS B 355 -1.88 -26.63 39.49
C HIS B 355 -2.03 -26.17 40.93
N TRP B 356 -3.21 -26.45 41.50
CA TRP B 356 -3.55 -25.94 42.83
C TRP B 356 -3.34 -27.00 43.91
N HIS B 357 -2.19 -27.66 43.88
CA HIS B 357 -1.91 -28.72 44.86
C HIS B 357 -1.85 -28.24 46.32
N PRO B 358 -1.60 -26.93 46.54
CA PRO B 358 -1.74 -26.46 47.93
C PRO B 358 -3.12 -26.65 48.56
N LEU B 359 -4.17 -26.81 47.75
CA LEU B 359 -5.50 -27.09 48.27
C LEU B 359 -5.55 -28.35 49.12
N LEU B 360 -4.67 -29.31 48.80
CA LEU B 360 -4.71 -30.63 49.43
C LEU B 360 -4.31 -30.56 50.89
N PRO B 361 -5.04 -31.29 51.74
CA PRO B 361 -4.73 -31.34 53.14
C PRO B 361 -3.59 -32.30 53.38
N ASP B 362 -3.04 -32.28 54.59
CA ASP B 362 -2.01 -33.24 55.01
C ASP B 362 -2.61 -34.61 55.25
N THR B 363 -3.88 -34.67 55.66
CA THR B 363 -4.62 -35.93 55.69
C THR B 363 -6.04 -35.73 55.16
N PHE B 364 -6.66 -36.81 54.69
CA PHE B 364 -8.05 -36.78 54.22
C PHE B 364 -8.96 -37.38 55.29
N ASN B 365 -9.97 -36.61 55.68
CA ASN B 365 -10.75 -36.92 56.90
C ASN B 365 -12.16 -37.37 56.57
N ILE B 366 -12.40 -38.67 56.67
CA ILE B 366 -13.71 -39.26 56.40
C ILE B 366 -14.21 -39.93 57.66
N GLU B 367 -15.32 -39.41 58.20
CA GLU B 367 -15.92 -39.95 59.42
C GLU B 367 -14.87 -39.88 60.56
N ASP B 368 -14.64 -40.97 61.30
CA ASP B 368 -13.62 -40.98 62.36
C ASP B 368 -12.20 -40.90 61.82
N GLN B 369 -11.97 -41.47 60.63
CA GLN B 369 -10.62 -41.76 60.16
C GLN B 369 -9.92 -40.52 59.61
N GLU B 370 -8.59 -40.57 59.64
CA GLU B 370 -7.74 -39.59 58.98
C GLU B 370 -6.75 -40.38 58.13
N TYR B 371 -6.83 -40.20 56.81
CA TYR B 371 -6.03 -40.99 55.89
C TYR B 371 -4.85 -40.18 55.40
N SER B 372 -3.66 -40.78 55.47
CA SER B 372 -2.50 -40.26 54.80
C SER B 372 -2.65 -40.39 53.28
N PHE B 373 -1.76 -39.74 52.56
CA PHE B 373 -1.68 -39.84 51.11
C PHE B 373 -1.49 -41.28 50.62
N LYS B 374 -0.53 -41.99 51.22
CA LYS B 374 -0.22 -43.37 50.84
C LYS B 374 -1.45 -44.27 50.98
N GLN B 375 -2.23 -44.01 52.03
CA GLN B 375 -3.45 -44.77 52.29
C GLN B 375 -4.56 -44.35 51.34
N PHE B 376 -4.65 -43.05 51.08
CA PHE B 376 -5.75 -42.53 50.28
C PHE B 376 -5.63 -42.87 48.79
N LEU B 377 -4.43 -42.69 48.23
CA LEU B 377 -4.24 -42.86 46.79
C LEU B 377 -4.44 -44.31 46.33
N TYR B 378 -5.02 -44.45 45.14
CA TYR B 378 -5.39 -45.72 44.53
C TYR B 378 -6.31 -46.59 45.39
N ASN B 379 -7.07 -45.99 46.31
CA ASN B 379 -7.80 -46.78 47.30
C ASN B 379 -9.30 -46.57 47.37
N ASN B 380 -10.01 -47.22 46.46
CA ASN B 380 -11.46 -47.12 46.38
C ASN B 380 -12.24 -47.95 47.41
N SER B 381 -11.55 -48.81 48.15
CA SER B 381 -12.15 -49.49 49.32
C SER B 381 -12.69 -48.51 50.34
N ILE B 382 -12.04 -47.35 50.42
CA ILE B 382 -12.47 -46.28 51.32
C ILE B 382 -13.83 -45.73 50.86
N LEU B 383 -14.00 -45.58 49.56
CA LEU B 383 -15.26 -45.10 49.03
C LEU B 383 -16.35 -46.08 49.37
N LEU B 384 -16.12 -47.37 49.11
CA LEU B 384 -17.10 -48.42 49.41
C LEU B 384 -17.38 -48.56 50.89
N GLU B 385 -16.34 -48.40 51.72
CA GLU B 385 -16.47 -48.54 53.18
C GLU B 385 -17.40 -47.48 53.75
N HIS B 386 -17.13 -46.22 53.41
CA HIS B 386 -17.87 -45.10 54.01
C HIS B 386 -19.14 -44.74 53.24
N GLY B 387 -19.15 -45.00 51.94
CA GLY B 387 -20.25 -44.58 51.08
C GLY B 387 -20.20 -43.09 50.73
N LEU B 388 -20.97 -42.72 49.72
CA LEU B 388 -20.95 -41.36 49.17
C LEU B 388 -21.45 -40.32 50.16
N THR B 389 -22.55 -40.65 50.84
CA THR B 389 -23.18 -39.72 51.77
C THR B 389 -22.18 -39.20 52.81
N GLN B 390 -21.50 -40.13 53.47
CA GLN B 390 -20.48 -39.79 54.45
C GLN B 390 -19.30 -39.05 53.79
N PHE B 391 -18.92 -39.47 52.58
CA PHE B 391 -17.89 -38.75 51.82
C PHE B 391 -18.25 -37.29 51.66
N VAL B 392 -19.47 -37.03 51.22
CA VAL B 392 -19.96 -35.66 51.02
C VAL B 392 -19.97 -34.88 52.35
N GLU B 393 -20.54 -35.48 53.38
CA GLU B 393 -20.67 -34.81 54.67
C GLU B 393 -19.29 -34.49 55.23
N SER B 394 -18.35 -35.42 55.10
CA SER B 394 -16.99 -35.24 55.60
C SER B 394 -16.24 -34.19 54.79
N PHE B 395 -16.25 -34.35 53.46
CA PHE B 395 -15.50 -33.44 52.62
C PHE B 395 -16.09 -32.01 52.59
N THR B 396 -17.39 -31.90 52.89
CA THR B 396 -18.01 -30.58 53.02
C THR B 396 -17.48 -29.85 54.26
N ARG B 397 -17.15 -30.62 55.31
CA ARG B 397 -16.55 -30.09 56.55
C ARG B 397 -15.04 -29.81 56.52
N GLN B 398 -14.28 -30.49 55.65
CA GLN B 398 -12.83 -30.40 55.73
C GLN B 398 -12.29 -29.22 54.95
N ILE B 399 -11.50 -28.38 55.62
CA ILE B 399 -10.91 -27.20 54.99
C ILE B 399 -9.80 -27.55 54.01
N ALA B 400 -9.79 -26.88 52.86
CA ALA B 400 -8.67 -26.99 51.93
C ALA B 400 -7.61 -25.92 52.25
N GLY B 401 -6.44 -26.06 51.64
CA GLY B 401 -5.34 -25.16 51.85
C GLY B 401 -5.36 -23.93 50.94
N ARG B 402 -4.71 -22.87 51.41
CA ARG B 402 -4.60 -21.65 50.65
C ARG B 402 -3.61 -21.89 49.53
N VAL B 403 -3.86 -21.29 48.37
CA VAL B 403 -3.04 -21.52 47.19
C VAL B 403 -1.94 -20.48 47.05
N ALA B 404 -2.26 -19.19 47.09
CA ALA B 404 -1.25 -18.14 47.05
C ALA B 404 -0.73 -17.93 48.47
N GLY B 405 0.21 -17.02 48.66
CA GLY B 405 0.81 -16.80 49.99
C GLY B 405 2.08 -17.58 50.33
N GLY B 406 2.39 -18.59 49.53
CA GLY B 406 3.66 -19.33 49.63
C GLY B 406 3.62 -20.54 50.55
N ARG B 407 4.62 -21.40 50.38
CA ARG B 407 5.00 -22.42 51.37
C ARG B 407 3.84 -23.25 51.84
N ASN B 408 3.03 -23.72 50.92
CA ASN B 408 1.89 -24.54 51.28
C ASN B 408 1.60 -25.67 50.29
N VAL B 409 2.61 -26.09 49.51
CA VAL B 409 2.50 -27.30 48.72
C VAL B 409 2.88 -28.50 49.60
N PRO B 410 1.99 -29.51 49.70
CA PRO B 410 2.34 -30.69 50.50
C PRO B 410 3.54 -31.42 49.95
N ILE B 411 4.39 -31.95 50.82
CA ILE B 411 5.57 -32.69 50.38
C ILE B 411 5.19 -33.98 49.62
N ALA B 412 4.05 -34.58 49.96
CA ALA B 412 3.61 -35.81 49.29
C ALA B 412 3.58 -35.63 47.75
N VAL B 413 3.47 -34.40 47.31
CA VAL B 413 3.30 -34.10 45.90
C VAL B 413 4.42 -33.17 45.38
N GLN B 414 5.55 -33.13 46.08
CA GLN B 414 6.64 -32.21 45.74
C GLN B 414 7.22 -32.44 44.35
N ALA B 415 7.20 -33.69 43.88
CA ALA B 415 7.67 -34.02 42.53
C ALA B 415 6.78 -33.39 41.46
N VAL B 416 5.51 -33.18 41.77
CA VAL B 416 4.57 -32.59 40.83
C VAL B 416 4.81 -31.10 40.73
N ALA B 417 5.21 -30.47 41.84
CA ALA B 417 5.56 -29.06 41.85
C ALA B 417 6.91 -28.84 41.18
N LYS B 418 7.85 -29.76 41.37
CA LYS B 418 9.12 -29.69 40.66
C LYS B 418 8.90 -29.78 39.15
N ALA B 419 8.04 -30.70 38.73
CA ALA B 419 7.80 -30.92 37.31
C ALA B 419 7.12 -29.72 36.67
N SER B 420 6.27 -29.03 37.43
CA SER B 420 5.66 -27.80 36.97
C SER B 420 6.71 -26.76 36.66
N ILE B 421 7.69 -26.62 37.55
CA ILE B 421 8.76 -25.64 37.32
C ILE B 421 9.58 -26.07 36.11
N ASP B 422 9.98 -27.33 36.10
CA ASP B 422 10.88 -27.87 35.09
C ASP B 422 10.24 -27.89 33.70
N GLN B 423 8.95 -28.19 33.61
CA GLN B 423 8.30 -28.26 32.30
C GLN B 423 7.92 -26.89 31.74
N SER B 424 7.70 -25.90 32.60
CA SER B 424 7.56 -24.51 32.15
C SER B 424 8.82 -24.03 31.43
N ARG B 425 9.96 -24.36 32.01
CA ARG B 425 11.24 -24.04 31.43
C ARG B 425 11.46 -24.79 30.14
N GLU B 426 11.17 -26.09 30.14
CA GLU B 426 11.28 -26.91 28.94
C GLU B 426 10.44 -26.32 27.78
N MET B 427 9.26 -25.83 28.12
CA MET B 427 8.36 -25.21 27.16
C MET B 427 8.71 -23.73 26.90
N LYS B 428 9.80 -23.26 27.49
CA LYS B 428 10.31 -21.91 27.24
C LYS B 428 9.29 -20.81 27.53
N TYR B 429 8.59 -20.88 28.67
CA TYR B 429 7.70 -19.81 29.10
C TYR B 429 8.50 -18.50 29.27
N GLN B 430 7.86 -17.39 28.89
CA GLN B 430 8.34 -16.06 29.23
C GLN B 430 8.13 -15.83 30.72
N SER B 431 8.63 -14.69 31.23
CA SER B 431 8.72 -14.47 32.66
C SER B 431 7.37 -14.07 33.23
N LEU B 432 7.23 -14.21 34.55
CA LEU B 432 6.06 -13.70 35.26
C LEU B 432 5.65 -12.36 34.71
N ASN B 433 6.58 -11.40 34.71
CA ASN B 433 6.27 -10.02 34.35
C ASN B 433 5.83 -9.82 32.91
N GLU B 434 6.35 -10.64 32.00
CA GLU B 434 5.89 -10.61 30.62
C GLU B 434 4.44 -11.01 30.56
N TYR B 435 4.06 -12.04 31.33
CA TYR B 435 2.67 -12.51 31.40
C TYR B 435 1.75 -11.51 32.09
N ARG B 436 2.27 -10.76 33.05
CA ARG B 436 1.50 -9.71 33.71
C ARG B 436 1.10 -8.60 32.73
N LYS B 437 2.04 -8.13 31.91
CA LYS B 437 1.73 -7.17 30.85
C LYS B 437 0.77 -7.75 29.83
N ARG B 438 1.00 -9.01 29.44
CA ARG B 438 0.11 -9.70 28.51
C ARG B 438 -1.35 -9.59 28.92
N PHE B 439 -1.64 -9.66 30.22
CA PHE B 439 -3.01 -9.50 30.74
C PHE B 439 -3.25 -8.15 31.44
N SER B 440 -2.57 -7.12 30.92
CA SER B 440 -2.77 -5.73 31.35
C SER B 440 -2.57 -5.48 32.83
N LEU B 441 -1.66 -6.22 33.46
CA LEU B 441 -1.24 -5.92 34.83
C LEU B 441 0.08 -5.15 34.84
N LYS B 442 0.28 -4.40 35.92
CA LYS B 442 1.50 -3.63 36.13
C LYS B 442 2.63 -4.60 36.53
N PRO B 443 3.77 -4.57 35.83
CA PRO B 443 4.84 -5.48 36.27
C PRO B 443 5.26 -5.22 37.73
N TYR B 444 5.63 -6.26 38.48
CA TYR B 444 6.20 -6.04 39.81
C TYR B 444 7.59 -5.47 39.69
N THR B 445 7.94 -4.58 40.63
CA THR B 445 9.25 -3.89 40.62
C THR B 445 10.23 -4.49 41.64
N SER B 446 9.75 -5.40 42.46
CA SER B 446 10.60 -6.09 43.42
C SER B 446 9.91 -7.38 43.84
N PHE B 447 10.65 -8.20 44.58
CA PHE B 447 10.12 -9.46 45.09
C PHE B 447 9.23 -9.22 46.31
N GLU B 448 9.55 -8.18 47.08
CA GLU B 448 8.71 -7.75 48.19
C GLU B 448 7.32 -7.34 47.69
N GLU B 449 7.25 -6.65 46.56
CA GLU B 449 5.95 -6.30 45.96
C GLU B 449 5.18 -7.58 45.59
N LEU B 450 5.87 -8.52 44.95
CA LEU B 450 5.28 -9.83 44.64
C LEU B 450 4.71 -10.53 45.86
N THR B 451 5.54 -10.75 46.89
CA THR B 451 5.16 -11.58 48.03
C THR B 451 4.41 -10.85 49.14
N GLY B 452 4.65 -9.54 49.28
CA GLY B 452 4.03 -8.75 50.36
C GLY B 452 4.61 -9.04 51.74
N GLU B 453 5.79 -9.65 51.77
CA GLU B 453 6.53 -9.90 53.00
C GLU B 453 8.01 -9.86 52.64
N LYS B 454 8.88 -10.20 53.59
CA LYS B 454 10.30 -9.95 53.42
C LYS B 454 11.14 -11.22 53.31
N GLU B 455 10.70 -12.32 53.93
CA GLU B 455 11.51 -13.54 54.04
C GLU B 455 11.59 -14.34 52.74
N MET B 456 10.44 -14.77 52.21
CA MET B 456 10.41 -15.44 50.91
C MET B 456 10.96 -14.53 49.81
N ALA B 457 10.58 -13.25 49.85
CA ALA B 457 11.11 -12.24 48.92
C ALA B 457 12.64 -12.23 48.88
N ALA B 458 13.28 -12.25 50.04
CA ALA B 458 14.76 -12.25 50.14
C ALA B 458 15.37 -13.52 49.56
N GLU B 459 14.80 -14.68 49.87
CA GLU B 459 15.21 -15.96 49.25
C GLU B 459 15.06 -15.93 47.73
N LEU B 460 13.96 -15.39 47.23
CA LEU B 460 13.75 -15.32 45.78
C LEU B 460 14.78 -14.40 45.09
N LYS B 461 15.06 -13.25 45.69
CA LYS B 461 16.11 -12.37 45.16
C LYS B 461 17.46 -13.08 45.08
N ALA B 462 17.85 -13.80 46.11
CA ALA B 462 19.13 -14.52 46.10
C ALA B 462 19.20 -15.53 44.95
N LEU B 463 18.06 -16.10 44.59
CA LEU B 463 17.99 -17.08 43.52
C LEU B 463 17.88 -16.44 42.12
N TYR B 464 16.91 -15.55 41.93
CA TYR B 464 16.64 -15.00 40.60
C TYR B 464 17.42 -13.73 40.29
N SER B 465 17.91 -13.04 41.34
CA SER B 465 18.57 -11.73 41.21
C SER B 465 17.67 -10.58 40.72
N ASP B 466 16.94 -10.80 39.62
CA ASP B 466 16.10 -9.76 39.00
C ASP B 466 14.62 -10.16 38.97
N ILE B 467 13.74 -9.26 39.42
CA ILE B 467 12.29 -9.52 39.41
C ILE B 467 11.77 -9.83 38.01
N ASP B 468 12.38 -9.21 36.98
CA ASP B 468 11.99 -9.45 35.58
C ASP B 468 12.27 -10.89 35.09
N VAL B 469 13.05 -11.63 35.86
CA VAL B 469 13.44 -13.00 35.54
C VAL B 469 12.63 -14.01 36.34
N MET B 470 11.76 -13.52 37.22
CA MET B 470 10.89 -14.40 38.01
C MET B 470 9.92 -15.17 37.09
N GLU B 471 9.64 -16.42 37.47
CA GLU B 471 8.86 -17.34 36.65
C GLU B 471 7.40 -17.33 37.06
N LEU B 472 6.53 -17.63 36.11
CA LEU B 472 5.10 -17.59 36.33
C LEU B 472 4.64 -18.53 37.43
N TYR B 473 4.91 -19.82 37.27
CA TYR B 473 4.34 -20.83 38.18
C TYR B 473 4.67 -20.59 39.68
N PRO B 474 5.95 -20.43 40.02
CA PRO B 474 6.26 -20.15 41.44
C PRO B 474 5.67 -18.84 41.95
N ALA B 475 5.59 -17.84 41.08
CA ALA B 475 5.01 -16.54 41.47
C ALA B 475 3.57 -16.71 41.90
N LEU B 476 2.82 -17.51 41.15
CA LEU B 476 1.41 -17.70 41.48
C LEU B 476 1.24 -18.26 42.90
N LEU B 477 2.15 -19.13 43.31
CA LEU B 477 2.02 -19.82 44.58
C LEU B 477 2.61 -19.02 45.74
N VAL B 478 3.37 -17.98 45.39
CA VAL B 478 4.11 -17.18 46.35
C VAL B 478 3.56 -15.75 46.44
N GLU B 479 2.74 -15.38 45.45
CA GLU B 479 2.18 -14.04 45.37
C GLU B 479 1.42 -13.69 46.63
N LYS B 480 1.46 -12.40 47.00
CA LYS B 480 0.63 -11.87 48.06
C LYS B 480 -0.83 -12.15 47.73
N PRO B 481 -1.54 -12.79 48.64
CA PRO B 481 -2.97 -12.96 48.40
C PRO B 481 -3.75 -11.65 48.55
N ARG B 482 -4.91 -11.57 47.92
CA ARG B 482 -5.88 -10.53 48.28
C ARG B 482 -6.30 -10.72 49.74
N PRO B 483 -6.79 -9.65 50.39
CA PRO B 483 -7.13 -9.73 51.82
C PRO B 483 -8.02 -10.92 52.11
N ASP B 484 -7.55 -11.79 52.99
CA ASP B 484 -8.31 -13.00 53.37
C ASP B 484 -8.83 -13.80 52.17
N ALA B 485 -8.12 -13.75 51.05
CA ALA B 485 -8.51 -14.48 49.85
C ALA B 485 -7.54 -15.62 49.52
N ILE B 486 -8.02 -16.55 48.71
CA ILE B 486 -7.28 -17.76 48.33
C ILE B 486 -6.15 -17.52 47.33
N PHE B 487 -6.30 -16.50 46.47
CA PHE B 487 -5.35 -16.20 45.39
C PHE B 487 -4.85 -14.76 45.41
N GLY B 488 -3.72 -14.54 44.75
CA GLY B 488 -3.25 -13.20 44.42
C GLY B 488 -3.77 -12.69 43.06
N GLU B 489 -3.35 -11.47 42.73
CA GLU B 489 -3.83 -10.73 41.55
C GLU B 489 -3.65 -11.49 40.25
N THR B 490 -2.45 -12.01 40.04
CA THR B 490 -2.08 -12.64 38.78
C THR B 490 -2.97 -13.85 38.48
N MET B 491 -3.22 -14.69 39.48
CA MET B 491 -4.07 -15.89 39.31
C MET B 491 -5.43 -15.51 38.77
N VAL B 492 -6.06 -14.52 39.39
CA VAL B 492 -7.39 -14.09 38.99
C VAL B 492 -7.36 -13.48 37.59
N GLU B 493 -6.37 -12.64 37.29
CA GLU B 493 -6.37 -11.87 36.04
C GLU B 493 -6.01 -12.68 34.80
N LEU B 494 -5.19 -13.72 34.95
CA LEU B 494 -4.96 -14.68 33.86
C LEU B 494 -6.02 -15.79 33.86
N GLY B 495 -6.46 -16.18 35.04
CA GLY B 495 -7.40 -17.29 35.19
C GLY B 495 -8.79 -16.97 34.67
N ALA B 496 -9.28 -15.78 35.00
CA ALA B 496 -10.65 -15.44 34.63
C ALA B 496 -10.87 -15.42 33.09
N PRO B 497 -9.90 -14.90 32.31
CA PRO B 497 -10.04 -14.93 30.85
C PRO B 497 -10.08 -16.33 30.25
N PHE B 498 -9.10 -17.16 30.58
CA PHE B 498 -9.08 -18.56 30.11
C PHE B 498 -10.38 -19.31 30.47
N SER B 499 -10.78 -19.19 31.73
CA SER B 499 -11.91 -19.94 32.27
C SER B 499 -13.23 -19.59 31.61
N LEU B 500 -13.56 -18.31 31.58
CA LEU B 500 -14.85 -17.88 31.03
C LEU B 500 -14.97 -18.14 29.52
N LYS B 501 -13.87 -18.01 28.78
CA LYS B 501 -13.84 -18.30 27.35
C LYS B 501 -14.17 -19.78 27.13
N GLY B 502 -13.60 -20.63 27.96
CA GLY B 502 -13.82 -22.07 27.86
C GLY B 502 -15.25 -22.46 28.20
N LEU B 503 -15.85 -21.73 29.12
CA LEU B 503 -17.23 -21.98 29.54
C LEU B 503 -18.25 -21.45 28.52
N MET B 504 -18.10 -20.19 28.11
CA MET B 504 -19.02 -19.56 27.16
C MET B 504 -18.72 -19.87 25.68
N GLY B 505 -17.50 -20.35 25.40
CA GLY B 505 -17.15 -20.80 24.07
C GLY B 505 -17.86 -22.05 23.59
N ASN B 506 -18.47 -22.81 24.49
CA ASN B 506 -19.06 -24.10 24.16
C ASN B 506 -20.15 -23.96 23.08
N PRO B 507 -20.28 -24.93 22.16
CA PRO B 507 -21.32 -24.73 21.15
C PRO B 507 -22.75 -24.67 21.72
N ILE B 508 -23.01 -25.31 22.86
CA ILE B 508 -24.36 -25.25 23.47
C ILE B 508 -24.76 -23.84 23.88
N CYS B 509 -23.78 -22.95 24.02
CA CYS B 509 -24.03 -21.55 24.31
C CYS B 509 -24.31 -20.70 23.09
N SER B 510 -24.15 -21.27 21.90
CA SER B 510 -24.44 -20.55 20.67
C SER B 510 -25.96 -20.46 20.48
N PRO B 511 -26.43 -19.40 19.80
CA PRO B 511 -27.86 -19.20 19.68
C PRO B 511 -28.63 -20.34 18.98
N GLN B 512 -27.97 -21.14 18.14
CA GLN B 512 -28.67 -22.24 17.46
C GLN B 512 -28.84 -23.45 18.36
N TYR B 513 -27.99 -23.57 19.37
CA TYR B 513 -28.05 -24.67 20.33
C TYR B 513 -28.89 -24.32 21.56
N TRP B 514 -28.87 -23.04 21.95
CA TRP B 514 -29.44 -22.64 23.23
C TRP B 514 -30.91 -22.36 23.11
N LYS B 515 -31.68 -23.43 23.03
CA LYS B 515 -33.12 -23.35 23.00
C LYS B 515 -33.64 -24.69 23.53
N PRO B 516 -34.91 -24.74 23.96
CA PRO B 516 -35.41 -25.95 24.64
C PRO B 516 -35.28 -27.27 23.87
N SER B 517 -35.52 -27.23 22.57
CA SER B 517 -35.58 -28.44 21.74
C SER B 517 -34.24 -29.16 21.67
N THR B 518 -33.15 -28.40 21.82
CA THR B 518 -31.81 -28.98 21.91
C THR B 518 -31.72 -29.96 23.06
N PHE B 519 -32.45 -29.71 24.15
CA PHE B 519 -32.31 -30.49 25.35
C PHE B 519 -33.58 -31.30 25.70
N GLY B 520 -34.39 -31.61 24.68
CA GLY B 520 -35.55 -32.46 24.85
C GLY B 520 -36.81 -31.77 25.33
N GLY B 521 -36.81 -30.43 25.27
CA GLY B 521 -37.94 -29.62 25.70
C GLY B 521 -37.65 -28.76 26.92
N GLU B 522 -38.70 -28.10 27.41
CA GLU B 522 -38.59 -27.24 28.58
C GLU B 522 -38.17 -28.02 29.84
N VAL B 523 -38.59 -29.28 29.96
CA VAL B 523 -38.17 -30.11 31.09
C VAL B 523 -36.65 -30.30 31.10
N GLY B 524 -36.10 -30.63 29.94
CA GLY B 524 -34.64 -30.76 29.84
C GLY B 524 -33.93 -29.44 30.07
N PHE B 525 -34.51 -28.35 29.56
CA PHE B 525 -33.89 -27.02 29.60
C PHE B 525 -33.85 -26.50 31.04
N LYS B 526 -34.91 -26.80 31.78
CA LYS B 526 -35.03 -26.42 33.20
C LYS B 526 -33.94 -27.08 34.05
N ILE B 527 -33.58 -28.31 33.70
CA ILE B 527 -32.57 -29.04 34.45
C ILE B 527 -31.23 -28.30 34.42
N ILE B 528 -30.86 -27.77 33.26
CA ILE B 528 -29.67 -26.94 33.14
C ILE B 528 -29.86 -25.67 33.97
N ASN B 529 -30.94 -24.96 33.72
CA ASN B 529 -31.15 -23.62 34.28
C ASN B 529 -31.42 -23.55 35.80
N THR B 530 -31.71 -24.69 36.42
CA THR B 530 -31.85 -24.80 37.88
C THR B 530 -30.71 -25.59 38.54
N ALA B 531 -29.71 -26.01 37.77
CA ALA B 531 -28.63 -26.83 38.32
C ALA B 531 -27.81 -26.09 39.38
N SER B 532 -27.38 -26.84 40.39
CA SER B 532 -26.50 -26.31 41.43
C SER B 532 -25.72 -27.45 42.05
N ILE B 533 -24.63 -27.13 42.73
CA ILE B 533 -23.84 -28.17 43.40
C ILE B 533 -24.73 -28.85 44.44
N GLN B 534 -25.54 -28.08 45.16
CA GLN B 534 -26.44 -28.68 46.13
C GLN B 534 -27.42 -29.67 45.48
N SER B 535 -28.01 -29.30 44.34
CA SER B 535 -29.04 -30.14 43.74
C SER B 535 -28.42 -31.40 43.12
N LEU B 536 -27.22 -31.27 42.57
CA LEU B 536 -26.48 -32.43 42.02
C LEU B 536 -26.31 -33.53 43.08
N ILE B 537 -25.86 -33.12 44.26
CA ILE B 537 -25.68 -34.04 45.40
C ILE B 537 -27.03 -34.51 45.97
N CYS B 538 -28.02 -33.62 45.99
CA CYS B 538 -29.31 -33.93 46.60
C CYS B 538 -30.08 -34.99 45.82
N ASN B 539 -29.94 -34.97 44.51
CA ASN B 539 -30.66 -35.90 43.64
C ASN B 539 -29.99 -37.25 43.47
N ASN B 540 -28.71 -37.35 43.83
CA ASN B 540 -27.90 -38.53 43.52
C ASN B 540 -27.15 -39.15 44.69
N VAL B 541 -27.26 -38.55 45.87
CA VAL B 541 -26.59 -39.06 47.07
C VAL B 541 -27.66 -39.33 48.12
N LYS B 542 -27.65 -40.55 48.65
CA LYS B 542 -28.69 -41.01 49.59
C LYS B 542 -28.80 -40.10 50.81
N GLY B 543 -30.03 -39.69 51.11
CA GLY B 543 -30.32 -38.86 52.28
C GLY B 543 -30.23 -37.38 52.00
N CYS B 544 -30.03 -36.99 50.74
CA CYS B 544 -29.85 -35.59 50.33
C CYS B 544 -29.02 -34.79 51.34
N PRO B 545 -27.73 -35.13 51.48
CA PRO B 545 -26.92 -34.42 52.47
C PRO B 545 -26.65 -33.00 52.03
N PHE B 546 -26.56 -32.10 52.99
CA PHE B 546 -26.18 -30.73 52.68
C PHE B 546 -24.79 -30.71 52.04
N THR B 547 -24.59 -29.81 51.09
CA THR B 547 -23.24 -29.56 50.59
C THR B 547 -23.09 -28.15 50.04
N SER B 548 -21.82 -27.79 49.88
CA SER B 548 -21.42 -26.45 49.49
C SER B 548 -19.93 -26.53 49.19
N PHE B 549 -19.40 -25.47 48.60
CA PHE B 549 -17.97 -25.41 48.30
C PHE B 549 -17.18 -24.76 49.44
N ASN B 550 -17.87 -24.20 50.42
CA ASN B 550 -17.20 -23.64 51.59
C ASN B 550 -17.51 -24.39 52.89
N VAL B 551 -16.53 -24.43 53.78
CA VAL B 551 -16.68 -25.06 55.07
C VAL B 551 -17.74 -24.27 55.85
N GLN B 552 -18.79 -24.97 56.28
CA GLN B 552 -19.97 -24.30 56.84
C GLN B 552 -19.74 -23.89 58.30
N ALA C 1 -9.88 48.63 -29.42
CA ALA C 1 -9.61 49.50 -28.24
C ALA C 1 -8.13 49.47 -27.82
N ASN C 2 -7.62 48.29 -27.46
CA ASN C 2 -6.19 48.13 -27.16
C ASN C 2 -5.34 48.71 -28.31
N PRO C 3 -4.43 49.65 -28.02
CA PRO C 3 -3.68 50.32 -29.09
C PRO C 3 -2.55 49.47 -29.69
N CYS C 4 -2.23 48.33 -29.08
CA CYS C 4 -1.24 47.40 -29.61
C CYS C 4 -1.87 46.37 -30.56
N CYS C 5 -3.15 46.56 -30.89
CA CYS C 5 -3.89 45.62 -31.75
C CYS C 5 -3.31 45.51 -33.15
N SER C 6 -2.70 46.57 -33.66
CA SER C 6 -2.13 46.55 -35.02
C SER C 6 -0.78 45.84 -35.11
N ASN C 7 -0.31 45.25 -34.01
CA ASN C 7 1.05 44.68 -33.95
C ASN C 7 2.05 45.67 -34.53
N PRO C 8 2.11 46.89 -33.97
CA PRO C 8 2.93 47.95 -34.55
C PRO C 8 4.44 47.79 -34.37
N CYS C 9 4.89 47.08 -33.34
CA CYS C 9 6.32 46.99 -33.07
C CYS C 9 6.96 45.88 -33.90
N GLN C 10 8.03 46.23 -34.60
CA GLN C 10 8.69 45.32 -35.53
C GLN C 10 10.02 44.80 -34.98
N ASN C 11 10.51 43.75 -35.61
CA ASN C 11 11.80 43.15 -35.26
C ASN C 11 11.92 42.74 -33.78
N ARG C 12 10.90 42.02 -33.30
CA ARG C 12 10.87 41.43 -31.94
C ARG C 12 10.80 42.47 -30.80
N GLY C 13 10.52 43.72 -31.14
CA GLY C 13 10.28 44.73 -30.12
C GLY C 13 8.93 44.47 -29.48
N GLU C 14 8.76 44.93 -28.25
CA GLU C 14 7.58 44.58 -27.47
C GLU C 14 6.67 45.81 -27.26
N CYS C 15 5.38 45.63 -27.57
CA CYS C 15 4.42 46.71 -27.51
C CYS C 15 3.82 46.81 -26.14
N MET C 16 3.69 48.03 -25.64
CA MET C 16 3.06 48.29 -24.37
C MET C 16 2.19 49.53 -24.53
N SER C 17 0.96 49.46 -24.05
CA SER C 17 0.05 50.61 -24.05
C SER C 17 0.52 51.64 -23.02
N THR C 18 0.39 52.92 -23.36
CA THR C 18 0.83 54.00 -22.50
C THR C 18 -0.34 54.95 -22.21
N GLY C 19 -1.55 54.43 -22.27
CA GLY C 19 -2.76 55.24 -22.24
C GLY C 19 -3.84 54.57 -23.09
N PHE C 20 -5.04 55.14 -23.09
CA PHE C 20 -6.20 54.50 -23.72
C PHE C 20 -6.09 54.31 -25.23
N ASP C 21 -5.39 55.24 -25.90
CA ASP C 21 -5.19 55.19 -27.35
C ASP C 21 -3.72 55.38 -27.77
N GLN C 22 -2.78 55.08 -26.87
CA GLN C 22 -1.36 55.28 -27.14
C GLN C 22 -0.54 54.02 -26.82
N TYR C 23 0.60 53.87 -27.50
CA TYR C 23 1.50 52.76 -27.23
C TYR C 23 2.97 53.17 -27.29
N LYS C 24 3.81 52.33 -26.71
CA LYS C 24 5.25 52.51 -26.73
C LYS C 24 5.87 51.18 -27.12
N CYS C 25 6.88 51.21 -27.98
CA CYS C 25 7.64 50.00 -28.29
C CYS C 25 8.91 49.99 -27.45
N ASP C 26 9.25 48.81 -26.94
CA ASP C 26 10.53 48.59 -26.27
C ASP C 26 11.43 47.87 -27.26
N CYS C 27 12.43 48.59 -27.76
CA CYS C 27 13.33 48.08 -28.80
C CYS C 27 14.63 47.53 -28.22
N THR C 28 14.69 47.35 -26.90
CA THR C 28 15.85 46.78 -26.22
C THR C 28 16.40 45.53 -26.92
N ARG C 29 17.65 45.63 -27.36
CA ARG C 29 18.40 44.54 -27.96
C ARG C 29 17.80 43.95 -29.24
N THR C 30 16.89 44.66 -29.87
CA THR C 30 16.36 44.24 -31.16
C THR C 30 17.34 44.51 -32.29
N GLY C 31 18.32 45.37 -32.05
CA GLY C 31 19.23 45.82 -33.10
C GLY C 31 18.63 46.97 -33.89
N PHE C 32 17.45 47.43 -33.46
CA PHE C 32 16.70 48.48 -34.16
C PHE C 32 16.30 49.54 -33.14
N TYR C 33 15.85 50.69 -33.63
CA TYR C 33 15.27 51.72 -32.77
C TYR C 33 14.22 52.49 -33.56
N GLY C 34 13.70 53.58 -33.01
CA GLY C 34 12.59 54.29 -33.62
C GLY C 34 11.28 53.94 -32.93
N GLU C 35 10.19 54.57 -33.34
CA GLU C 35 8.89 54.38 -32.69
C GLU C 35 8.36 52.94 -32.78
N ASN C 36 8.66 52.27 -33.89
CA ASN C 36 8.17 50.93 -34.15
C ASN C 36 9.32 49.92 -34.29
N CYS C 37 10.50 50.31 -33.82
CA CYS C 37 11.72 49.49 -33.96
C CYS C 37 11.98 49.08 -35.40
N THR C 38 11.92 50.05 -36.32
CA THR C 38 12.24 49.81 -37.74
C THR C 38 13.53 50.48 -38.22
N THR C 39 14.04 51.45 -37.46
CA THR C 39 15.29 52.13 -37.80
C THR C 39 16.47 51.31 -37.27
N PRO C 40 17.25 50.71 -38.19
CA PRO C 40 18.29 49.78 -37.78
C PRO C 40 19.55 50.48 -37.26
N GLU C 41 20.22 49.83 -36.30
CA GLU C 41 21.51 50.28 -35.82
C GLU C 41 22.56 49.96 -36.88
N PHE C 42 23.77 50.51 -36.74
CA PHE C 42 24.74 50.41 -37.81
C PHE C 42 25.19 48.98 -38.09
N LEU C 43 25.66 48.28 -37.05
CA LEU C 43 26.06 46.89 -37.20
C LEU C 43 24.95 46.04 -37.82
N THR C 44 23.70 46.42 -37.57
CA THR C 44 22.53 45.69 -38.08
C THR C 44 22.26 45.91 -39.57
N ARG C 45 22.63 47.08 -40.10
CA ARG C 45 22.52 47.34 -41.53
C ARG C 45 23.41 46.35 -42.28
N ILE C 46 24.62 46.18 -41.79
CA ILE C 46 25.61 45.31 -42.41
C ILE C 46 25.13 43.86 -42.37
N LYS C 47 24.84 43.38 -41.17
CA LYS C 47 24.35 42.02 -40.98
C LYS C 47 23.11 41.70 -41.83
N LEU C 48 22.27 42.69 -42.09
CA LEU C 48 21.11 42.51 -42.98
C LEU C 48 21.53 42.34 -44.44
N LEU C 49 22.45 43.19 -44.90
CA LEU C 49 22.95 43.12 -46.27
C LEU C 49 23.63 41.78 -46.59
N LEU C 50 24.39 41.26 -45.63
CA LEU C 50 25.16 40.02 -45.84
C LEU C 50 24.29 38.77 -45.78
N LYS C 51 23.35 38.75 -44.84
CA LYS C 51 22.51 37.56 -44.59
C LYS C 51 21.78 37.08 -45.85
N PRO C 52 22.07 35.83 -46.28
CA PRO C 52 21.37 35.28 -47.44
C PRO C 52 19.98 34.79 -47.04
N THR C 53 19.07 34.73 -48.00
CA THR C 53 17.67 34.32 -47.74
C THR C 53 17.59 32.80 -47.51
N PRO C 54 16.69 32.35 -46.61
CA PRO C 54 16.49 30.92 -46.38
C PRO C 54 16.46 30.08 -47.66
N ASN C 55 15.77 30.56 -48.69
CA ASN C 55 15.68 29.84 -49.97
C ASN C 55 17.04 29.73 -50.67
N THR C 56 17.92 30.72 -50.48
CA THR C 56 19.27 30.66 -51.02
C THR C 56 20.10 29.62 -50.29
N VAL C 57 20.09 29.66 -48.96
CA VAL C 57 20.84 28.72 -48.14
C VAL C 57 20.31 27.29 -48.31
N HIS C 58 18.99 27.15 -48.39
CA HIS C 58 18.38 25.86 -48.70
C HIS C 58 18.84 25.31 -50.06
N TYR C 59 19.06 26.19 -51.04
CA TYR C 59 19.59 25.75 -52.33
C TYR C 59 20.98 25.15 -52.14
N ILE C 60 21.85 25.90 -51.46
CA ILE C 60 23.24 25.49 -51.27
C ILE C 60 23.36 24.19 -50.47
N LEU C 61 22.52 24.02 -49.47
CA LEU C 61 22.55 22.85 -48.60
C LEU C 61 22.01 21.59 -49.28
N THR C 62 21.30 21.76 -50.40
CA THR C 62 20.75 20.61 -51.16
C THR C 62 21.38 20.44 -52.55
N HIS C 63 22.50 21.13 -52.79
CA HIS C 63 23.28 20.95 -54.03
C HIS C 63 24.76 20.72 -53.67
N PHE C 64 25.65 20.77 -54.66
CA PHE C 64 27.10 20.63 -54.43
C PHE C 64 27.42 19.38 -53.62
N LYS C 65 26.82 18.26 -53.99
CA LYS C 65 26.92 17.02 -53.22
C LYS C 65 28.38 16.60 -52.99
N GLY C 66 29.23 16.88 -53.98
CA GLY C 66 30.66 16.53 -53.90
C GLY C 66 31.43 17.30 -52.84
N VAL C 67 31.15 18.59 -52.71
CA VAL C 67 31.84 19.44 -51.71
C VAL C 67 31.40 19.05 -50.30
N TRP C 68 30.10 18.86 -50.11
CA TRP C 68 29.56 18.44 -48.81
C TRP C 68 30.10 17.07 -48.41
N ASN C 69 30.27 16.20 -49.39
CA ASN C 69 30.89 14.90 -49.15
C ASN C 69 32.27 15.09 -48.53
N ILE C 70 33.02 16.07 -49.03
CA ILE C 70 34.34 16.38 -48.47
C ILE C 70 34.20 17.01 -47.08
N VAL C 71 33.27 17.96 -46.94
CA VAL C 71 33.02 18.61 -45.64
C VAL C 71 32.57 17.59 -44.59
N ASN C 72 31.69 16.68 -44.97
CA ASN C 72 31.22 15.64 -44.05
C ASN C 72 32.34 14.76 -43.50
N ASN C 73 33.45 14.65 -44.22
CA ASN C 73 34.60 13.86 -43.75
C ASN C 73 35.70 14.69 -43.07
N ILE C 74 35.43 15.96 -42.78
CA ILE C 74 36.34 16.80 -41.98
C ILE C 74 35.70 17.14 -40.63
N PRO C 75 36.02 16.36 -39.57
CA PRO C 75 35.39 16.49 -38.24
C PRO C 75 35.16 17.93 -37.75
N PHE C 76 36.21 18.74 -37.69
CA PHE C 76 36.11 20.05 -37.09
C PHE C 76 35.33 21.04 -37.93
N LEU C 77 35.23 20.78 -39.25
CA LEU C 77 34.39 21.59 -40.14
C LEU C 77 32.94 21.24 -39.93
N ARG C 78 32.65 19.95 -39.88
CA ARG C 78 31.31 19.46 -39.62
C ARG C 78 30.86 19.98 -38.27
N SER C 79 31.71 19.79 -37.26
CA SER C 79 31.42 20.23 -35.89
C SER C 79 31.09 21.71 -35.85
N LEU C 80 31.94 22.52 -36.49
CA LEU C 80 31.78 23.97 -36.54
C LEU C 80 30.50 24.44 -37.25
N ILE C 81 30.10 23.73 -38.31
CA ILE C 81 28.85 24.05 -39.03
C ILE C 81 27.62 23.72 -38.18
N MET C 82 27.59 22.50 -37.62
CA MET C 82 26.46 22.06 -36.79
C MET C 82 26.32 22.94 -35.55
N LYS C 83 27.46 23.33 -34.99
CA LYS C 83 27.50 24.21 -33.85
C LYS C 83 26.78 25.51 -34.18
N TYR C 84 27.06 26.04 -35.36
CA TYR C 84 26.42 27.27 -35.83
C TYR C 84 24.93 27.06 -36.06
N VAL C 85 24.51 25.90 -36.60
CA VAL C 85 23.07 25.71 -36.83
C VAL C 85 22.34 25.61 -35.49
N LEU C 86 22.94 24.91 -34.51
CA LEU C 86 22.34 24.81 -33.18
C LEU C 86 22.17 26.19 -32.54
N THR C 87 23.25 26.95 -32.46
CA THR C 87 23.21 28.23 -31.73
C THR C 87 22.32 29.24 -32.45
N SER C 88 22.48 29.33 -33.77
CA SER C 88 21.71 30.30 -34.58
C SER C 88 20.22 29.98 -34.59
N ARG C 89 19.87 28.70 -34.56
CA ARG C 89 18.48 28.34 -34.62
C ARG C 89 17.83 28.58 -33.27
N SER C 90 18.54 28.25 -32.20
CA SER C 90 17.99 28.34 -30.85
C SER C 90 17.80 29.79 -30.40
N TYR C 91 18.62 30.71 -30.90
CA TYR C 91 18.49 32.10 -30.52
C TYR C 91 17.14 32.66 -30.96
N LEU C 92 16.42 31.96 -31.86
CA LEU C 92 15.04 32.35 -32.24
C LEU C 92 14.00 32.04 -31.16
N ILE C 93 14.32 31.14 -30.23
CA ILE C 93 13.35 30.76 -29.20
C ILE C 93 13.58 31.55 -27.90
N ASP C 94 12.47 32.01 -27.30
CA ASP C 94 12.49 32.62 -25.97
C ASP C 94 12.64 31.55 -24.89
N SER C 95 13.72 31.61 -24.12
CA SER C 95 14.03 30.61 -23.11
C SER C 95 14.90 31.24 -22.02
N PRO C 96 14.38 31.41 -20.78
CA PRO C 96 13.07 31.05 -20.21
C PRO C 96 11.90 31.58 -21.02
N PRO C 97 10.79 30.82 -21.04
CA PRO C 97 9.68 31.14 -21.91
C PRO C 97 8.92 32.38 -21.45
N THR C 98 8.12 32.92 -22.36
CA THR C 98 7.41 34.16 -22.18
C THR C 98 5.91 33.97 -22.17
N TYR C 99 5.25 34.11 -23.33
CA TYR C 99 3.79 34.27 -23.38
C TYR C 99 3.04 32.93 -23.42
N ASN C 100 1.75 32.96 -23.13
CA ASN C 100 0.88 31.84 -23.44
C ASN C 100 -0.52 32.32 -23.89
N VAL C 101 -1.49 31.41 -24.00
CA VAL C 101 -2.82 31.76 -24.54
C VAL C 101 -3.54 32.89 -23.75
N HIS C 102 -3.32 32.96 -22.43
CA HIS C 102 -4.02 33.92 -21.60
C HIS C 102 -3.20 35.16 -21.26
N TYR C 103 -1.91 35.16 -21.62
CA TYR C 103 -1.04 36.31 -21.33
C TYR C 103 -0.31 36.84 -22.58
N GLY C 104 -0.65 38.05 -22.99
CA GLY C 104 0.05 38.77 -24.08
C GLY C 104 1.04 39.79 -23.56
N TYR C 105 1.43 39.59 -22.29
CA TYR C 105 2.49 40.32 -21.60
C TYR C 105 3.11 39.31 -20.63
N LYS C 106 4.36 39.54 -20.23
CA LYS C 106 5.05 38.56 -19.39
C LYS C 106 4.46 38.60 -17.98
N SER C 107 4.39 37.44 -17.33
CA SER C 107 3.87 37.36 -15.97
C SER C 107 4.43 36.16 -15.24
N TRP C 108 4.32 36.16 -13.92
CA TRP C 108 4.82 35.05 -13.17
C TRP C 108 3.97 33.81 -13.41
N GLU C 109 2.69 34.02 -13.70
CA GLU C 109 1.76 32.94 -14.03
C GLU C 109 2.12 32.28 -15.32
N ALA C 110 2.34 33.07 -16.37
CA ALA C 110 2.74 32.50 -17.65
C ALA C 110 4.07 31.79 -17.48
N PHE C 111 4.99 32.39 -16.73
CA PHE C 111 6.27 31.73 -16.54
C PHE C 111 6.15 30.41 -15.76
N SER C 112 5.41 30.42 -14.65
CA SER C 112 5.48 29.29 -13.68
C SER C 112 4.53 28.14 -13.94
N ASN C 113 3.42 28.41 -14.64
CA ASN C 113 2.38 27.42 -14.80
C ASN C 113 2.68 26.51 -15.98
N LEU C 114 3.15 25.32 -15.64
CA LEU C 114 3.57 24.33 -16.63
C LEU C 114 2.45 23.69 -17.45
N SER C 115 1.19 23.93 -17.07
CA SER C 115 0.05 23.32 -17.79
C SER C 115 -0.27 24.02 -19.10
N TYR C 116 0.22 25.24 -19.28
CA TYR C 116 0.06 25.98 -20.53
C TYR C 116 1.12 25.53 -21.52
N TYR C 117 0.74 25.48 -22.80
CA TYR C 117 1.74 25.57 -23.87
C TYR C 117 2.25 27.00 -23.85
N THR C 118 3.52 27.22 -24.18
CA THR C 118 4.02 28.59 -24.31
C THR C 118 3.65 29.10 -25.71
N ARG C 119 3.90 30.39 -25.96
CA ARG C 119 3.55 31.03 -27.23
C ARG C 119 4.70 31.81 -27.88
N ALA C 120 5.02 31.47 -29.13
CA ALA C 120 6.09 32.14 -29.87
C ALA C 120 5.73 33.59 -30.14
N LEU C 121 4.43 33.84 -30.30
CA LEU C 121 3.91 35.20 -30.39
C LEU C 121 2.73 35.31 -29.44
N PRO C 122 2.61 36.47 -28.75
CA PRO C 122 1.49 36.64 -27.83
C PRO C 122 0.16 36.58 -28.57
N PRO C 123 -0.92 36.22 -27.88
CA PRO C 123 -2.25 36.19 -28.46
C PRO C 123 -2.76 37.58 -28.80
N VAL C 124 -3.66 37.65 -29.78
CA VAL C 124 -4.34 38.88 -30.16
C VAL C 124 -5.36 39.20 -29.07
N ALA C 125 -5.32 40.44 -28.58
CA ALA C 125 -6.18 40.86 -27.46
C ALA C 125 -7.68 40.66 -27.74
N ASP C 126 -8.43 40.36 -26.68
CA ASP C 126 -9.85 40.02 -26.81
C ASP C 126 -10.72 41.17 -27.32
N ASP C 127 -10.27 42.41 -27.13
CA ASP C 127 -11.06 43.56 -27.56
C ASP C 127 -10.57 44.20 -28.87
N CYS C 128 -9.61 43.55 -29.54
CA CYS C 128 -9.19 44.02 -30.86
C CYS C 128 -10.37 43.92 -31.84
N PRO C 129 -10.48 44.89 -32.78
CA PRO C 129 -11.68 44.93 -33.62
C PRO C 129 -11.88 43.71 -34.55
N THR C 130 -10.78 43.15 -35.06
CA THR C 130 -10.84 41.94 -35.90
C THR C 130 -10.08 40.79 -35.25
N PRO C 131 -10.29 39.54 -35.72
CA PRO C 131 -9.58 38.41 -35.11
C PRO C 131 -8.06 38.49 -35.22
N MET C 132 -7.57 39.12 -36.27
CA MET C 132 -6.13 39.21 -36.51
C MET C 132 -5.50 40.48 -35.95
N GLY C 133 -6.32 41.36 -35.40
CA GLY C 133 -5.86 42.63 -34.85
C GLY C 133 -6.73 43.76 -35.34
N VAL C 134 -6.30 44.43 -36.40
CA VAL C 134 -7.11 45.49 -37.03
C VAL C 134 -7.48 45.18 -38.48
N LYS C 135 -6.67 44.35 -39.15
CA LYS C 135 -6.89 44.01 -40.55
C LYS C 135 -8.04 43.00 -40.73
N GLY C 136 -8.58 42.96 -41.94
CA GLY C 136 -9.59 41.97 -42.33
C GLY C 136 -11.02 42.32 -41.95
N ASN C 137 -11.90 41.33 -42.12
CA ASN C 137 -13.31 41.46 -41.75
C ASN C 137 -13.52 41.08 -40.30
N LYS C 138 -14.74 41.27 -39.79
CA LYS C 138 -15.04 41.07 -38.37
C LYS C 138 -14.97 39.58 -37.99
N GLU C 139 -15.36 38.73 -38.93
CA GLU C 139 -15.23 37.28 -38.77
C GLU C 139 -14.25 36.74 -39.81
N LEU C 140 -13.46 35.76 -39.41
CA LEU C 140 -12.57 35.03 -40.34
C LEU C 140 -13.42 34.15 -41.28
N PRO C 141 -12.84 33.76 -42.43
CA PRO C 141 -13.58 32.91 -43.37
C PRO C 141 -13.98 31.55 -42.77
N ASP C 142 -15.12 31.03 -43.19
CA ASP C 142 -15.67 29.79 -42.63
C ASP C 142 -14.64 28.67 -42.77
N SER C 143 -14.34 28.01 -41.65
CA SER C 143 -13.25 27.04 -41.62
C SER C 143 -13.58 25.82 -42.48
N LYS C 144 -14.86 25.45 -42.52
CA LYS C 144 -15.34 24.39 -43.42
C LYS C 144 -14.98 24.72 -44.88
N GLU C 145 -15.31 25.93 -45.30
CA GLU C 145 -14.99 26.41 -46.66
C GLU C 145 -13.48 26.33 -46.93
N VAL C 146 -12.66 26.78 -45.98
CA VAL C 146 -11.21 26.76 -46.16
C VAL C 146 -10.74 25.31 -46.27
N LEU C 147 -11.10 24.52 -45.27
CA LEU C 147 -10.81 23.08 -45.25
C LEU C 147 -11.14 22.43 -46.60
N GLU C 148 -12.36 22.64 -47.10
CA GLU C 148 -12.80 21.97 -48.31
C GLU C 148 -12.15 22.49 -49.59
N LYS C 149 -12.03 23.80 -49.72
CA LYS C 149 -11.48 24.40 -50.94
C LYS C 149 -9.98 24.10 -51.16
N VAL C 150 -9.18 24.10 -50.09
CA VAL C 150 -7.70 24.06 -50.26
C VAL C 150 -6.93 23.01 -49.49
N LEU C 151 -7.51 22.38 -48.48
CA LEU C 151 -6.78 21.39 -47.70
C LEU C 151 -7.08 19.93 -48.07
N LEU C 152 -8.34 19.62 -48.38
CA LEU C 152 -8.74 18.23 -48.56
C LEU C 152 -8.17 17.62 -49.83
N ARG C 153 -7.72 16.38 -49.68
CA ARG C 153 -7.15 15.60 -50.77
C ARG C 153 -8.23 15.24 -51.78
N ARG C 154 -7.94 15.43 -53.07
CA ARG C 154 -8.74 14.82 -54.14
C ARG C 154 -8.04 13.49 -54.48
N GLU C 155 -6.92 13.58 -55.20
CA GLU C 155 -6.05 12.42 -55.45
C GLU C 155 -4.83 12.50 -54.51
N PHE C 156 -4.35 11.34 -54.06
CA PHE C 156 -3.17 11.26 -53.22
C PHE C 156 -1.99 11.94 -53.92
N ILE C 157 -1.33 12.86 -53.22
CA ILE C 157 -0.09 13.44 -53.67
C ILE C 157 1.03 12.83 -52.83
N PRO C 158 1.88 11.97 -53.43
CA PRO C 158 2.98 11.42 -52.66
C PRO C 158 4.04 12.44 -52.31
N ASP C 159 4.81 12.18 -51.26
CA ASP C 159 5.97 12.99 -50.93
C ASP C 159 7.12 12.73 -51.92
N PRO C 160 7.59 13.79 -52.62
CA PRO C 160 8.74 13.67 -53.53
C PRO C 160 10.08 13.42 -52.83
N GLN C 161 10.18 13.73 -51.53
CA GLN C 161 11.35 13.39 -50.74
C GLN C 161 11.36 11.90 -50.36
N GLY C 162 10.24 11.22 -50.57
CA GLY C 162 10.15 9.77 -50.46
C GLY C 162 9.92 9.27 -49.04
N SER C 163 9.47 10.16 -48.16
CA SER C 163 9.15 9.77 -46.79
C SER C 163 8.21 8.57 -46.83
N ASN C 164 8.41 7.63 -45.91
CA ASN C 164 7.60 6.43 -45.88
C ASN C 164 6.75 6.39 -44.62
N MET C 165 6.06 5.27 -44.39
CA MET C 165 5.21 5.12 -43.23
C MET C 165 6.01 4.89 -41.93
N MET C 166 7.20 4.31 -42.05
CA MET C 166 8.13 4.26 -40.91
C MET C 166 8.46 5.67 -40.44
N PHE C 167 8.62 6.60 -41.39
CA PHE C 167 8.87 7.97 -41.01
C PHE C 167 7.63 8.56 -40.34
N ALA C 168 6.47 8.35 -40.95
CA ALA C 168 5.25 8.99 -40.52
C ALA C 168 4.83 8.54 -39.12
N PHE C 169 4.86 7.23 -38.87
CA PHE C 169 4.51 6.72 -37.53
C PHE C 169 5.58 7.06 -36.48
N PHE C 170 6.83 7.25 -36.89
CA PHE C 170 7.88 7.72 -35.96
C PHE C 170 7.61 9.17 -35.56
N ALA C 171 7.24 10.00 -36.52
CA ALA C 171 6.87 11.37 -36.26
C ALA C 171 5.67 11.45 -35.28
N GLN C 172 4.68 10.58 -35.48
CA GLN C 172 3.48 10.63 -34.65
C GLN C 172 3.82 10.13 -33.24
N HIS C 173 4.48 8.98 -33.16
CA HIS C 173 4.90 8.41 -31.89
C HIS C 173 5.82 9.36 -31.08
N PHE C 174 6.90 9.80 -31.69
CA PHE C 174 7.87 10.69 -31.04
C PHE C 174 7.21 11.95 -30.50
N THR C 175 6.52 12.68 -31.38
CA THR C 175 5.94 13.98 -31.04
C THR C 175 4.85 13.90 -29.99
N HIS C 176 4.21 12.74 -29.89
CA HIS C 176 3.10 12.58 -28.95
C HIS C 176 3.52 12.41 -27.48
N GLN C 177 4.81 12.44 -27.21
CA GLN C 177 5.28 12.53 -25.83
C GLN C 177 5.27 13.97 -25.34
N PHE C 178 5.31 14.94 -26.27
CA PHE C 178 5.24 16.34 -25.87
C PHE C 178 4.04 17.13 -26.42
N PHE C 179 3.32 16.54 -27.37
CA PHE C 179 2.02 17.08 -27.79
C PHE C 179 0.95 16.20 -27.20
N LYS C 180 0.33 16.72 -26.14
CA LYS C 180 -0.63 16.01 -25.34
C LYS C 180 -1.63 17.02 -24.77
N THR C 181 -2.45 17.59 -25.64
CA THR C 181 -3.32 18.69 -25.26
C THR C 181 -4.31 18.22 -24.20
N ASP C 182 -4.41 18.99 -23.12
CA ASP C 182 -5.38 18.73 -22.04
C ASP C 182 -6.73 19.32 -22.43
N HIS C 183 -7.55 18.52 -23.09
CA HIS C 183 -8.82 18.98 -23.66
C HIS C 183 -9.82 19.50 -22.62
N LYS C 184 -9.68 19.06 -21.38
CA LYS C 184 -10.55 19.50 -20.28
C LYS C 184 -10.24 20.93 -19.84
N ARG C 185 -9.03 21.39 -20.15
CA ARG C 185 -8.66 22.78 -19.88
C ARG C 185 -8.81 23.64 -21.14
N GLY C 186 -8.42 23.10 -22.30
CA GLY C 186 -8.54 23.82 -23.57
C GLY C 186 -7.35 23.54 -24.49
N PRO C 187 -7.41 24.06 -25.72
CA PRO C 187 -6.32 23.80 -26.68
C PRO C 187 -4.98 24.47 -26.32
N GLY C 188 -4.98 25.46 -25.44
CA GLY C 188 -3.73 26.10 -25.02
C GLY C 188 -3.08 25.48 -23.81
N PHE C 189 -3.46 24.24 -23.45
CA PHE C 189 -2.94 23.57 -22.25
C PHE C 189 -2.45 22.16 -22.55
N THR C 190 -1.45 21.72 -21.80
CA THR C 190 -0.82 20.42 -22.03
C THR C 190 -0.82 19.54 -20.78
N ARG C 191 -0.84 18.24 -21.00
CA ARG C 191 -0.59 17.23 -19.97
C ARG C 191 0.91 16.87 -19.95
N GLY C 192 1.65 17.35 -20.95
CA GLY C 192 3.08 17.09 -21.05
C GLY C 192 3.94 18.02 -20.17
N LEU C 193 3.90 17.80 -18.86
CA LEU C 193 4.54 18.70 -17.91
C LEU C 193 6.07 18.76 -17.98
N GLY C 194 6.69 17.75 -18.58
CA GLY C 194 8.13 17.78 -18.82
C GLY C 194 8.55 18.61 -20.03
N HIS C 195 7.60 18.94 -20.89
CA HIS C 195 7.82 19.82 -22.04
C HIS C 195 8.98 19.38 -22.93
N GLY C 196 9.02 18.11 -23.30
CA GLY C 196 10.06 17.61 -24.17
C GLY C 196 10.29 16.12 -24.18
N VAL C 197 11.52 15.73 -24.50
CA VAL C 197 11.88 14.36 -24.71
C VAL C 197 12.21 13.70 -23.37
N ASP C 198 11.18 13.26 -22.66
CA ASP C 198 11.33 12.59 -21.38
C ASP C 198 10.90 11.13 -21.44
N LEU C 199 10.50 10.69 -22.63
CA LEU C 199 9.95 9.36 -22.87
C LEU C 199 8.77 8.97 -21.98
N ASN C 200 7.94 9.93 -21.62
CA ASN C 200 6.70 9.61 -20.90
C ASN C 200 5.70 8.78 -21.72
N HIS C 201 5.89 8.76 -23.04
CA HIS C 201 5.06 7.91 -23.91
C HIS C 201 5.39 6.41 -23.81
N ILE C 202 6.55 6.10 -23.24
CA ILE C 202 6.94 4.73 -22.95
C ILE C 202 6.81 4.42 -21.44
N TYR C 203 7.20 5.39 -20.59
CA TYR C 203 7.26 5.20 -19.15
C TYR C 203 6.14 5.82 -18.33
N GLY C 204 5.27 6.61 -18.97
CA GLY C 204 4.16 7.27 -18.27
C GLY C 204 4.53 8.65 -17.74
N GLU C 205 3.54 9.54 -17.66
CA GLU C 205 3.75 10.91 -17.12
C GLU C 205 4.12 10.90 -15.64
N THR C 206 3.43 10.05 -14.89
CA THR C 206 3.49 10.08 -13.45
C THR C 206 4.08 8.83 -12.88
N LEU C 207 4.49 8.94 -11.63
CA LEU C 207 5.19 7.88 -10.95
C LEU C 207 4.31 6.62 -10.80
N ASP C 208 3.05 6.80 -10.42
CA ASP C 208 2.13 5.68 -10.22
C ASP C 208 1.85 4.95 -11.54
N ARG C 209 1.79 5.69 -12.65
CA ARG C 209 1.67 5.04 -13.96
C ARG C 209 2.92 4.23 -14.31
N GLN C 210 4.09 4.84 -14.11
CA GLN C 210 5.37 4.19 -14.37
C GLN C 210 5.54 2.91 -13.54
N HIS C 211 5.17 2.98 -12.26
CA HIS C 211 5.28 1.81 -11.39
C HIS C 211 4.39 0.65 -11.83
N LYS C 212 3.23 0.97 -12.38
CA LYS C 212 2.31 -0.05 -12.91
C LYS C 212 2.85 -0.67 -14.20
N LEU C 213 3.71 0.05 -14.91
CA LEU C 213 4.28 -0.45 -16.17
C LEU C 213 5.53 -1.29 -15.98
N ARG C 214 6.13 -1.19 -14.80
CA ARG C 214 7.42 -1.82 -14.49
C ARG C 214 7.31 -3.20 -13.86
N LEU C 215 8.29 -4.05 -14.14
CA LEU C 215 8.31 -5.44 -13.65
C LEU C 215 8.98 -5.48 -12.27
N PHE C 216 9.76 -4.45 -11.97
CA PHE C 216 10.54 -4.38 -10.72
C PHE C 216 11.51 -5.55 -10.55
N LYS C 217 11.93 -6.12 -11.68
CA LYS C 217 13.05 -7.04 -11.76
C LYS C 217 13.95 -6.57 -12.89
N ASP C 218 15.24 -6.41 -12.60
CA ASP C 218 16.27 -6.04 -13.59
C ASP C 218 16.06 -4.71 -14.31
N GLY C 219 15.32 -3.80 -13.69
CA GLY C 219 15.05 -2.49 -14.28
C GLY C 219 14.04 -2.52 -15.41
N LYS C 220 13.39 -3.68 -15.62
CA LYS C 220 12.63 -3.91 -16.84
C LYS C 220 11.18 -3.43 -16.78
N LEU C 221 10.60 -3.34 -17.98
CA LEU C 221 9.19 -3.04 -18.16
C LEU C 221 8.44 -4.36 -18.30
N LYS C 222 7.24 -4.43 -17.70
CA LYS C 222 6.36 -5.58 -17.87
C LYS C 222 6.14 -5.84 -19.34
N TYR C 223 5.91 -7.11 -19.69
CA TYR C 223 5.55 -7.48 -21.06
C TYR C 223 4.87 -8.85 -21.08
N GLN C 224 4.35 -9.20 -22.25
CA GLN C 224 3.79 -10.53 -22.48
C GLN C 224 4.36 -11.05 -23.78
N VAL C 225 4.36 -12.37 -23.92
CA VAL C 225 4.81 -13.04 -25.11
C VAL C 225 3.60 -13.68 -25.80
N ILE C 226 3.34 -13.27 -27.05
CA ILE C 226 2.28 -13.83 -27.88
C ILE C 226 2.90 -14.39 -29.15
N GLY C 227 2.59 -15.64 -29.47
CA GLY C 227 3.18 -16.31 -30.62
C GLY C 227 4.70 -16.26 -30.66
N GLY C 228 5.33 -16.29 -29.48
CA GLY C 228 6.79 -16.23 -29.40
C GLY C 228 7.38 -14.83 -29.47
N GLU C 229 6.55 -13.80 -29.63
CA GLU C 229 7.01 -12.40 -29.78
C GLU C 229 6.65 -11.57 -28.55
N VAL C 230 7.52 -10.61 -28.22
CA VAL C 230 7.34 -9.75 -27.06
C VAL C 230 6.43 -8.58 -27.41
N TYR C 231 5.33 -8.46 -26.67
CA TYR C 231 4.42 -7.33 -26.81
C TYR C 231 4.22 -6.65 -25.46
N PRO C 232 3.67 -5.43 -25.48
CA PRO C 232 3.35 -4.76 -24.22
C PRO C 232 2.33 -5.52 -23.38
N PRO C 233 2.31 -5.26 -22.06
CA PRO C 233 1.35 -5.92 -21.20
C PRO C 233 -0.07 -5.40 -21.41
N THR C 234 -1.03 -6.02 -20.74
CA THR C 234 -2.43 -5.65 -20.85
C THR C 234 -2.85 -4.67 -19.78
N VAL C 235 -3.99 -4.03 -20.03
CA VAL C 235 -4.66 -3.21 -19.04
C VAL C 235 -5.08 -4.04 -17.83
N LYS C 236 -5.55 -5.26 -18.06
CA LYS C 236 -5.98 -6.12 -16.96
C LYS C 236 -4.82 -6.38 -16.01
N ASP C 237 -3.67 -6.75 -16.55
CA ASP C 237 -2.50 -7.07 -15.76
C ASP C 237 -1.92 -5.88 -14.98
N THR C 238 -1.88 -4.72 -15.64
CA THR C 238 -1.17 -3.55 -15.12
C THR C 238 -2.06 -2.53 -14.39
N GLN C 239 -3.34 -2.50 -14.75
CA GLN C 239 -4.30 -1.47 -14.30
C GLN C 239 -3.93 -0.02 -14.71
N VAL C 240 -3.19 0.15 -15.80
CA VAL C 240 -2.93 1.50 -16.28
C VAL C 240 -4.09 1.86 -17.19
N GLU C 241 -4.59 3.08 -17.02
CA GLU C 241 -5.70 3.54 -17.83
C GLU C 241 -5.25 3.83 -19.28
N MET C 242 -6.04 3.34 -20.24
CA MET C 242 -5.79 3.51 -21.66
C MET C 242 -7.08 3.96 -22.32
N ILE C 243 -6.98 4.60 -23.47
CA ILE C 243 -8.15 4.97 -24.25
C ILE C 243 -8.41 3.87 -25.28
N TYR C 244 -9.48 3.11 -25.08
CA TYR C 244 -9.91 2.08 -26.02
C TYR C 244 -11.41 2.13 -26.17
N PRO C 245 -11.91 1.99 -27.43
CA PRO C 245 -13.36 1.85 -27.57
C PRO C 245 -13.88 0.58 -26.88
N PRO C 246 -15.17 0.58 -26.47
CA PRO C 246 -15.73 -0.47 -25.60
C PRO C 246 -15.79 -1.88 -26.19
N HIS C 247 -15.55 -2.03 -27.48
CA HIS C 247 -15.59 -3.36 -28.10
C HIS C 247 -14.26 -4.11 -28.11
N ILE C 248 -13.19 -3.46 -27.66
CA ILE C 248 -11.87 -4.11 -27.69
C ILE C 248 -11.77 -5.12 -26.55
N PRO C 249 -11.55 -6.40 -26.89
CA PRO C 249 -11.47 -7.43 -25.86
C PRO C 249 -10.25 -7.24 -24.96
N GLU C 250 -10.38 -7.63 -23.70
CA GLU C 250 -9.36 -7.43 -22.68
C GLU C 250 -7.94 -7.77 -23.13
N ASN C 251 -7.79 -8.86 -23.90
CA ASN C 251 -6.47 -9.35 -24.27
C ASN C 251 -5.75 -8.53 -25.35
N LEU C 252 -6.46 -7.58 -25.97
CA LEU C 252 -5.87 -6.69 -26.96
C LEU C 252 -5.80 -5.24 -26.49
N GLN C 253 -6.17 -4.98 -25.23
CA GLN C 253 -6.00 -3.65 -24.66
C GLN C 253 -4.58 -3.53 -24.12
N PHE C 254 -3.64 -3.22 -25.00
CA PHE C 254 -2.25 -3.08 -24.59
C PHE C 254 -2.07 -1.80 -23.76
N ALA C 255 -1.19 -1.86 -22.77
CA ALA C 255 -0.91 -0.75 -21.87
C ALA C 255 0.51 -0.25 -22.10
N VAL C 256 0.63 1.01 -22.51
CA VAL C 256 1.94 1.61 -22.73
C VAL C 256 1.93 3.01 -22.10
N GLY C 257 3.09 3.66 -22.09
CA GLY C 257 3.21 4.93 -21.39
C GLY C 257 2.17 5.96 -21.82
N GLN C 258 1.91 6.03 -23.13
CA GLN C 258 1.01 7.04 -23.68
C GLN C 258 -0.35 6.41 -23.85
N GLU C 259 -1.34 7.00 -23.20
CA GLU C 259 -2.67 6.42 -23.11
C GLU C 259 -3.39 6.28 -24.47
N VAL C 260 -2.96 7.04 -25.47
CA VAL C 260 -3.67 7.11 -26.74
C VAL C 260 -3.06 6.17 -27.79
N PHE C 261 -2.01 5.43 -27.43
CA PHE C 261 -1.23 4.67 -28.42
C PHE C 261 -1.86 3.35 -28.89
N GLY C 262 -2.89 2.89 -28.20
CA GLY C 262 -3.62 1.69 -28.60
C GLY C 262 -4.50 1.93 -29.80
N LEU C 263 -4.67 3.20 -30.17
CA LEU C 263 -5.65 3.55 -31.17
C LEU C 263 -5.14 3.42 -32.61
N VAL C 264 -3.82 3.30 -32.78
CA VAL C 264 -3.21 3.19 -34.10
C VAL C 264 -2.18 2.06 -34.08
N PRO C 265 -2.37 1.01 -34.90
CA PRO C 265 -1.37 -0.07 -34.85
C PRO C 265 0.05 0.36 -35.23
N GLY C 266 0.21 1.48 -35.94
CA GLY C 266 1.53 2.05 -36.21
C GLY C 266 2.20 2.64 -34.98
N LEU C 267 1.42 3.29 -34.12
CA LEU C 267 1.91 3.74 -32.81
C LEU C 267 2.36 2.57 -31.95
N MET C 268 1.48 1.59 -31.79
CA MET C 268 1.73 0.38 -31.03
C MET C 268 2.93 -0.45 -31.57
N MET C 269 3.26 -0.26 -32.85
CA MET C 269 4.45 -0.87 -33.42
C MET C 269 5.70 -0.26 -32.76
N TYR C 270 5.78 1.07 -32.73
CA TYR C 270 6.92 1.73 -32.13
C TYR C 270 6.93 1.56 -30.61
N ALA C 271 5.75 1.56 -30.00
CA ALA C 271 5.62 1.29 -28.56
C ALA C 271 6.26 -0.04 -28.18
N THR C 272 6.01 -1.07 -28.98
CA THR C 272 6.62 -2.38 -28.77
C THR C 272 8.13 -2.36 -29.07
N ILE C 273 8.53 -1.65 -30.12
CA ILE C 273 9.95 -1.58 -30.46
C ILE C 273 10.76 -0.92 -29.32
N TRP C 274 10.21 0.15 -28.75
CA TRP C 274 10.89 0.90 -27.71
C TRP C 274 10.86 0.19 -26.38
N LEU C 275 9.79 -0.53 -26.11
CA LEU C 275 9.72 -1.36 -24.90
C LEU C 275 10.78 -2.46 -24.99
N ARG C 276 10.93 -3.03 -26.18
CA ARG C 276 11.94 -4.06 -26.43
C ARG C 276 13.35 -3.50 -26.25
N GLU C 277 13.58 -2.30 -26.78
CA GLU C 277 14.88 -1.66 -26.64
C GLU C 277 15.24 -1.39 -25.17
N HIS C 278 14.27 -0.92 -24.39
CA HIS C 278 14.46 -0.70 -22.95
C HIS C 278 14.93 -1.96 -22.23
N ASN C 279 14.28 -3.07 -22.51
CA ASN C 279 14.59 -4.34 -21.84
C ASN C 279 15.91 -4.88 -22.32
N ARG C 280 16.22 -4.62 -23.58
CA ARG C 280 17.49 -5.00 -24.15
C ARG C 280 18.64 -4.29 -23.41
N VAL C 281 18.50 -2.99 -23.21
CA VAL C 281 19.51 -2.20 -22.53
C VAL C 281 19.61 -2.57 -21.05
N CYS C 282 18.48 -2.91 -20.44
CA CYS C 282 18.49 -3.49 -19.08
C CYS C 282 19.37 -4.73 -18.99
N ASP C 283 19.30 -5.61 -20.00
CA ASP C 283 20.13 -6.81 -20.06
C ASP C 283 21.60 -6.41 -20.16
N ILE C 284 21.90 -5.49 -21.08
CA ILE C 284 23.26 -5.01 -21.24
C ILE C 284 23.81 -4.42 -19.92
N LEU C 285 23.05 -3.56 -19.27
CA LEU C 285 23.52 -2.91 -18.05
C LEU C 285 23.70 -3.90 -16.92
N LYS C 286 22.79 -4.88 -16.83
CA LYS C 286 22.89 -5.92 -15.81
C LYS C 286 24.16 -6.76 -16.02
N GLN C 287 24.51 -6.97 -17.28
CA GLN C 287 25.74 -7.64 -17.65
C GLN C 287 26.94 -6.89 -17.10
N GLU C 288 26.95 -5.58 -17.31
CA GLU C 288 28.06 -4.72 -16.89
C GLU C 288 28.07 -4.53 -15.37
N HIS C 289 26.89 -4.43 -14.78
CA HIS C 289 26.75 -4.11 -13.37
C HIS C 289 25.88 -5.15 -12.68
N PRO C 290 26.45 -6.32 -12.37
CA PRO C 290 25.68 -7.29 -11.57
C PRO C 290 25.35 -6.81 -10.14
N GLU C 291 26.04 -5.79 -9.62
CA GLU C 291 25.70 -5.22 -8.29
C GLU C 291 24.57 -4.21 -8.27
N TRP C 292 24.16 -3.75 -9.45
CA TRP C 292 23.06 -2.80 -9.54
C TRP C 292 21.73 -3.46 -9.24
N GLY C 293 20.88 -2.76 -8.50
CA GLY C 293 19.51 -3.20 -8.28
C GLY C 293 18.57 -2.69 -9.36
N ASP C 294 17.29 -2.96 -9.19
CA ASP C 294 16.27 -2.69 -10.21
C ASP C 294 16.06 -1.20 -10.51
N GLU C 295 16.01 -0.36 -9.49
CA GLU C 295 15.80 1.05 -9.68
C GLU C 295 16.83 1.63 -10.60
N GLN C 296 18.10 1.36 -10.31
CA GLN C 296 19.17 2.01 -11.04
C GLN C 296 19.19 1.50 -12.49
N LEU C 297 18.92 0.22 -12.67
CA LEU C 297 18.90 -0.37 -14.00
C LEU C 297 17.84 0.32 -14.83
N PHE C 298 16.63 0.42 -14.28
CA PHE C 298 15.53 1.11 -14.92
C PHE C 298 15.83 2.56 -15.29
N GLN C 299 16.33 3.31 -14.32
CA GLN C 299 16.60 4.75 -14.50
C GLN C 299 17.71 4.95 -15.52
N THR C 300 18.78 4.18 -15.38
CA THR C 300 19.91 4.31 -16.29
C THR C 300 19.46 4.00 -17.70
N SER C 301 18.67 2.93 -17.84
CA SER C 301 18.12 2.52 -19.12
C SER C 301 17.25 3.58 -19.75
N ARG C 302 16.45 4.25 -18.93
CA ARG C 302 15.60 5.33 -19.44
C ARG C 302 16.45 6.47 -19.98
N LEU C 303 17.55 6.81 -19.30
CA LEU C 303 18.44 7.88 -19.76
C LEU C 303 19.11 7.53 -21.09
N ILE C 304 19.50 6.27 -21.23
CA ILE C 304 20.11 5.80 -22.47
C ILE C 304 19.11 5.92 -23.63
N LEU C 305 17.87 5.50 -23.40
CA LEU C 305 16.86 5.59 -24.45
C LEU C 305 16.54 7.06 -24.81
N ILE C 306 16.62 7.97 -23.85
CA ILE C 306 16.42 9.39 -24.12
C ILE C 306 17.52 9.82 -25.09
N GLY C 307 18.78 9.51 -24.74
CA GLY C 307 19.91 9.67 -25.64
C GLY C 307 19.74 9.07 -27.03
N GLU C 308 19.32 7.82 -27.11
CA GLU C 308 19.07 7.18 -28.40
C GLU C 308 18.02 7.94 -29.22
N THR C 309 16.95 8.37 -28.55
CA THR C 309 15.84 9.06 -29.22
C THR C 309 16.27 10.39 -29.86
N ILE C 310 17.06 11.18 -29.13
CA ILE C 310 17.55 12.47 -29.63
C ILE C 310 18.56 12.26 -30.76
N LYS C 311 19.37 11.22 -30.64
CA LYS C 311 20.35 10.84 -31.65
C LYS C 311 19.67 10.52 -32.97
N ILE C 312 18.66 9.66 -32.89
CA ILE C 312 17.95 9.20 -34.06
C ILE C 312 17.15 10.35 -34.65
N VAL C 313 16.50 11.13 -33.80
CA VAL C 313 15.72 12.25 -34.32
C VAL C 313 16.60 13.21 -35.13
N ILE C 314 17.81 13.50 -34.67
CA ILE C 314 18.68 14.43 -35.41
C ILE C 314 19.31 13.78 -36.64
N GLU C 315 19.93 12.62 -36.43
CA GLU C 315 20.83 12.08 -37.43
C GLU C 315 20.13 11.25 -38.51
N ASP C 316 18.97 10.69 -38.21
CA ASP C 316 18.19 9.94 -39.21
C ASP C 316 16.96 10.72 -39.65
N TYR C 317 16.17 11.18 -38.69
CA TYR C 317 14.83 11.76 -38.92
C TYR C 317 14.89 13.18 -39.48
N VAL C 318 15.52 14.09 -38.74
CA VAL C 318 15.75 15.44 -39.24
C VAL C 318 16.65 15.40 -40.49
N GLN C 319 17.68 14.56 -40.47
CA GLN C 319 18.58 14.43 -41.61
C GLN C 319 17.80 14.20 -42.90
N HIS C 320 16.93 13.18 -42.87
CA HIS C 320 16.12 12.81 -44.04
C HIS C 320 15.14 13.90 -44.41
N LEU C 321 14.60 14.56 -43.39
CA LEU C 321 13.52 15.53 -43.61
C LEU C 321 14.11 16.81 -44.23
N SER C 322 15.25 17.26 -43.72
CA SER C 322 15.90 18.47 -44.22
C SER C 322 16.17 18.42 -45.72
N GLY C 323 16.58 17.24 -46.19
CA GLY C 323 16.97 17.04 -47.58
C GLY C 323 18.42 17.44 -47.82
N TYR C 324 19.15 17.69 -46.74
CA TYR C 324 20.50 18.22 -46.79
C TYR C 324 21.57 17.15 -47.07
N HIS C 325 22.58 17.54 -47.83
CA HIS C 325 23.74 16.68 -48.07
C HIS C 325 24.76 16.82 -46.95
N PHE C 326 24.59 17.84 -46.11
CA PHE C 326 25.41 18.00 -44.91
C PHE C 326 25.00 16.95 -43.90
N LYS C 327 25.99 16.30 -43.30
CA LYS C 327 25.73 15.21 -42.36
C LYS C 327 25.57 15.78 -40.93
N LEU C 328 24.31 15.93 -40.51
CA LEU C 328 24.00 16.46 -39.17
C LEU C 328 24.61 15.58 -38.08
N LYS C 329 24.88 16.21 -36.93
CA LYS C 329 25.51 15.53 -35.79
C LYS C 329 24.77 15.77 -34.48
N PHE C 330 24.58 14.70 -33.72
CA PHE C 330 24.16 14.82 -32.34
C PHE C 330 25.42 14.83 -31.48
N ASP C 331 25.83 16.03 -31.05
CA ASP C 331 27.01 16.19 -30.19
C ASP C 331 26.82 17.33 -29.18
N PRO C 332 26.40 17.00 -27.95
CA PRO C 332 26.19 17.99 -26.90
C PRO C 332 27.42 18.84 -26.59
N GLU C 333 28.60 18.25 -26.79
CA GLU C 333 29.86 18.95 -26.57
C GLU C 333 29.98 20.23 -27.41
N LEU C 334 29.35 20.25 -28.58
CA LEU C 334 29.35 21.45 -29.42
C LEU C 334 28.80 22.70 -28.72
N LEU C 335 27.99 22.53 -27.67
CA LEU C 335 27.39 23.69 -27.03
C LEU C 335 28.11 24.14 -25.74
N PHE C 336 29.16 23.43 -25.34
CA PHE C 336 29.81 23.66 -24.06
C PHE C 336 30.57 24.98 -23.94
N ASN C 337 31.14 25.46 -25.05
CA ASN C 337 31.74 26.81 -25.09
C ASN C 337 30.78 27.88 -25.61
N GLN C 338 29.49 27.55 -25.66
CA GLN C 338 28.50 28.42 -26.25
C GLN C 338 27.48 28.84 -25.19
N GLN C 339 26.80 29.96 -25.42
CA GLN C 339 25.65 30.36 -24.60
C GLN C 339 24.43 29.57 -25.02
N PHE C 340 23.84 28.85 -24.07
CA PHE C 340 22.70 28.00 -24.35
C PHE C 340 21.99 27.63 -23.06
N GLN C 341 20.66 27.67 -23.09
CA GLN C 341 19.83 27.36 -21.94
C GLN C 341 19.35 25.92 -22.00
N TYR C 342 19.84 25.08 -21.08
CA TYR C 342 19.44 23.67 -21.07
C TYR C 342 18.10 23.54 -20.40
N GLN C 343 17.09 24.06 -21.11
CA GLN C 343 15.72 23.98 -20.69
C GLN C 343 14.85 24.16 -21.92
N ASN C 344 13.57 23.85 -21.80
CA ASN C 344 12.66 24.00 -22.93
C ASN C 344 11.20 24.05 -22.46
N ARG C 345 10.40 24.78 -23.23
CA ARG C 345 8.96 24.81 -23.08
C ARG C 345 8.30 24.61 -24.45
N ILE C 346 7.35 23.69 -24.52
CA ILE C 346 6.70 23.33 -25.77
C ILE C 346 5.75 24.43 -26.22
N ALA C 347 5.94 24.93 -27.44
CA ALA C 347 5.13 26.04 -27.96
C ALA C 347 3.87 25.55 -28.67
N SER C 348 2.76 26.24 -28.44
CA SER C 348 1.50 25.98 -29.14
C SER C 348 1.65 25.95 -30.68
N GLU C 349 2.45 26.87 -31.21
CA GLU C 349 2.64 26.99 -32.64
C GLU C 349 3.43 25.81 -33.16
N PHE C 350 4.28 25.24 -32.30
CA PHE C 350 5.02 24.03 -32.65
C PHE C 350 4.03 22.89 -32.79
N ASN C 351 3.11 22.76 -31.84
CA ASN C 351 2.06 21.74 -31.89
C ASN C 351 1.32 21.92 -33.21
N THR C 352 0.75 23.11 -33.41
CA THR C 352 -0.02 23.43 -34.61
C THR C 352 0.69 23.04 -35.89
N LEU C 353 1.94 23.49 -36.07
CA LEU C 353 2.64 23.22 -37.33
C LEU C 353 2.94 21.74 -37.54
N TYR C 354 2.98 20.98 -36.46
CA TYR C 354 3.31 19.55 -36.50
C TYR C 354 2.13 18.65 -36.91
N HIS C 355 0.95 19.24 -37.17
CA HIS C 355 -0.21 18.44 -37.59
C HIS C 355 -0.01 18.04 -39.05
N TRP C 356 0.81 17.00 -39.24
CA TRP C 356 1.21 16.54 -40.56
C TRP C 356 0.37 15.39 -41.06
N HIS C 357 -0.95 15.52 -40.91
CA HIS C 357 -1.89 14.50 -41.39
C HIS C 357 -1.83 14.26 -42.91
N PRO C 358 -1.39 15.25 -43.70
CA PRO C 358 -1.22 14.92 -45.11
C PRO C 358 -0.22 13.80 -45.40
N LEU C 359 0.63 13.47 -44.43
CA LEU C 359 1.50 12.28 -44.53
C LEU C 359 0.73 10.97 -44.70
N LEU C 360 -0.50 10.94 -44.20
CA LEU C 360 -1.26 9.69 -44.13
C LEU C 360 -1.75 9.24 -45.50
N PRO C 361 -1.69 7.91 -45.76
CA PRO C 361 -2.10 7.37 -47.04
C PRO C 361 -3.63 7.24 -47.17
N ASP C 362 -4.09 6.78 -48.33
CA ASP C 362 -5.49 6.47 -48.53
C ASP C 362 -5.83 5.18 -47.79
N THR C 363 -4.96 4.18 -47.94
CA THR C 363 -5.05 2.93 -47.20
C THR C 363 -3.70 2.57 -46.60
N PHE C 364 -3.72 1.70 -45.59
CA PHE C 364 -2.48 1.22 -44.96
C PHE C 364 -2.12 -0.16 -45.49
N ASN C 365 -1.00 -0.24 -46.19
CA ASN C 365 -0.66 -1.42 -46.98
C ASN C 365 0.33 -2.34 -46.25
N ILE C 366 -0.19 -3.40 -45.63
CA ILE C 366 0.65 -4.36 -44.90
C ILE C 366 0.60 -5.74 -45.54
N GLU C 367 1.76 -6.17 -46.05
CA GLU C 367 1.88 -7.45 -46.75
C GLU C 367 0.95 -7.46 -47.98
N ASP C 368 0.06 -8.44 -48.09
CA ASP C 368 -0.86 -8.52 -49.23
C ASP C 368 -2.02 -7.56 -49.09
N GLN C 369 -2.28 -7.07 -47.87
CA GLN C 369 -3.55 -6.40 -47.55
C GLN C 369 -3.47 -4.88 -47.63
N GLU C 370 -4.64 -4.28 -47.81
CA GLU C 370 -4.82 -2.83 -47.80
C GLU C 370 -5.94 -2.51 -46.84
N TYR C 371 -5.61 -1.89 -45.72
CA TYR C 371 -6.62 -1.56 -44.72
C TYR C 371 -7.06 -0.12 -44.89
N SER C 372 -8.37 0.10 -44.82
CA SER C 372 -8.94 1.44 -44.71
C SER C 372 -8.68 2.00 -43.31
N PHE C 373 -9.08 3.25 -43.09
CA PHE C 373 -8.98 3.87 -41.76
C PHE C 373 -9.88 3.16 -40.75
N LYS C 374 -11.07 2.77 -41.18
CA LYS C 374 -12.02 2.09 -40.29
C LYS C 374 -11.46 0.73 -39.88
N GLN C 375 -10.73 0.08 -40.80
CA GLN C 375 -10.13 -1.22 -40.55
C GLN C 375 -8.88 -1.12 -39.68
N PHE C 376 -8.16 0.00 -39.83
CA PHE C 376 -6.86 0.16 -39.20
C PHE C 376 -7.00 0.65 -37.77
N LEU C 377 -7.81 1.68 -37.56
CA LEU C 377 -7.92 2.30 -36.26
C LEU C 377 -8.45 1.30 -35.23
N TYR C 378 -7.96 1.44 -34.00
CA TYR C 378 -8.37 0.60 -32.87
C TYR C 378 -8.10 -0.90 -33.09
N ASN C 379 -7.36 -1.25 -34.13
CA ASN C 379 -7.27 -2.65 -34.53
C ASN C 379 -5.87 -3.24 -34.44
N ASN C 380 -5.47 -3.53 -33.21
CA ASN C 380 -4.17 -4.17 -32.95
C ASN C 380 -4.11 -5.67 -33.24
N SER C 381 -5.20 -6.27 -33.71
CA SER C 381 -5.16 -7.63 -34.24
C SER C 381 -4.28 -7.68 -35.47
N ILE C 382 -4.26 -6.57 -36.22
CA ILE C 382 -3.46 -6.46 -37.44
C ILE C 382 -1.98 -6.61 -37.12
N LEU C 383 -1.54 -5.98 -36.03
CA LEU C 383 -0.18 -6.12 -35.54
C LEU C 383 0.12 -7.58 -35.20
N LEU C 384 -0.74 -8.21 -34.41
CA LEU C 384 -0.54 -9.62 -34.03
C LEU C 384 -0.60 -10.53 -35.25
N GLU C 385 -1.53 -10.25 -36.15
CA GLU C 385 -1.72 -11.05 -37.37
C GLU C 385 -0.44 -11.11 -38.20
N HIS C 386 0.12 -9.95 -38.53
CA HIS C 386 1.29 -9.87 -39.43
C HIS C 386 2.63 -9.88 -38.70
N GLY C 387 2.64 -9.43 -37.45
CA GLY C 387 3.89 -9.31 -36.69
C GLY C 387 4.65 -8.04 -37.06
N LEU C 388 5.67 -7.77 -36.25
CA LEU C 388 6.47 -6.55 -36.37
C LEU C 388 7.35 -6.56 -37.62
N THR C 389 7.98 -7.71 -37.89
CA THR C 389 8.87 -7.85 -39.04
C THR C 389 8.14 -7.41 -40.30
N GLN C 390 6.92 -7.92 -40.48
CA GLN C 390 6.15 -7.60 -41.67
C GLN C 390 5.69 -6.13 -41.66
N PHE C 391 5.36 -5.63 -40.48
CA PHE C 391 5.01 -4.21 -40.34
C PHE C 391 6.16 -3.34 -40.81
N VAL C 392 7.37 -3.62 -40.34
CA VAL C 392 8.53 -2.84 -40.73
C VAL C 392 8.78 -2.94 -42.23
N GLU C 393 8.79 -4.16 -42.76
CA GLU C 393 9.05 -4.38 -44.19
C GLU C 393 8.05 -3.59 -45.03
N SER C 394 6.79 -3.66 -44.63
CA SER C 394 5.70 -3.04 -45.38
C SER C 394 5.71 -1.53 -45.31
N PHE C 395 5.85 -0.97 -44.10
CA PHE C 395 5.80 0.47 -43.90
C PHE C 395 7.05 1.19 -44.39
N THR C 396 8.16 0.47 -44.46
CA THR C 396 9.37 0.98 -45.08
C THR C 396 9.15 1.23 -46.56
N ARG C 397 8.33 0.38 -47.19
CA ARG C 397 8.03 0.44 -48.63
C ARG C 397 6.94 1.43 -49.01
N GLN C 398 5.95 1.64 -48.14
CA GLN C 398 4.82 2.52 -48.47
C GLN C 398 5.20 4.00 -48.35
N ILE C 399 4.86 4.77 -49.38
CA ILE C 399 5.18 6.18 -49.42
C ILE C 399 4.14 7.02 -48.67
N ALA C 400 4.62 8.02 -47.94
CA ALA C 400 3.75 8.99 -47.29
C ALA C 400 3.37 10.10 -48.29
N GLY C 401 2.35 10.87 -47.92
CA GLY C 401 1.91 12.01 -48.72
C GLY C 401 2.71 13.28 -48.45
N ARG C 402 2.67 14.21 -49.42
CA ARG C 402 3.32 15.49 -49.27
C ARG C 402 2.52 16.39 -48.33
N VAL C 403 3.22 17.16 -47.50
CA VAL C 403 2.55 18.02 -46.51
C VAL C 403 2.22 19.42 -47.02
N ALA C 404 3.20 20.12 -47.58
CA ALA C 404 2.95 21.41 -48.23
C ALA C 404 2.33 21.19 -49.62
N GLY C 405 2.03 22.28 -50.33
CA GLY C 405 1.48 22.20 -51.70
C GLY C 405 -0.03 22.07 -51.80
N GLY C 406 -0.70 21.86 -50.66
CA GLY C 406 -2.15 21.87 -50.58
C GLY C 406 -2.84 20.59 -50.99
N ARG C 407 -4.11 20.48 -50.59
CA ARG C 407 -5.03 19.44 -51.08
C ARG C 407 -4.47 18.04 -50.95
N ASN C 408 -4.03 17.72 -49.74
CA ASN C 408 -3.52 16.38 -49.44
C ASN C 408 -3.85 15.91 -48.03
N VAL C 409 -4.81 16.56 -47.36
CA VAL C 409 -5.34 16.09 -46.09
C VAL C 409 -6.38 15.01 -46.39
N PRO C 410 -6.20 13.79 -45.87
CA PRO C 410 -7.20 12.75 -46.07
C PRO C 410 -8.56 13.13 -45.48
N ILE C 411 -9.64 12.82 -46.18
CA ILE C 411 -10.98 13.15 -45.69
C ILE C 411 -11.31 12.39 -44.39
N ALA C 412 -10.76 11.18 -44.25
CA ALA C 412 -10.92 10.37 -43.04
C ALA C 412 -10.58 11.12 -41.73
N VAL C 413 -9.76 12.16 -41.83
CA VAL C 413 -9.32 12.92 -40.66
C VAL C 413 -9.70 14.41 -40.81
N GLN C 414 -10.72 14.69 -41.62
CA GLN C 414 -11.09 16.09 -41.92
C GLN C 414 -11.45 16.90 -40.67
N ALA C 415 -12.07 16.24 -39.70
CA ALA C 415 -12.50 16.90 -38.46
C ALA C 415 -11.31 17.43 -37.62
N VAL C 416 -10.15 16.79 -37.79
CA VAL C 416 -8.91 17.17 -37.13
C VAL C 416 -8.29 18.39 -37.81
N ALA C 417 -8.39 18.43 -39.14
CA ALA C 417 -7.92 19.58 -39.91
C ALA C 417 -8.77 20.82 -39.60
N LYS C 418 -10.08 20.65 -39.55
CA LYS C 418 -10.97 21.73 -39.17
C LYS C 418 -10.71 22.17 -37.72
N ALA C 419 -10.57 21.20 -36.82
CA ALA C 419 -10.23 21.50 -35.42
C ALA C 419 -9.02 22.42 -35.33
N SER C 420 -7.95 22.09 -36.04
CA SER C 420 -6.75 22.93 -36.04
C SER C 420 -7.06 24.37 -36.45
N ILE C 421 -7.85 24.55 -37.51
CA ILE C 421 -8.23 25.90 -37.91
C ILE C 421 -8.94 26.59 -36.74
N ASP C 422 -10.01 25.97 -36.25
CA ASP C 422 -10.89 26.55 -35.24
C ASP C 422 -10.20 26.82 -33.90
N GLN C 423 -9.30 25.92 -33.51
CA GLN C 423 -8.59 26.07 -32.25
C GLN C 423 -7.48 27.11 -32.33
N SER C 424 -6.92 27.33 -33.51
CA SER C 424 -5.95 28.40 -33.69
C SER C 424 -6.62 29.73 -33.41
N ARG C 425 -7.84 29.87 -33.92
CA ARG C 425 -8.63 31.07 -33.72
C ARG C 425 -9.11 31.18 -32.28
N GLU C 426 -9.55 30.07 -31.72
CA GLU C 426 -9.94 30.04 -30.32
C GLU C 426 -8.82 30.62 -29.43
N MET C 427 -7.58 30.27 -29.77
CA MET C 427 -6.38 30.71 -29.06
C MET C 427 -5.82 32.05 -29.60
N LYS C 428 -6.55 32.71 -30.51
CA LYS C 428 -6.19 34.03 -31.02
C LYS C 428 -4.77 34.12 -31.59
N TYR C 429 -4.45 33.23 -32.53
CA TYR C 429 -3.16 33.26 -33.21
C TYR C 429 -3.08 34.47 -34.14
N GLN C 430 -1.92 35.12 -34.14
CA GLN C 430 -1.65 36.19 -35.10
C GLN C 430 -1.54 35.56 -36.49
N SER C 431 -1.47 36.40 -37.52
CA SER C 431 -1.55 35.95 -38.91
C SER C 431 -0.28 35.22 -39.36
N LEU C 432 -0.33 34.66 -40.56
CA LEU C 432 0.82 34.00 -41.15
C LEU C 432 1.99 34.94 -41.19
N ASN C 433 1.78 36.13 -41.73
CA ASN C 433 2.87 37.08 -41.97
C ASN C 433 3.49 37.66 -40.71
N GLU C 434 2.70 37.80 -39.66
CA GLU C 434 3.25 38.13 -38.35
C GLU C 434 4.21 37.02 -37.89
N TYR C 435 3.80 35.76 -38.05
CA TYR C 435 4.68 34.62 -37.73
C TYR C 435 5.90 34.55 -38.63
N ARG C 436 5.76 34.86 -39.91
CA ARG C 436 6.92 34.91 -40.80
C ARG C 436 7.90 36.01 -40.35
N LYS C 437 7.39 37.20 -40.09
CA LYS C 437 8.20 38.29 -39.51
C LYS C 437 8.83 37.87 -38.18
N ARG C 438 8.04 37.23 -37.31
CA ARG C 438 8.56 36.74 -36.04
C ARG C 438 9.80 35.81 -36.23
N PHE C 439 9.89 35.11 -37.35
CA PHE C 439 11.03 34.21 -37.62
C PHE C 439 11.94 34.68 -38.78
N SER C 440 12.12 36.00 -38.88
CA SER C 440 13.09 36.61 -39.81
C SER C 440 12.82 36.30 -41.27
N LEU C 441 11.53 36.24 -41.64
CA LEU C 441 11.13 35.95 -43.02
C LEU C 441 10.39 37.14 -43.61
N LYS C 442 10.43 37.26 -44.93
CA LYS C 442 9.72 38.32 -45.65
C LYS C 442 8.25 37.94 -45.72
N PRO C 443 7.35 38.88 -45.33
CA PRO C 443 5.92 38.59 -45.51
C PRO C 443 5.59 38.30 -46.96
N TYR C 444 4.72 37.31 -47.20
CA TYR C 444 4.18 37.10 -48.55
C TYR C 444 3.39 38.35 -48.95
N THR C 445 3.52 38.75 -50.22
CA THR C 445 2.86 39.96 -50.75
C THR C 445 1.63 39.65 -51.62
N SER C 446 1.29 38.36 -51.75
CA SER C 446 0.03 37.91 -52.36
C SER C 446 -0.19 36.43 -52.05
N PHE C 447 -1.38 35.95 -52.35
CA PHE C 447 -1.70 34.53 -52.21
C PHE C 447 -0.99 33.65 -53.25
N GLU C 448 -0.81 34.16 -54.47
CA GLU C 448 -0.04 33.42 -55.49
C GLU C 448 1.43 33.25 -55.12
N GLU C 449 1.99 34.20 -54.38
CA GLU C 449 3.35 34.04 -53.86
C GLU C 449 3.40 32.95 -52.80
N LEU C 450 2.34 32.85 -52.01
CA LEU C 450 2.27 31.83 -50.95
C LEU C 450 2.26 30.43 -51.56
N THR C 451 1.33 30.19 -52.47
CA THR C 451 1.13 28.87 -53.07
C THR C 451 2.05 28.55 -54.24
N GLY C 452 2.50 29.57 -54.94
CA GLY C 452 3.29 29.37 -56.17
C GLY C 452 2.47 28.82 -57.33
N GLU C 453 1.16 29.04 -57.27
CA GLU C 453 0.23 28.61 -58.32
C GLU C 453 -0.97 29.56 -58.32
N LYS C 454 -2.06 29.20 -59.00
CA LYS C 454 -3.13 30.15 -59.29
C LYS C 454 -4.53 29.73 -58.80
N GLU C 455 -4.85 28.45 -58.88
CA GLU C 455 -6.19 27.98 -58.52
C GLU C 455 -6.46 28.16 -57.02
N MET C 456 -5.60 27.57 -56.19
CA MET C 456 -5.76 27.70 -54.74
C MET C 456 -5.65 29.15 -54.27
N ALA C 457 -4.68 29.89 -54.81
CA ALA C 457 -4.50 31.32 -54.52
C ALA C 457 -5.80 32.13 -54.68
N ALA C 458 -6.51 31.87 -55.77
CA ALA C 458 -7.73 32.58 -56.09
C ALA C 458 -8.86 32.24 -55.12
N GLU C 459 -8.95 30.96 -54.71
CA GLU C 459 -9.98 30.55 -53.76
C GLU C 459 -9.68 31.20 -52.40
N LEU C 460 -8.40 31.20 -52.03
CA LEU C 460 -7.95 31.86 -50.80
C LEU C 460 -8.24 33.37 -50.82
N LYS C 461 -7.99 34.03 -51.95
CA LYS C 461 -8.23 35.47 -52.03
C LYS C 461 -9.70 35.83 -51.84
N ALA C 462 -10.61 35.01 -52.36
CA ALA C 462 -12.04 35.27 -52.23
C ALA C 462 -12.50 35.13 -50.77
N LEU C 463 -11.82 34.25 -50.03
CA LEU C 463 -12.16 33.97 -48.64
C LEU C 463 -11.53 34.96 -47.65
N TYR C 464 -10.24 35.27 -47.84
CA TYR C 464 -9.46 36.10 -46.88
C TYR C 464 -9.26 37.56 -47.28
N SER C 465 -9.40 37.87 -48.57
CA SER C 465 -9.24 39.24 -49.12
C SER C 465 -7.83 39.81 -49.00
N ASP C 466 -7.23 39.76 -47.82
CA ASP C 466 -5.89 40.29 -47.60
C ASP C 466 -4.93 39.19 -47.16
N ILE C 467 -3.84 39.05 -47.90
CA ILE C 467 -2.75 38.14 -47.56
C ILE C 467 -2.28 38.31 -46.11
N ASP C 468 -2.34 39.54 -45.59
CA ASP C 468 -1.96 39.87 -44.21
C ASP C 468 -2.93 39.35 -43.14
N VAL C 469 -4.06 38.79 -43.58
CA VAL C 469 -5.03 38.14 -42.70
C VAL C 469 -5.02 36.61 -42.86
N MET C 470 -4.13 36.09 -43.72
CA MET C 470 -4.05 34.64 -43.94
C MET C 470 -3.49 33.95 -42.70
N GLU C 471 -4.01 32.75 -42.39
CA GLU C 471 -3.69 32.05 -41.14
C GLU C 471 -2.48 31.11 -41.29
N LEU C 472 -1.75 30.96 -40.19
CA LEU C 472 -0.54 30.15 -40.15
C LEU C 472 -0.81 28.69 -40.55
N TYR C 473 -1.75 28.04 -39.89
CA TYR C 473 -1.94 26.60 -40.08
C TYR C 473 -2.28 26.20 -41.54
N PRO C 474 -3.36 26.76 -42.11
CA PRO C 474 -3.68 26.46 -43.51
C PRO C 474 -2.62 26.87 -44.52
N ALA C 475 -1.88 27.94 -44.24
CA ALA C 475 -0.79 28.38 -45.09
C ALA C 475 0.32 27.35 -45.15
N LEU C 476 0.63 26.71 -44.03
CA LEU C 476 1.74 25.75 -43.95
C LEU C 476 1.49 24.56 -44.88
N LEU C 477 0.23 24.16 -45.00
CA LEU C 477 -0.17 23.01 -45.82
C LEU C 477 -0.47 23.39 -47.27
N VAL C 478 -0.72 24.66 -47.54
CA VAL C 478 -0.94 25.14 -48.90
C VAL C 478 0.33 25.72 -49.54
N GLU C 479 1.33 26.00 -48.70
CA GLU C 479 2.52 26.73 -49.12
C GLU C 479 3.25 26.06 -50.27
N LYS C 480 3.80 26.87 -51.16
CA LYS C 480 4.70 26.39 -52.19
C LYS C 480 5.81 25.60 -51.51
N PRO C 481 5.92 24.30 -51.81
CA PRO C 481 7.04 23.54 -51.29
C PRO C 481 8.34 23.98 -51.92
N ARG C 482 9.45 23.76 -51.22
CA ARG C 482 10.76 23.81 -51.88
C ARG C 482 10.76 22.75 -52.96
N PRO C 483 11.70 22.81 -53.91
CA PRO C 483 11.64 21.94 -55.09
C PRO C 483 11.78 20.47 -54.75
N ASP C 484 10.85 19.65 -55.23
CA ASP C 484 10.84 18.21 -54.92
C ASP C 484 11.03 17.96 -53.41
N ALA C 485 10.38 18.79 -52.59
CA ALA C 485 10.46 18.71 -51.14
C ALA C 485 9.09 18.56 -50.49
N ILE C 486 9.10 18.07 -49.27
CA ILE C 486 7.88 17.83 -48.50
C ILE C 486 7.23 19.11 -47.97
N PHE C 487 8.05 20.10 -47.60
CA PHE C 487 7.61 21.31 -46.92
C PHE C 487 7.96 22.55 -47.69
N GLY C 488 7.25 23.63 -47.39
CA GLY C 488 7.68 24.99 -47.77
C GLY C 488 8.58 25.65 -46.74
N GLU C 489 8.91 26.91 -47.02
CA GLU C 489 9.84 27.72 -46.21
C GLU C 489 9.39 27.94 -44.78
N THR C 490 8.12 28.28 -44.61
CA THR C 490 7.59 28.67 -43.31
C THR C 490 7.71 27.49 -42.36
N MET C 491 7.35 26.30 -42.85
CA MET C 491 7.40 25.10 -42.04
C MET C 491 8.80 24.86 -41.52
N VAL C 492 9.78 24.97 -42.41
CA VAL C 492 11.16 24.70 -42.06
C VAL C 492 11.68 25.72 -41.07
N GLU C 493 11.26 26.97 -41.24
CA GLU C 493 11.88 28.09 -40.50
C GLU C 493 11.28 28.31 -39.12
N LEU C 494 10.02 27.90 -38.91
CA LEU C 494 9.44 27.88 -37.57
C LEU C 494 9.87 26.61 -36.84
N GLY C 495 9.88 25.50 -37.57
CA GLY C 495 10.02 24.18 -37.02
C GLY C 495 11.41 23.79 -36.55
N ALA C 496 12.44 24.20 -37.30
CA ALA C 496 13.82 23.93 -36.91
C ALA C 496 14.16 24.47 -35.50
N PRO C 497 13.87 25.76 -35.24
CA PRO C 497 14.17 26.36 -33.94
C PRO C 497 13.46 25.68 -32.76
N PHE C 498 12.14 25.49 -32.87
CA PHE C 498 11.38 24.77 -31.84
C PHE C 498 11.94 23.39 -31.59
N SER C 499 12.18 22.65 -32.68
CA SER C 499 12.64 21.27 -32.60
C SER C 499 14.04 21.09 -31.98
N LEU C 500 15.02 21.82 -32.51
CA LEU C 500 16.40 21.66 -32.05
C LEU C 500 16.57 22.13 -30.59
N LYS C 501 15.86 23.20 -30.23
CA LYS C 501 15.84 23.68 -28.85
C LYS C 501 15.37 22.56 -27.93
N GLY C 502 14.27 21.94 -28.31
CA GLY C 502 13.68 20.87 -27.52
C GLY C 502 14.54 19.62 -27.46
N LEU C 503 15.33 19.38 -28.49
CA LEU C 503 16.24 18.23 -28.51
C LEU C 503 17.46 18.48 -27.64
N MET C 504 18.12 19.62 -27.86
CA MET C 504 19.37 19.95 -27.16
C MET C 504 19.14 20.58 -25.76
N GLY C 505 17.99 21.21 -25.57
CA GLY C 505 17.60 21.73 -24.26
C GLY C 505 17.35 20.68 -23.19
N ASN C 506 17.37 19.41 -23.57
CA ASN C 506 17.22 18.31 -22.62
C ASN C 506 18.42 18.27 -21.68
N PRO C 507 18.19 18.00 -20.39
CA PRO C 507 19.32 17.99 -19.46
C PRO C 507 20.41 16.95 -19.71
N ILE C 508 20.12 15.81 -20.34
CA ILE C 508 21.19 14.84 -20.59
C ILE C 508 22.30 15.44 -21.48
N CYS C 509 21.95 16.50 -22.22
CA CYS C 509 22.90 17.24 -23.07
C CYS C 509 23.73 18.28 -22.30
N SER C 510 23.40 18.53 -21.03
CA SER C 510 24.13 19.52 -20.23
C SER C 510 25.47 18.93 -19.82
N PRO C 511 26.47 19.79 -19.55
CA PRO C 511 27.81 19.29 -19.25
C PRO C 511 27.89 18.25 -18.11
N GLN C 512 27.07 18.44 -17.07
CA GLN C 512 27.14 17.59 -15.89
C GLN C 512 26.50 16.23 -16.11
N TYR C 513 25.66 16.14 -17.14
CA TYR C 513 25.03 14.88 -17.51
C TYR C 513 25.82 14.14 -18.57
N TRP C 514 26.40 14.86 -19.54
CA TRP C 514 26.95 14.25 -20.75
C TRP C 514 28.31 13.66 -20.50
N LYS C 515 28.30 12.58 -19.71
CA LYS C 515 29.51 11.81 -19.47
C LYS C 515 29.13 10.34 -19.31
N PRO C 516 30.11 9.44 -19.48
CA PRO C 516 29.83 8.00 -19.44
C PRO C 516 29.11 7.51 -18.17
N SER C 517 29.45 8.05 -17.00
CA SER C 517 28.89 7.53 -15.74
C SER C 517 27.38 7.76 -15.63
N THR C 518 26.89 8.82 -16.24
CA THR C 518 25.45 9.07 -16.32
C THR C 518 24.69 7.87 -16.86
N PHE C 519 25.30 7.17 -17.82
CA PHE C 519 24.63 6.13 -18.60
C PHE C 519 25.16 4.71 -18.30
N GLY C 520 25.79 4.55 -17.13
CA GLY C 520 26.29 3.24 -16.68
C GLY C 520 27.69 2.86 -17.15
N GLY C 521 28.48 3.85 -17.58
CA GLY C 521 29.81 3.61 -18.12
C GLY C 521 29.84 3.70 -19.65
N GLU C 522 30.99 3.32 -20.23
CA GLU C 522 31.22 3.55 -21.65
C GLU C 522 30.34 2.68 -22.56
N VAL C 523 29.85 1.56 -22.05
CA VAL C 523 29.05 0.66 -22.87
C VAL C 523 27.69 1.30 -23.14
N GLY C 524 27.15 1.94 -22.11
CA GLY C 524 25.88 2.64 -22.20
C GLY C 524 25.97 3.90 -23.03
N PHE C 525 27.10 4.60 -22.91
CA PHE C 525 27.34 5.82 -23.64
C PHE C 525 27.41 5.48 -25.14
N LYS C 526 28.09 4.38 -25.46
CA LYS C 526 28.24 3.90 -26.84
C LYS C 526 26.89 3.50 -27.48
N ILE C 527 25.93 3.06 -26.68
CA ILE C 527 24.59 2.76 -27.18
C ILE C 527 23.91 4.03 -27.73
N ILE C 528 24.13 5.15 -27.07
CA ILE C 528 23.57 6.44 -27.51
C ILE C 528 24.27 6.91 -28.77
N ASN C 529 25.59 6.99 -28.70
CA ASN C 529 26.38 7.59 -29.78
C ASN C 529 26.47 6.78 -31.08
N THR C 530 26.08 5.50 -31.03
CA THR C 530 26.03 4.66 -32.22
C THR C 530 24.61 4.37 -32.69
N ALA C 531 23.62 5.04 -32.09
CA ALA C 531 22.22 4.69 -32.34
C ALA C 531 21.73 5.21 -33.70
N SER C 532 20.79 4.47 -34.26
CA SER C 532 20.18 4.81 -35.53
C SER C 532 18.85 4.11 -35.64
N ILE C 533 18.01 4.57 -36.56
CA ILE C 533 16.72 3.91 -36.81
C ILE C 533 16.94 2.47 -37.25
N GLN C 534 17.97 2.21 -38.05
CA GLN C 534 18.25 0.84 -38.49
C GLN C 534 18.65 -0.09 -37.32
N SER C 535 19.51 0.39 -36.42
CA SER C 535 19.97 -0.43 -35.30
C SER C 535 18.84 -0.69 -34.30
N LEU C 536 17.99 0.31 -34.15
CA LEU C 536 16.78 0.20 -33.33
C LEU C 536 15.92 -0.96 -33.82
N ILE C 537 15.72 -1.03 -35.13
CA ILE C 537 14.91 -2.10 -35.73
C ILE C 537 15.70 -3.41 -35.76
N CYS C 538 17.00 -3.35 -36.07
CA CYS C 538 17.82 -4.56 -36.17
C CYS C 538 17.92 -5.31 -34.85
N ASN C 539 18.03 -4.57 -33.75
CA ASN C 539 18.18 -5.17 -32.42
C ASN C 539 16.88 -5.69 -31.82
N ASN C 540 15.73 -5.17 -32.26
CA ASN C 540 14.45 -5.45 -31.61
C ASN C 540 13.38 -6.09 -32.47
N VAL C 541 13.66 -6.28 -33.76
CA VAL C 541 12.71 -6.88 -34.68
C VAL C 541 13.33 -8.15 -35.24
N LYS C 542 12.59 -9.25 -35.17
CA LYS C 542 13.12 -10.54 -35.61
C LYS C 542 13.47 -10.46 -37.09
N GLY C 543 14.66 -10.93 -37.42
CA GLY C 543 15.14 -10.98 -38.81
C GLY C 543 16.04 -9.81 -39.17
N CYS C 544 16.09 -8.79 -38.31
CA CYS C 544 16.84 -7.57 -38.59
C CYS C 544 16.50 -7.06 -39.99
N PRO C 545 15.23 -6.73 -40.23
CA PRO C 545 14.86 -6.26 -41.57
C PRO C 545 15.43 -4.88 -41.85
N PHE C 546 15.86 -4.66 -43.09
CA PHE C 546 16.30 -3.34 -43.50
C PHE C 546 15.18 -2.33 -43.24
N THR C 547 15.56 -1.13 -42.82
CA THR C 547 14.61 -0.02 -42.74
C THR C 547 15.29 1.35 -42.85
N SER C 548 14.45 2.34 -43.08
CA SER C 548 14.88 3.67 -43.44
C SER C 548 13.65 4.56 -43.32
N PHE C 549 13.84 5.86 -43.43
CA PHE C 549 12.74 6.82 -43.38
C PHE C 549 12.28 7.20 -44.79
N ASN C 550 12.93 6.67 -45.81
CA ASN C 550 12.54 6.97 -47.18
C ASN C 550 12.43 5.73 -48.07
N VAL C 551 11.44 5.74 -48.96
CA VAL C 551 11.19 4.61 -49.87
C VAL C 551 12.41 4.33 -50.75
N GLN C 552 12.96 3.13 -50.59
CA GLN C 552 14.24 2.71 -51.22
C GLN C 552 14.34 3.07 -52.70
N ALA D 1 28.92 -2.49 1.56
CA ALA D 1 28.99 -3.36 0.35
C ALA D 1 29.44 -2.55 -0.85
N ASN D 2 28.77 -1.41 -1.04
CA ASN D 2 29.04 -0.54 -2.16
C ASN D 2 30.48 -0.06 -2.13
N PRO D 3 31.27 -0.38 -3.18
CA PRO D 3 32.66 0.04 -3.20
C PRO D 3 32.84 1.57 -3.29
N CYS D 4 31.78 2.29 -3.67
CA CYS D 4 31.80 3.76 -3.67
C CYS D 4 31.56 4.41 -2.30
N CYS D 5 31.49 3.61 -1.23
CA CYS D 5 31.16 4.16 0.09
C CYS D 5 32.25 5.04 0.68
N SER D 6 33.47 4.92 0.19
CA SER D 6 34.60 5.70 0.73
C SER D 6 34.72 7.07 0.06
N ASN D 7 33.91 7.31 -0.97
CA ASN D 7 33.93 8.57 -1.70
C ASN D 7 35.32 8.82 -2.30
N PRO D 8 35.82 7.85 -3.08
CA PRO D 8 37.21 7.88 -3.55
C PRO D 8 37.47 8.94 -4.60
N CYS D 9 36.49 9.20 -5.47
CA CYS D 9 36.68 10.15 -6.56
C CYS D 9 36.82 11.56 -6.00
N GLN D 10 37.95 12.17 -6.33
CA GLN D 10 38.25 13.51 -5.86
C GLN D 10 37.92 14.50 -6.95
N ASN D 11 37.89 15.77 -6.58
CA ASN D 11 37.75 16.87 -7.54
C ASN D 11 36.53 16.81 -8.45
N ARG D 12 35.38 16.44 -7.90
CA ARG D 12 34.10 16.38 -8.66
C ARG D 12 34.04 15.22 -9.65
N GLY D 13 34.95 14.25 -9.52
CA GLY D 13 34.86 13.01 -10.28
C GLY D 13 33.67 12.23 -9.77
N GLU D 14 33.04 11.44 -10.63
CA GLU D 14 31.86 10.70 -10.23
C GLU D 14 32.22 9.25 -9.99
N CYS D 15 31.66 8.68 -8.91
CA CYS D 15 31.90 7.29 -8.58
C CYS D 15 30.80 6.41 -9.14
N MET D 16 31.22 5.33 -9.77
CA MET D 16 30.33 4.30 -10.31
C MET D 16 30.91 2.93 -9.95
N SER D 17 30.08 2.05 -9.41
CA SER D 17 30.48 0.65 -9.17
C SER D 17 30.61 -0.09 -10.51
N THR D 18 31.71 -0.83 -10.67
CA THR D 18 31.92 -1.67 -11.87
C THR D 18 31.92 -3.16 -11.51
N GLY D 19 31.15 -3.53 -10.50
CA GLY D 19 31.13 -4.91 -9.98
C GLY D 19 30.96 -4.87 -8.47
N PHE D 20 30.76 -6.03 -7.86
CA PHE D 20 30.37 -6.08 -6.44
C PHE D 20 31.36 -5.36 -5.51
N ASP D 21 32.64 -5.36 -5.85
CA ASP D 21 33.66 -4.75 -5.00
C ASP D 21 34.67 -3.82 -5.72
N GLN D 22 34.38 -3.45 -6.98
CA GLN D 22 35.24 -2.52 -7.74
C GLN D 22 34.48 -1.26 -8.12
N TYR D 23 35.22 -0.18 -8.35
CA TYR D 23 34.67 1.09 -8.81
C TYR D 23 35.53 1.69 -9.91
N LYS D 24 34.94 2.63 -10.64
CA LYS D 24 35.66 3.45 -11.59
C LYS D 24 35.22 4.90 -11.42
N CYS D 25 36.19 5.81 -11.43
CA CYS D 25 35.87 7.24 -11.33
C CYS D 25 35.78 7.89 -12.70
N ASP D 26 34.69 8.60 -12.95
CA ASP D 26 34.49 9.34 -14.18
C ASP D 26 35.01 10.76 -14.02
N CYS D 27 36.20 11.01 -14.55
CA CYS D 27 36.92 12.28 -14.34
C CYS D 27 36.68 13.29 -15.48
N THR D 28 35.80 12.96 -16.41
CA THR D 28 35.42 13.87 -17.49
C THR D 28 35.22 15.32 -17.01
N ARG D 29 35.90 16.27 -17.66
CA ARG D 29 35.73 17.71 -17.40
C ARG D 29 36.09 18.17 -15.97
N THR D 30 36.92 17.42 -15.26
CA THR D 30 37.32 17.84 -13.91
C THR D 30 38.59 18.69 -13.92
N GLY D 31 39.47 18.43 -14.86
CA GLY D 31 40.82 18.99 -14.87
C GLY D 31 41.84 17.98 -14.38
N PHE D 32 41.37 16.90 -13.77
CA PHE D 32 42.23 15.86 -13.24
C PHE D 32 42.00 14.54 -13.96
N TYR D 33 42.97 13.64 -13.85
CA TYR D 33 42.87 12.29 -14.38
C TYR D 33 43.47 11.27 -13.42
N GLY D 34 43.37 9.99 -13.77
CA GLY D 34 43.88 8.90 -12.94
C GLY D 34 42.78 8.23 -12.15
N GLU D 35 43.11 7.16 -11.43
CA GLU D 35 42.11 6.31 -10.78
C GLU D 35 41.08 7.09 -9.97
N ASN D 36 41.54 8.06 -9.18
CA ASN D 36 40.68 8.83 -8.27
C ASN D 36 40.52 10.31 -8.68
N CYS D 37 40.86 10.64 -9.93
CA CYS D 37 40.91 12.03 -10.40
C CYS D 37 41.74 12.95 -9.48
N THR D 38 42.95 12.52 -9.15
CA THR D 38 43.82 13.32 -8.28
C THR D 38 45.05 13.85 -8.99
N THR D 39 45.36 13.32 -10.19
CA THR D 39 46.47 13.82 -11.00
C THR D 39 45.97 14.97 -11.89
N PRO D 40 46.47 16.19 -11.63
CA PRO D 40 45.99 17.36 -12.36
C PRO D 40 46.57 17.47 -13.77
N GLU D 41 45.76 17.94 -14.71
CA GLU D 41 46.27 18.34 -16.03
C GLU D 41 47.28 19.48 -15.83
N PHE D 42 47.96 19.86 -16.91
CA PHE D 42 48.94 20.94 -16.84
C PHE D 42 48.26 22.26 -16.51
N LEU D 43 47.24 22.61 -17.28
CA LEU D 43 46.57 23.89 -17.10
C LEU D 43 46.00 23.96 -15.68
N THR D 44 45.59 22.81 -15.14
CA THR D 44 45.04 22.73 -13.78
C THR D 44 46.11 22.99 -12.71
N ARG D 45 47.36 22.61 -12.98
CA ARG D 45 48.45 22.87 -12.05
C ARG D 45 48.72 24.36 -11.91
N ILE D 46 48.73 25.08 -13.03
CA ILE D 46 48.87 26.54 -13.01
C ILE D 46 47.73 27.19 -12.21
N LYS D 47 46.49 26.73 -12.45
CA LYS D 47 45.32 27.25 -11.73
C LYS D 47 45.46 27.07 -10.22
N LEU D 48 45.82 25.86 -9.79
CA LEU D 48 45.95 25.55 -8.36
C LEU D 48 47.03 26.38 -7.65
N LEU D 49 48.00 26.91 -8.41
CA LEU D 49 49.11 27.69 -7.85
C LEU D 49 48.80 29.19 -7.77
N LEU D 50 48.00 29.70 -8.70
CA LEU D 50 47.68 31.13 -8.77
C LEU D 50 46.43 31.49 -7.97
N LYS D 51 45.56 30.52 -7.71
CA LYS D 51 44.31 30.77 -7.00
C LYS D 51 44.59 30.98 -5.51
N PRO D 52 44.18 32.13 -4.96
CA PRO D 52 44.44 32.36 -3.54
C PRO D 52 43.36 31.71 -2.70
N THR D 53 43.65 31.49 -1.42
CA THR D 53 42.67 30.90 -0.52
C THR D 53 41.52 31.89 -0.27
N PRO D 54 40.33 31.37 0.06
CA PRO D 54 39.21 32.23 0.45
C PRO D 54 39.52 33.16 1.64
N ASN D 55 40.34 32.70 2.59
CA ASN D 55 40.75 33.55 3.71
C ASN D 55 41.64 34.69 3.23
N THR D 56 42.48 34.43 2.23
CA THR D 56 43.31 35.47 1.61
C THR D 56 42.43 36.47 0.85
N VAL D 57 41.46 35.97 0.09
CA VAL D 57 40.54 36.83 -0.64
C VAL D 57 39.70 37.68 0.32
N HIS D 58 39.26 37.05 1.41
CA HIS D 58 38.41 37.72 2.39
C HIS D 58 39.11 38.89 3.04
N TYR D 59 40.35 38.68 3.48
CA TYR D 59 41.16 39.77 4.04
C TYR D 59 41.22 40.96 3.08
N ILE D 60 41.49 40.69 1.80
CA ILE D 60 41.63 41.76 0.81
C ILE D 60 40.30 42.50 0.58
N LEU D 61 39.20 41.76 0.54
CA LEU D 61 37.86 42.36 0.40
C LEU D 61 37.40 43.11 1.66
N THR D 62 38.03 42.84 2.80
CA THR D 62 37.65 43.46 4.08
C THR D 62 38.66 44.48 4.61
N HIS D 63 39.68 44.79 3.80
CA HIS D 63 40.67 45.82 4.11
C HIS D 63 40.85 46.73 2.90
N PHE D 64 41.74 47.71 3.02
CA PHE D 64 42.08 48.63 1.91
C PHE D 64 40.88 49.44 1.46
N LYS D 65 40.10 49.94 2.41
CA LYS D 65 38.84 50.62 2.11
C LYS D 65 39.01 51.77 1.14
N GLY D 66 40.07 52.56 1.33
CA GLY D 66 40.40 53.66 0.44
C GLY D 66 40.52 53.25 -1.03
N VAL D 67 41.03 52.03 -1.25
CA VAL D 67 41.20 51.48 -2.61
C VAL D 67 39.87 51.00 -3.22
N TRP D 68 39.07 50.29 -2.43
CA TRP D 68 37.75 49.85 -2.89
C TRP D 68 36.86 51.04 -3.16
N ASN D 69 36.98 52.08 -2.33
CA ASN D 69 36.22 53.29 -2.53
C ASN D 69 36.45 53.83 -3.94
N ILE D 70 37.69 53.72 -4.42
CA ILE D 70 38.05 54.14 -5.77
C ILE D 70 37.55 53.16 -6.84
N VAL D 71 37.61 51.86 -6.53
CA VAL D 71 37.08 50.83 -7.43
C VAL D 71 35.56 50.97 -7.60
N ASN D 72 34.88 51.16 -6.48
CA ASN D 72 33.42 51.31 -6.48
C ASN D 72 32.91 52.46 -7.36
N ASN D 73 33.74 53.49 -7.54
CA ASN D 73 33.37 54.65 -8.35
C ASN D 73 33.71 54.54 -9.84
N ILE D 74 34.34 53.42 -10.23
CA ILE D 74 34.72 53.17 -11.62
C ILE D 74 33.80 52.06 -12.13
N PRO D 75 32.69 52.44 -12.81
CA PRO D 75 31.64 51.50 -13.22
C PRO D 75 32.15 50.29 -14.01
N PHE D 76 33.05 50.54 -14.96
CA PHE D 76 33.64 49.47 -15.77
C PHE D 76 34.41 48.43 -14.92
N LEU D 77 35.10 48.88 -13.88
CA LEU D 77 35.80 47.97 -12.96
C LEU D 77 34.83 47.29 -12.01
N ARG D 78 33.94 48.06 -11.41
CA ARG D 78 32.92 47.50 -10.53
C ARG D 78 32.17 46.40 -11.25
N SER D 79 31.75 46.68 -12.48
CA SER D 79 31.05 45.70 -13.30
C SER D 79 31.91 44.47 -13.59
N LEU D 80 33.16 44.67 -13.98
CA LEU D 80 34.06 43.57 -14.27
C LEU D 80 34.18 42.60 -13.09
N ILE D 81 34.33 43.16 -11.90
CA ILE D 81 34.51 42.39 -10.67
C ILE D 81 33.21 41.64 -10.29
N MET D 82 32.08 42.35 -10.37
CA MET D 82 30.80 41.77 -10.04
C MET D 82 30.45 40.64 -11.01
N LYS D 83 30.87 40.77 -12.27
CA LYS D 83 30.67 39.73 -13.27
C LYS D 83 31.42 38.45 -12.92
N TYR D 84 32.65 38.61 -12.44
CA TYR D 84 33.47 37.47 -12.02
C TYR D 84 32.93 36.79 -10.76
N VAL D 85 32.43 37.57 -9.80
CA VAL D 85 31.86 36.96 -8.60
C VAL D 85 30.65 36.08 -8.98
N LEU D 86 29.80 36.61 -9.85
CA LEU D 86 28.59 35.95 -10.30
C LEU D 86 28.89 34.65 -11.04
N THR D 87 29.79 34.73 -12.02
CA THR D 87 30.09 33.58 -12.85
C THR D 87 30.91 32.53 -12.09
N SER D 88 31.99 32.97 -11.43
CA SER D 88 32.85 32.05 -10.68
C SER D 88 32.12 31.35 -9.52
N ARG D 89 31.14 32.02 -8.93
CA ARG D 89 30.39 31.40 -7.86
C ARG D 89 29.40 30.37 -8.41
N SER D 90 28.69 30.75 -9.47
CA SER D 90 27.67 29.91 -10.07
C SER D 90 28.18 28.57 -10.58
N TYR D 91 29.40 28.55 -11.16
CA TYR D 91 29.93 27.31 -11.74
C TYR D 91 30.14 26.20 -10.68
N LEU D 92 30.10 26.56 -9.39
CA LEU D 92 30.09 25.57 -8.32
C LEU D 92 28.74 24.85 -8.16
N ILE D 93 27.71 25.27 -8.89
CA ILE D 93 26.39 24.69 -8.75
C ILE D 93 26.06 23.87 -9.99
N ASP D 94 25.65 22.61 -9.79
CA ASP D 94 25.09 21.79 -10.88
C ASP D 94 23.77 22.37 -11.38
N SER D 95 23.72 22.69 -12.66
CA SER D 95 22.54 23.28 -13.23
C SER D 95 22.52 22.96 -14.72
N PRO D 96 21.58 22.10 -15.16
CA PRO D 96 20.48 21.45 -14.44
C PRO D 96 20.92 20.62 -13.23
N PRO D 97 20.06 20.48 -12.22
CA PRO D 97 20.41 19.76 -11.00
C PRO D 97 20.47 18.25 -11.20
N THR D 98 21.03 17.57 -10.20
CA THR D 98 21.37 16.18 -10.34
C THR D 98 20.75 15.36 -9.20
N TYR D 99 21.45 15.26 -8.08
CA TYR D 99 21.13 14.29 -7.04
C TYR D 99 20.01 14.79 -6.13
N ASN D 100 19.40 13.85 -5.39
CA ASN D 100 18.56 14.21 -4.26
C ASN D 100 18.72 13.19 -3.12
N VAL D 101 17.84 13.26 -2.12
CA VAL D 101 17.92 12.36 -0.97
C VAL D 101 17.84 10.87 -1.33
N HIS D 102 17.10 10.53 -2.40
CA HIS D 102 16.85 9.14 -2.82
C HIS D 102 17.71 8.64 -3.97
N TYR D 103 18.45 9.55 -4.62
CA TYR D 103 19.24 9.22 -5.81
C TYR D 103 20.67 9.74 -5.69
N GLY D 104 21.62 8.82 -5.51
CA GLY D 104 23.06 9.12 -5.55
C GLY D 104 23.69 8.85 -6.92
N TYR D 105 22.83 8.77 -7.93
CA TYR D 105 23.25 8.74 -9.30
C TYR D 105 22.23 9.57 -10.05
N LYS D 106 22.59 10.07 -11.22
CA LYS D 106 21.69 10.90 -12.01
C LYS D 106 20.57 10.04 -12.60
N SER D 107 19.34 10.55 -12.50
CA SER D 107 18.16 9.87 -13.04
C SER D 107 17.12 10.91 -13.47
N TRP D 108 16.24 10.51 -14.37
CA TRP D 108 15.15 11.39 -14.82
C TRP D 108 14.24 11.76 -13.65
N GLU D 109 14.08 10.84 -12.70
CA GLU D 109 13.24 11.08 -11.54
C GLU D 109 13.82 12.19 -10.69
N ALA D 110 15.14 12.15 -10.46
CA ALA D 110 15.80 13.14 -9.66
C ALA D 110 15.72 14.50 -10.33
N PHE D 111 15.90 14.51 -11.65
CA PHE D 111 15.76 15.75 -12.41
C PHE D 111 14.34 16.31 -12.43
N SER D 112 13.36 15.47 -12.75
CA SER D 112 12.01 15.96 -13.09
C SER D 112 11.10 16.24 -11.91
N ASN D 113 11.34 15.56 -10.79
CA ASN D 113 10.48 15.64 -9.63
C ASN D 113 10.88 16.82 -8.75
N LEU D 114 10.02 17.84 -8.76
CA LEU D 114 10.33 19.14 -8.19
C LEU D 114 9.94 19.21 -6.72
N SER D 115 9.31 18.14 -6.22
CA SER D 115 8.95 18.03 -4.81
C SER D 115 10.14 17.72 -3.93
N TYR D 116 11.26 17.32 -4.52
CA TYR D 116 12.52 17.12 -3.80
C TYR D 116 13.36 18.39 -3.74
N TYR D 117 14.06 18.58 -2.62
CA TYR D 117 15.24 19.40 -2.61
C TYR D 117 16.32 18.66 -3.41
N THR D 118 17.17 19.40 -4.13
CA THR D 118 18.31 18.77 -4.80
C THR D 118 19.42 18.61 -3.76
N ARG D 119 20.56 18.04 -4.18
CA ARG D 119 21.69 17.79 -3.29
C ARG D 119 22.99 18.15 -4.01
N ALA D 120 23.81 18.99 -3.38
CA ALA D 120 25.14 19.36 -3.89
C ALA D 120 26.10 18.16 -3.88
N LEU D 121 26.02 17.34 -2.83
CA LEU D 121 26.67 16.02 -2.82
C LEU D 121 25.64 14.91 -2.63
N PRO D 122 25.82 13.79 -3.35
CA PRO D 122 24.91 12.69 -3.20
C PRO D 122 24.96 12.10 -1.80
N PRO D 123 23.84 11.52 -1.36
CA PRO D 123 23.80 10.85 -0.07
C PRO D 123 24.71 9.63 0.03
N VAL D 124 25.10 9.29 1.26
CA VAL D 124 25.79 8.05 1.54
C VAL D 124 24.81 6.88 1.26
N ALA D 125 25.25 5.85 0.57
CA ALA D 125 24.34 4.76 0.19
C ALA D 125 23.82 4.02 1.41
N ASP D 126 22.58 3.53 1.34
CA ASP D 126 21.95 2.82 2.47
C ASP D 126 22.85 1.70 3.04
N ASP D 127 23.62 1.04 2.16
CA ASP D 127 24.37 -0.18 2.53
C ASP D 127 25.83 0.05 2.96
N CYS D 128 26.24 1.30 3.10
CA CYS D 128 27.58 1.59 3.61
C CYS D 128 27.67 1.24 5.10
N PRO D 129 28.83 0.74 5.55
CA PRO D 129 28.96 0.26 6.94
C PRO D 129 28.85 1.35 8.05
N THR D 130 29.21 2.59 7.75
CA THR D 130 29.09 3.69 8.72
C THR D 130 28.30 4.84 8.14
N PRO D 131 27.72 5.71 8.99
CA PRO D 131 26.91 6.84 8.51
C PRO D 131 27.60 7.71 7.47
N MET D 132 28.91 7.96 7.63
CA MET D 132 29.66 8.79 6.70
C MET D 132 30.22 8.01 5.51
N GLY D 133 30.07 6.68 5.52
CA GLY D 133 30.63 5.83 4.48
C GLY D 133 31.36 4.66 5.08
N VAL D 134 32.68 4.78 5.19
CA VAL D 134 33.53 3.78 5.86
C VAL D 134 34.25 4.29 7.11
N LYS D 135 34.47 5.61 7.21
CA LYS D 135 35.19 6.21 8.35
C LYS D 135 34.30 6.31 9.59
N GLY D 136 34.92 6.21 10.76
CA GLY D 136 34.24 6.45 12.02
C GLY D 136 33.54 5.22 12.58
N ASN D 137 32.73 5.43 13.62
CA ASN D 137 32.03 4.34 14.30
C ASN D 137 30.70 3.99 13.60
N LYS D 138 30.03 2.95 14.09
CA LYS D 138 28.78 2.46 13.45
C LYS D 138 27.63 3.44 13.63
N GLU D 139 27.58 4.09 14.81
CA GLU D 139 26.65 5.18 15.05
C GLU D 139 27.42 6.48 15.26
N LEU D 140 26.85 7.57 14.78
CA LEU D 140 27.40 8.91 15.02
C LEU D 140 27.08 9.30 16.45
N PRO D 141 27.84 10.25 17.01
CA PRO D 141 27.68 10.57 18.43
C PRO D 141 26.31 11.16 18.76
N ASP D 142 25.80 10.83 19.95
CA ASP D 142 24.50 11.29 20.44
C ASP D 142 24.27 12.77 20.16
N SER D 143 23.30 13.06 19.28
CA SER D 143 23.01 14.43 18.86
C SER D 143 22.72 15.42 20.01
N LYS D 144 21.99 14.96 21.03
CA LYS D 144 21.76 15.76 22.25
C LYS D 144 23.08 16.15 22.88
N GLU D 145 24.07 15.27 22.80
CA GLU D 145 25.36 15.55 23.42
C GLU D 145 26.08 16.63 22.60
N VAL D 146 26.10 16.45 21.28
CA VAL D 146 26.64 17.48 20.39
C VAL D 146 25.96 18.81 20.63
N LEU D 147 24.63 18.78 20.69
CA LEU D 147 23.81 19.97 20.95
C LEU D 147 24.25 20.62 22.25
N GLU D 148 24.22 19.86 23.33
CA GLU D 148 24.45 20.39 24.66
C GLU D 148 25.86 20.89 24.86
N LYS D 149 26.84 20.12 24.41
CA LYS D 149 28.22 20.49 24.66
C LYS D 149 28.71 21.71 23.87
N VAL D 150 28.38 21.84 22.58
CA VAL D 150 29.01 22.89 21.77
C VAL D 150 28.10 23.84 20.99
N LEU D 151 26.79 23.64 21.08
CA LEU D 151 25.85 24.46 20.32
C LEU D 151 25.03 25.40 21.22
N LEU D 152 24.52 24.91 22.35
CA LEU D 152 23.62 25.72 23.17
C LEU D 152 24.28 26.97 23.76
N ARG D 153 23.49 28.04 23.82
CA ARG D 153 23.92 29.34 24.34
C ARG D 153 24.07 29.27 25.87
N ARG D 154 25.24 29.67 26.36
CA ARG D 154 25.42 29.92 27.79
C ARG D 154 25.09 31.38 28.00
N GLU D 155 25.84 32.23 27.32
CA GLU D 155 25.65 33.66 27.38
C GLU D 155 25.44 34.15 25.96
N PHE D 156 24.56 35.14 25.79
CA PHE D 156 24.34 35.73 24.48
C PHE D 156 25.65 36.30 23.94
N ILE D 157 26.09 35.77 22.79
CA ILE D 157 27.26 36.29 22.08
C ILE D 157 26.75 37.20 20.94
N PRO D 158 27.05 38.51 21.01
CA PRO D 158 26.57 39.39 19.94
C PRO D 158 27.31 39.23 18.61
N ASP D 159 26.63 39.46 17.50
CA ASP D 159 27.30 39.50 16.20
C ASP D 159 28.23 40.73 16.12
N PRO D 160 29.54 40.51 15.86
CA PRO D 160 30.50 41.63 15.76
C PRO D 160 30.33 42.53 14.52
N GLN D 161 29.66 42.05 13.48
CA GLN D 161 29.33 42.88 12.31
C GLN D 161 28.13 43.79 12.56
N GLY D 162 27.49 43.60 13.72
CA GLY D 162 26.41 44.50 14.15
C GLY D 162 25.05 44.21 13.55
N SER D 163 24.84 42.99 13.06
CA SER D 163 23.53 42.58 12.52
C SER D 163 22.44 42.80 13.56
N ASN D 164 21.26 43.23 13.10
CA ASN D 164 20.15 43.55 13.99
C ASN D 164 18.93 42.67 13.70
N MET D 165 17.81 42.93 14.37
CA MET D 165 16.61 42.11 14.19
C MET D 165 15.88 42.41 12.88
N MET D 166 16.07 43.60 12.33
CA MET D 166 15.55 43.86 11.00
C MET D 166 16.19 42.87 10.05
N PHE D 167 17.50 42.67 10.22
CA PHE D 167 18.23 41.73 9.42
C PHE D 167 17.80 40.30 9.68
N ALA D 168 17.73 39.91 10.95
CA ALA D 168 17.43 38.53 11.30
C ALA D 168 16.05 38.13 10.79
N PHE D 169 15.07 39.02 10.92
CA PHE D 169 13.71 38.71 10.44
C PHE D 169 13.58 38.84 8.92
N PHE D 170 14.43 39.63 8.28
CA PHE D 170 14.47 39.66 6.82
C PHE D 170 14.95 38.31 6.28
N ALA D 171 15.91 37.73 6.99
CA ALA D 171 16.51 36.47 6.59
C ALA D 171 15.49 35.34 6.64
N GLN D 172 14.73 35.31 7.73
CA GLN D 172 13.69 34.30 7.96
C GLN D 172 12.52 34.46 6.99
N HIS D 173 12.02 35.69 6.86
CA HIS D 173 10.92 35.97 5.97
C HIS D 173 11.35 35.66 4.55
N PHE D 174 12.50 36.18 4.12
CA PHE D 174 12.99 35.98 2.73
C PHE D 174 13.19 34.51 2.39
N THR D 175 13.95 33.80 3.22
CA THR D 175 14.28 32.42 2.93
C THR D 175 13.10 31.48 3.01
N HIS D 176 12.08 31.80 3.80
CA HIS D 176 10.93 30.89 3.93
C HIS D 176 9.99 30.88 2.74
N GLN D 177 10.30 31.62 1.68
CA GLN D 177 9.62 31.42 0.40
C GLN D 177 10.19 30.19 -0.33
N PHE D 178 11.45 29.85 -0.10
CA PHE D 178 12.05 28.69 -0.77
C PHE D 178 12.44 27.50 0.14
N PHE D 179 12.48 27.73 1.45
CA PHE D 179 12.68 26.65 2.40
C PHE D 179 11.33 26.35 3.06
N LYS D 180 10.61 25.37 2.53
CA LYS D 180 9.30 24.99 3.05
C LYS D 180 9.18 23.48 3.07
N THR D 181 9.77 22.87 4.08
CA THR D 181 9.90 21.42 4.11
C THR D 181 8.53 20.77 4.24
N ASP D 182 8.28 19.84 3.36
CA ASP D 182 7.03 19.08 3.32
C ASP D 182 7.18 17.95 4.33
N HIS D 183 6.66 18.14 5.54
CA HIS D 183 6.79 17.14 6.60
C HIS D 183 5.96 15.89 6.41
N LYS D 184 4.95 15.95 5.54
CA LYS D 184 4.20 14.74 5.20
C LYS D 184 5.09 13.76 4.40
N ARG D 185 6.01 14.30 3.59
CA ARG D 185 6.90 13.46 2.77
C ARG D 185 8.22 13.17 3.48
N GLY D 186 8.88 14.21 3.98
CA GLY D 186 10.13 14.06 4.70
C GLY D 186 11.05 15.26 4.54
N PRO D 187 12.13 15.29 5.32
CA PRO D 187 13.07 16.42 5.34
C PRO D 187 13.72 16.73 3.97
N GLY D 188 13.77 15.73 3.09
CA GLY D 188 14.32 15.92 1.75
C GLY D 188 13.36 16.51 0.73
N PHE D 189 12.17 16.87 1.18
CA PHE D 189 11.08 17.30 0.30
C PHE D 189 10.66 18.70 0.62
N THR D 190 10.22 19.42 -0.42
CA THR D 190 9.80 20.81 -0.32
C THR D 190 8.44 21.04 -0.94
N ARG D 191 7.76 22.06 -0.42
CA ARG D 191 6.53 22.58 -0.98
C ARG D 191 6.78 23.80 -1.84
N GLY D 192 7.99 24.36 -1.77
CA GLY D 192 8.37 25.52 -2.62
C GLY D 192 8.71 25.04 -4.01
N LEU D 193 7.68 24.83 -4.81
CA LEU D 193 7.84 24.15 -6.10
C LEU D 193 8.41 25.05 -7.19
N GLY D 194 8.41 26.37 -6.97
CA GLY D 194 9.11 27.31 -7.84
C GLY D 194 10.59 27.45 -7.52
N HIS D 195 11.04 26.76 -6.47
CA HIS D 195 12.47 26.64 -6.15
C HIS D 195 13.26 27.96 -6.26
N GLY D 196 12.71 29.03 -5.69
CA GLY D 196 13.43 30.31 -5.67
C GLY D 196 12.61 31.51 -5.28
N VAL D 197 13.06 32.67 -5.76
CA VAL D 197 12.42 33.93 -5.42
C VAL D 197 11.22 34.18 -6.34
N ASP D 198 10.08 33.57 -5.99
CA ASP D 198 8.81 33.80 -6.67
C ASP D 198 7.82 34.63 -5.83
N LEU D 199 8.21 34.92 -4.59
CA LEU D 199 7.38 35.65 -3.63
C LEU D 199 6.05 34.93 -3.33
N ASN D 200 6.09 33.60 -3.33
CA ASN D 200 4.93 32.80 -2.92
C ASN D 200 4.57 33.03 -1.44
N HIS D 201 5.51 33.56 -0.66
CA HIS D 201 5.25 33.91 0.75
C HIS D 201 4.43 35.17 0.92
N ILE D 202 4.23 35.89 -0.19
CA ILE D 202 3.35 37.03 -0.25
C ILE D 202 2.08 36.67 -1.02
N TYR D 203 2.28 36.07 -2.18
CA TYR D 203 1.20 35.81 -3.12
C TYR D 203 0.55 34.43 -3.02
N GLY D 204 1.17 33.50 -2.29
CA GLY D 204 0.65 32.13 -2.15
C GLY D 204 1.27 31.15 -3.14
N GLU D 205 1.40 29.89 -2.70
CA GLU D 205 2.04 28.82 -3.49
C GLU D 205 1.17 28.51 -4.69
N THR D 206 -0.16 28.44 -4.48
CA THR D 206 -1.08 27.95 -5.51
C THR D 206 -1.96 29.09 -5.99
N LEU D 207 -2.51 28.94 -7.19
CA LEU D 207 -3.38 29.94 -7.81
C LEU D 207 -4.63 30.20 -6.95
N ASP D 208 -5.18 29.13 -6.38
CA ASP D 208 -6.36 29.24 -5.54
C ASP D 208 -6.09 30.04 -4.27
N ARG D 209 -4.93 29.84 -3.66
CA ARG D 209 -4.53 30.64 -2.50
C ARG D 209 -4.28 32.09 -2.90
N GLN D 210 -3.70 32.28 -4.08
CA GLN D 210 -3.47 33.63 -4.64
C GLN D 210 -4.80 34.36 -4.77
N HIS D 211 -5.82 33.68 -5.29
CA HIS D 211 -7.11 34.35 -5.54
C HIS D 211 -7.87 34.72 -4.26
N LYS D 212 -7.71 33.92 -3.20
CA LYS D 212 -8.31 34.26 -1.92
C LYS D 212 -7.67 35.52 -1.31
N LEU D 213 -6.40 35.78 -1.63
CA LEU D 213 -5.63 36.90 -1.07
C LEU D 213 -5.73 38.19 -1.89
N ARG D 214 -6.23 38.05 -3.12
CA ARG D 214 -6.37 39.19 -4.03
C ARG D 214 -7.73 39.87 -3.87
N LEU D 215 -7.71 41.21 -3.91
CA LEU D 215 -8.93 42.02 -3.94
C LEU D 215 -9.68 41.92 -5.28
N PHE D 216 -8.91 41.81 -6.38
CA PHE D 216 -9.43 41.90 -7.77
C PHE D 216 -9.87 43.29 -8.22
N LYS D 217 -9.47 44.33 -7.48
CA LYS D 217 -9.56 45.72 -7.92
C LYS D 217 -8.13 46.24 -8.04
N ASP D 218 -7.83 46.91 -9.15
CA ASP D 218 -6.56 47.64 -9.34
C ASP D 218 -5.29 46.84 -9.03
N GLY D 219 -5.35 45.53 -9.22
CA GLY D 219 -4.19 44.64 -9.08
C GLY D 219 -3.89 44.23 -7.65
N LYS D 220 -4.65 44.74 -6.69
CA LYS D 220 -4.26 44.75 -5.30
C LYS D 220 -4.52 43.45 -4.54
N LEU D 221 -3.85 43.36 -3.38
CA LEU D 221 -4.05 42.31 -2.40
C LEU D 221 -5.04 42.84 -1.36
N LYS D 222 -5.86 41.94 -0.82
CA LYS D 222 -6.81 42.27 0.26
C LYS D 222 -6.07 42.79 1.48
N TYR D 223 -6.71 43.71 2.19
CA TYR D 223 -6.16 44.27 3.43
C TYR D 223 -7.27 44.76 4.35
N GLN D 224 -6.93 44.95 5.62
CA GLN D 224 -7.83 45.62 6.54
C GLN D 224 -7.13 46.85 7.09
N VAL D 225 -7.92 47.76 7.66
CA VAL D 225 -7.41 48.97 8.28
C VAL D 225 -7.78 48.92 9.75
N ILE D 226 -6.78 48.87 10.62
CA ILE D 226 -6.97 48.87 12.06
C ILE D 226 -6.24 50.07 12.67
N GLY D 227 -7.01 51.01 13.20
CA GLY D 227 -6.46 52.24 13.75
C GLY D 227 -5.79 53.11 12.70
N GLY D 228 -6.43 53.23 11.54
CA GLY D 228 -5.87 53.96 10.40
C GLY D 228 -4.69 53.31 9.70
N GLU D 229 -4.38 52.06 10.07
CA GLU D 229 -3.16 51.38 9.65
C GLU D 229 -3.47 50.14 8.83
N VAL D 230 -2.70 49.89 7.78
CA VAL D 230 -2.98 48.79 6.86
C VAL D 230 -2.31 47.47 7.28
N TYR D 231 -3.11 46.42 7.40
CA TYR D 231 -2.64 45.10 7.81
C TYR D 231 -3.23 44.02 6.92
N PRO D 232 -2.66 42.79 6.98
CA PRO D 232 -3.23 41.68 6.22
C PRO D 232 -4.66 41.40 6.65
N PRO D 233 -5.48 40.82 5.75
CA PRO D 233 -6.83 40.44 6.11
C PRO D 233 -6.84 39.24 7.06
N THR D 234 -8.03 38.81 7.47
CA THR D 234 -8.16 37.72 8.42
C THR D 234 -8.44 36.40 7.71
N VAL D 235 -8.18 35.30 8.42
CA VAL D 235 -8.55 33.98 7.93
C VAL D 235 -10.06 33.88 7.80
N LYS D 236 -10.77 34.44 8.78
CA LYS D 236 -12.23 34.47 8.76
C LYS D 236 -12.82 35.14 7.52
N ASP D 237 -12.09 36.12 6.98
CA ASP D 237 -12.53 36.98 5.88
C ASP D 237 -12.07 36.43 4.50
N THR D 238 -11.02 35.62 4.47
CA THR D 238 -10.47 35.11 3.21
C THR D 238 -10.57 33.58 3.01
N GLN D 239 -10.77 32.84 4.10
CA GLN D 239 -10.66 31.36 4.14
C GLN D 239 -9.30 30.80 3.71
N VAL D 240 -8.23 31.59 3.78
CA VAL D 240 -6.91 31.08 3.40
C VAL D 240 -6.32 30.39 4.64
N GLU D 241 -5.74 29.21 4.45
CA GLU D 241 -5.30 28.41 5.58
C GLU D 241 -4.04 28.99 6.23
N MET D 242 -4.07 29.10 7.56
CA MET D 242 -2.90 29.54 8.34
C MET D 242 -2.69 28.60 9.54
N ILE D 243 -1.43 28.42 9.91
CA ILE D 243 -1.08 27.71 11.13
C ILE D 243 -1.11 28.66 12.32
N TYR D 244 -2.18 28.58 13.10
CA TYR D 244 -2.28 29.26 14.39
C TYR D 244 -2.68 28.22 15.43
N PRO D 245 -2.24 28.42 16.69
CA PRO D 245 -2.75 27.54 17.75
C PRO D 245 -4.20 27.94 18.07
N PRO D 246 -5.01 26.99 18.57
CA PRO D 246 -6.46 27.17 18.61
C PRO D 246 -6.96 28.29 19.52
N HIS D 247 -6.15 28.70 20.51
CA HIS D 247 -6.56 29.75 21.45
C HIS D 247 -6.51 31.19 20.88
N ILE D 248 -6.00 31.35 19.67
CA ILE D 248 -5.92 32.68 19.05
C ILE D 248 -7.28 33.14 18.53
N PRO D 249 -7.71 34.37 18.88
CA PRO D 249 -8.99 34.89 18.39
C PRO D 249 -8.95 35.19 16.90
N GLU D 250 -10.12 35.24 16.27
CA GLU D 250 -10.21 35.31 14.80
C GLU D 250 -9.98 36.71 14.20
N ASN D 251 -9.99 37.73 15.04
CA ASN D 251 -9.56 39.07 14.63
C ASN D 251 -8.02 39.18 14.54
N LEU D 252 -7.32 38.21 15.14
CA LEU D 252 -5.85 38.20 15.19
C LEU D 252 -5.21 37.07 14.35
N GLN D 253 -6.04 36.38 13.56
CA GLN D 253 -5.55 35.42 12.58
C GLN D 253 -5.35 36.14 11.24
N PHE D 254 -4.15 36.68 11.03
CA PHE D 254 -3.83 37.35 9.78
C PHE D 254 -3.53 36.33 8.69
N ALA D 255 -4.04 36.57 7.49
CA ALA D 255 -3.82 35.69 6.34
C ALA D 255 -2.80 36.30 5.38
N VAL D 256 -1.72 35.56 5.12
CA VAL D 256 -0.68 35.99 4.19
C VAL D 256 -0.27 34.81 3.32
N GLY D 257 0.55 35.06 2.32
CA GLY D 257 1.03 34.02 1.40
C GLY D 257 1.51 32.74 2.07
N GLN D 258 2.40 32.92 3.05
CA GLN D 258 3.06 31.80 3.73
C GLN D 258 2.27 31.43 4.98
N GLU D 259 1.85 30.16 5.07
CA GLU D 259 0.93 29.72 6.12
C GLU D 259 1.54 29.77 7.54
N VAL D 260 2.87 29.76 7.64
CA VAL D 260 3.53 29.73 8.94
C VAL D 260 3.83 31.13 9.52
N PHE D 261 3.52 32.20 8.79
CA PHE D 261 3.98 33.55 9.15
C PHE D 261 3.28 34.21 10.33
N GLY D 262 2.24 33.58 10.88
CA GLY D 262 1.65 34.03 12.13
C GLY D 262 2.45 33.60 13.36
N LEU D 263 3.44 32.74 13.15
CA LEU D 263 4.34 32.23 14.18
C LEU D 263 5.09 33.35 14.90
N VAL D 264 5.51 34.36 14.13
CA VAL D 264 6.43 35.37 14.62
C VAL D 264 5.99 36.77 14.19
N PRO D 265 5.86 37.69 15.14
CA PRO D 265 5.48 39.05 14.78
C PRO D 265 6.47 39.74 13.85
N GLY D 266 7.73 39.30 13.85
CA GLY D 266 8.73 39.80 12.92
C GLY D 266 8.52 39.35 11.50
N LEU D 267 8.05 38.12 11.32
CA LEU D 267 7.58 37.65 10.02
C LEU D 267 6.40 38.48 9.56
N MET D 268 5.44 38.67 10.45
CA MET D 268 4.22 39.38 10.08
C MET D 268 4.50 40.87 9.81
N MET D 269 5.53 41.41 10.46
CA MET D 269 5.97 42.77 10.20
C MET D 269 6.37 42.88 8.73
N TYR D 270 7.19 41.94 8.27
CA TYR D 270 7.64 41.96 6.88
C TYR D 270 6.53 41.59 5.91
N ALA D 271 5.72 40.61 6.27
CA ALA D 271 4.56 40.25 5.45
C ALA D 271 3.74 41.50 5.17
N THR D 272 3.52 42.26 6.24
CA THR D 272 2.70 43.47 6.19
C THR D 272 3.30 44.58 5.33
N ILE D 273 4.61 44.78 5.44
CA ILE D 273 5.29 45.83 4.68
C ILE D 273 5.27 45.52 3.18
N TRP D 274 5.45 44.24 2.83
CA TRP D 274 5.46 43.84 1.42
C TRP D 274 4.05 43.86 0.83
N LEU D 275 3.06 43.49 1.64
CA LEU D 275 1.65 43.71 1.29
C LEU D 275 1.46 45.17 0.86
N ARG D 276 1.89 46.07 1.73
CA ARG D 276 1.83 47.51 1.48
C ARG D 276 2.57 47.93 0.23
N GLU D 277 3.78 47.42 0.04
CA GLU D 277 4.56 47.69 -1.16
C GLU D 277 3.85 47.26 -2.44
N HIS D 278 3.21 46.09 -2.42
CA HIS D 278 2.50 45.61 -3.58
C HIS D 278 1.37 46.54 -4.00
N ASN D 279 0.51 46.90 -3.05
CA ASN D 279 -0.58 47.81 -3.33
C ASN D 279 -0.12 49.22 -3.67
N ARG D 280 1.04 49.60 -3.14
CA ARG D 280 1.66 50.89 -3.47
C ARG D 280 2.12 50.93 -4.93
N VAL D 281 2.82 49.87 -5.34
CA VAL D 281 3.27 49.69 -6.71
C VAL D 281 2.06 49.59 -7.67
N CYS D 282 0.94 49.08 -7.17
CA CYS D 282 -0.32 49.08 -7.91
C CYS D 282 -0.89 50.46 -8.20
N ASP D 283 -0.82 51.36 -7.23
CA ASP D 283 -1.30 52.73 -7.46
C ASP D 283 -0.42 53.41 -8.50
N ILE D 284 0.89 53.20 -8.40
CA ILE D 284 1.87 53.79 -9.32
C ILE D 284 1.60 53.33 -10.74
N LEU D 285 1.43 52.02 -10.91
CA LEU D 285 1.12 51.47 -12.23
C LEU D 285 -0.24 51.91 -12.80
N LYS D 286 -1.24 52.06 -11.93
CA LYS D 286 -2.55 52.57 -12.37
C LYS D 286 -2.43 54.00 -12.89
N GLN D 287 -1.60 54.82 -12.25
CA GLN D 287 -1.30 56.17 -12.73
C GLN D 287 -0.71 56.14 -14.13
N GLU D 288 0.30 55.29 -14.31
CA GLU D 288 0.93 55.14 -15.61
C GLU D 288 0.01 54.49 -16.63
N HIS D 289 -0.87 53.61 -16.16
CA HIS D 289 -1.64 52.77 -17.05
C HIS D 289 -3.13 52.75 -16.72
N PRO D 290 -3.81 53.90 -16.89
CA PRO D 290 -5.25 53.88 -16.65
C PRO D 290 -6.04 52.87 -17.52
N GLU D 291 -5.46 52.39 -18.62
CA GLU D 291 -6.10 51.36 -19.49
C GLU D 291 -6.03 49.95 -18.94
N TRP D 292 -5.16 49.73 -17.98
CA TRP D 292 -4.88 48.38 -17.53
C TRP D 292 -5.96 47.86 -16.62
N GLY D 293 -6.25 46.57 -16.75
CA GLY D 293 -7.14 45.89 -15.85
C GLY D 293 -6.43 45.34 -14.63
N ASP D 294 -7.23 44.73 -13.75
CA ASP D 294 -6.75 44.12 -12.51
C ASP D 294 -5.62 43.12 -12.70
N GLU D 295 -5.80 42.17 -13.63
CA GLU D 295 -4.83 41.08 -13.79
C GLU D 295 -3.46 41.61 -14.10
N GLN D 296 -3.39 42.54 -15.04
CA GLN D 296 -2.12 43.04 -15.52
C GLN D 296 -1.41 43.88 -14.45
N LEU D 297 -2.18 44.67 -13.72
CA LEU D 297 -1.67 45.41 -12.56
C LEU D 297 -1.12 44.45 -11.51
N PHE D 298 -1.86 43.38 -11.19
CA PHE D 298 -1.40 42.40 -10.20
C PHE D 298 -0.12 41.75 -10.66
N GLN D 299 -0.14 41.24 -11.89
CA GLN D 299 1.00 40.48 -12.41
C GLN D 299 2.24 41.37 -12.59
N THR D 300 2.05 42.59 -13.07
CA THR D 300 3.15 43.50 -13.30
C THR D 300 3.79 43.89 -11.98
N SER D 301 2.98 44.20 -10.98
CA SER D 301 3.50 44.52 -9.64
C SER D 301 4.25 43.34 -9.00
N ARG D 302 3.85 42.11 -9.29
CA ARG D 302 4.52 40.95 -8.73
C ARG D 302 5.95 40.85 -9.26
N LEU D 303 6.09 40.98 -10.58
CA LEU D 303 7.41 40.97 -11.22
C LEU D 303 8.28 42.12 -10.73
N ILE D 304 7.69 43.28 -10.42
CA ILE D 304 8.47 44.39 -9.87
C ILE D 304 8.97 44.06 -8.46
N LEU D 305 8.08 43.57 -7.60
CA LEU D 305 8.48 43.18 -6.24
C LEU D 305 9.48 42.03 -6.24
N ILE D 306 9.41 41.14 -7.22
CA ILE D 306 10.48 40.15 -7.35
C ILE D 306 11.78 40.90 -7.61
N GLY D 307 11.79 41.79 -8.60
CA GLY D 307 12.97 42.58 -8.90
C GLY D 307 13.50 43.34 -7.69
N GLU D 308 12.62 44.00 -6.96
CA GLU D 308 13.02 44.71 -5.73
C GLU D 308 13.65 43.79 -4.68
N THR D 309 13.11 42.57 -4.59
CA THR D 309 13.58 41.62 -3.58
C THR D 309 15.02 41.23 -3.86
N ILE D 310 15.31 40.89 -5.11
CA ILE D 310 16.64 40.48 -5.50
C ILE D 310 17.61 41.65 -5.37
N LYS D 311 17.15 42.85 -5.71
CA LYS D 311 17.95 44.07 -5.55
C LYS D 311 18.39 44.26 -4.10
N ILE D 312 17.42 44.19 -3.20
CA ILE D 312 17.68 44.40 -1.78
C ILE D 312 18.57 43.29 -1.22
N VAL D 313 18.27 42.04 -1.57
CA VAL D 313 19.06 40.92 -1.08
C VAL D 313 20.55 41.06 -1.45
N ILE D 314 20.83 41.55 -2.65
CA ILE D 314 22.20 41.66 -3.12
C ILE D 314 22.91 42.90 -2.52
N GLU D 315 22.29 44.07 -2.66
CA GLU D 315 22.97 45.33 -2.34
C GLU D 315 22.77 45.86 -0.92
N ASP D 316 21.92 45.22 -0.12
CA ASP D 316 21.76 45.59 1.29
C ASP D 316 22.03 44.41 2.21
N TYR D 317 21.37 43.28 1.93
CA TYR D 317 21.47 42.09 2.76
C TYR D 317 22.83 41.41 2.61
N VAL D 318 23.14 40.90 1.43
CA VAL D 318 24.47 40.28 1.19
C VAL D 318 25.61 41.30 1.37
N GLN D 319 25.41 42.53 0.92
CA GLN D 319 26.40 43.58 1.12
C GLN D 319 26.84 43.63 2.60
N HIS D 320 25.85 43.68 3.50
CA HIS D 320 26.13 43.75 4.92
C HIS D 320 26.72 42.44 5.46
N LEU D 321 26.19 41.31 5.00
CA LEU D 321 26.60 40.03 5.52
C LEU D 321 28.06 39.69 5.16
N SER D 322 28.49 40.10 3.98
CA SER D 322 29.83 39.78 3.48
C SER D 322 30.89 40.55 4.23
N GLY D 323 30.58 41.80 4.58
CA GLY D 323 31.55 42.68 5.23
C GLY D 323 32.45 43.32 4.20
N TYR D 324 32.14 43.15 2.93
CA TYR D 324 33.01 43.61 1.86
C TYR D 324 32.90 45.12 1.67
N HIS D 325 34.05 45.77 1.51
CA HIS D 325 34.08 47.17 1.15
C HIS D 325 33.82 47.38 -0.34
N PHE D 326 33.86 46.30 -1.11
CA PHE D 326 33.43 46.35 -2.52
C PHE D 326 31.91 46.50 -2.57
N LYS D 327 31.44 47.42 -3.41
CA LYS D 327 30.01 47.70 -3.53
C LYS D 327 29.36 46.74 -4.52
N LEU D 328 28.60 45.77 -4.01
CA LEU D 328 28.00 44.75 -4.86
C LEU D 328 26.89 45.35 -5.71
N LYS D 329 26.51 44.66 -6.79
CA LYS D 329 25.54 45.19 -7.75
C LYS D 329 24.55 44.14 -8.26
N PHE D 330 23.26 44.51 -8.26
CA PHE D 330 22.24 43.73 -8.94
C PHE D 330 22.10 44.29 -10.35
N ASP D 331 22.63 43.55 -11.33
CA ASP D 331 22.60 43.97 -12.73
C ASP D 331 22.68 42.76 -13.67
N PRO D 332 21.52 42.26 -14.11
CA PRO D 332 21.39 41.13 -15.03
C PRO D 332 22.24 41.23 -16.28
N GLU D 333 22.44 42.45 -16.78
CA GLU D 333 23.25 42.66 -18.00
C GLU D 333 24.68 42.15 -17.86
N LEU D 334 25.18 42.06 -16.64
CA LEU D 334 26.51 41.51 -16.40
C LEU D 334 26.66 40.11 -16.98
N LEU D 335 25.56 39.33 -17.03
CA LEU D 335 25.62 37.94 -17.49
C LEU D 335 25.29 37.70 -18.96
N PHE D 336 24.80 38.73 -19.65
CA PHE D 336 24.31 38.56 -21.03
C PHE D 336 25.33 38.10 -22.06
N ASN D 337 26.61 38.36 -21.81
CA ASN D 337 27.69 37.86 -22.68
C ASN D 337 28.51 36.77 -21.99
N GLN D 338 27.85 36.03 -21.10
CA GLN D 338 28.50 35.01 -20.28
C GLN D 338 27.65 33.74 -20.36
N GLN D 339 28.28 32.60 -20.13
CA GLN D 339 27.55 31.33 -20.03
C GLN D 339 26.88 31.20 -18.69
N PHE D 340 25.56 31.03 -18.69
CA PHE D 340 24.78 31.04 -17.48
C PHE D 340 23.42 30.41 -17.72
N GLN D 341 22.94 29.65 -16.74
CA GLN D 341 21.64 28.97 -16.83
C GLN D 341 20.61 29.68 -15.98
N TYR D 342 19.62 30.30 -16.61
CA TYR D 342 18.51 30.93 -15.90
C TYR D 342 17.55 29.87 -15.34
N GLN D 343 17.99 29.23 -14.27
CA GLN D 343 17.16 28.27 -13.57
C GLN D 343 17.86 27.87 -12.28
N ASN D 344 17.08 27.41 -11.32
CA ASN D 344 17.60 27.02 -10.03
C ASN D 344 16.74 25.93 -9.43
N ARG D 345 17.40 25.09 -8.65
CA ARG D 345 16.76 24.09 -7.84
C ARG D 345 17.39 24.22 -6.45
N ILE D 346 16.55 24.39 -5.45
CA ILE D 346 16.99 24.63 -4.09
C ILE D 346 17.59 23.39 -3.48
N ALA D 347 18.81 23.52 -2.95
CA ALA D 347 19.55 22.39 -2.41
C ALA D 347 19.22 22.18 -0.93
N SER D 348 19.19 20.92 -0.52
CA SER D 348 18.93 20.58 0.87
C SER D 348 20.00 21.11 1.84
N GLU D 349 21.24 21.22 1.36
CA GLU D 349 22.33 21.70 2.17
C GLU D 349 22.25 23.22 2.36
N PHE D 350 21.70 23.92 1.37
CA PHE D 350 21.45 25.34 1.47
C PHE D 350 20.47 25.57 2.61
N ASN D 351 19.37 24.83 2.61
CA ASN D 351 18.43 24.83 3.71
C ASN D 351 19.16 24.63 5.05
N THR D 352 19.92 23.54 5.14
CA THR D 352 20.63 23.17 6.35
C THR D 352 21.53 24.30 6.85
N LEU D 353 22.41 24.79 5.99
CA LEU D 353 23.32 25.90 6.37
C LEU D 353 22.62 27.21 6.75
N TYR D 354 21.39 27.42 6.30
CA TYR D 354 20.65 28.65 6.58
C TYR D 354 19.86 28.60 7.89
N HIS D 355 20.09 27.60 8.74
CA HIS D 355 19.48 27.57 10.06
C HIS D 355 20.21 28.51 11.02
N TRP D 356 19.98 29.81 10.89
CA TRP D 356 20.72 30.82 11.66
C TRP D 356 20.03 31.23 12.94
N HIS D 357 19.58 30.25 13.72
CA HIS D 357 18.86 30.54 14.96
C HIS D 357 19.71 31.22 16.01
N PRO D 358 21.05 31.10 15.94
CA PRO D 358 21.84 31.89 16.89
C PRO D 358 21.66 33.41 16.76
N LEU D 359 21.15 33.85 15.61
CA LEU D 359 20.83 35.26 15.40
C LEU D 359 19.86 35.76 16.47
N LEU D 360 18.97 34.88 16.92
CA LEU D 360 17.90 35.24 17.83
C LEU D 360 18.45 35.59 19.20
N PRO D 361 17.90 36.65 19.82
CA PRO D 361 18.33 36.95 21.19
C PRO D 361 17.50 36.18 22.20
N ASP D 362 17.77 36.44 23.47
CA ASP D 362 17.04 35.80 24.56
C ASP D 362 15.69 36.47 24.77
N THR D 363 15.64 37.77 24.50
CA THR D 363 14.39 38.51 24.58
C THR D 363 14.19 39.35 23.34
N PHE D 364 12.95 39.76 23.11
CA PHE D 364 12.64 40.64 21.98
C PHE D 364 12.26 42.00 22.53
N ASN D 365 13.08 43.00 22.19
CA ASN D 365 12.99 44.30 22.82
C ASN D 365 12.26 45.30 21.91
N ILE D 366 10.99 45.54 22.23
CA ILE D 366 10.15 46.45 21.46
C ILE D 366 9.69 47.60 22.36
N GLU D 367 10.19 48.80 22.05
CA GLU D 367 9.91 49.98 22.86
C GLU D 367 10.39 49.68 24.29
N ASP D 368 9.51 49.71 25.28
CA ASP D 368 9.90 49.52 26.68
C ASP D 368 9.65 48.09 27.18
N GLN D 369 9.17 47.20 26.32
CA GLN D 369 8.89 45.81 26.69
C GLN D 369 10.01 44.88 26.28
N GLU D 370 10.24 43.84 27.05
CA GLU D 370 11.19 42.78 26.72
C GLU D 370 10.45 41.45 26.72
N TYR D 371 10.11 40.96 25.53
CA TYR D 371 9.28 39.78 25.40
C TYR D 371 10.08 38.49 25.42
N SER D 372 9.65 37.55 26.27
CA SER D 372 10.18 36.20 26.20
C SER D 372 9.72 35.57 24.89
N PHE D 373 10.37 34.49 24.47
CA PHE D 373 9.90 33.72 23.32
C PHE D 373 8.42 33.41 23.45
N LYS D 374 8.05 32.85 24.60
CA LYS D 374 6.68 32.41 24.90
C LYS D 374 5.63 33.52 24.78
N GLN D 375 6.03 34.74 25.15
CA GLN D 375 5.15 35.91 25.01
C GLN D 375 5.12 36.37 23.55
N PHE D 376 6.23 36.17 22.85
CA PHE D 376 6.40 36.66 21.49
C PHE D 376 5.74 35.77 20.44
N LEU D 377 5.93 34.46 20.56
CA LEU D 377 5.40 33.50 19.59
C LEU D 377 3.88 33.56 19.42
N TYR D 378 3.45 33.55 18.16
CA TYR D 378 2.03 33.48 17.80
C TYR D 378 1.22 34.65 18.36
N ASN D 379 1.85 35.80 18.52
CA ASN D 379 1.20 36.91 19.21
C ASN D 379 1.19 38.17 18.34
N ASN D 380 0.21 38.25 17.45
CA ASN D 380 0.06 39.42 16.57
C ASN D 380 -0.48 40.66 17.29
N SER D 381 -1.02 40.46 18.49
CA SER D 381 -1.37 41.57 19.39
C SER D 381 -0.23 42.56 19.56
N ILE D 382 0.98 42.04 19.70
CA ILE D 382 2.17 42.85 19.91
C ILE D 382 2.37 43.77 18.69
N LEU D 383 2.20 43.23 17.49
CA LEU D 383 2.34 44.05 16.31
C LEU D 383 1.32 45.19 16.32
N LEU D 384 0.07 44.85 16.59
CA LEU D 384 -1.01 45.82 16.63
C LEU D 384 -0.82 46.84 17.75
N GLU D 385 -0.32 46.39 18.88
CA GLU D 385 -0.14 47.25 20.05
C GLU D 385 0.86 48.37 19.75
N HIS D 386 1.99 48.01 19.16
CA HIS D 386 3.09 48.95 19.02
C HIS D 386 3.10 49.66 17.68
N GLY D 387 2.64 48.98 16.64
CA GLY D 387 2.66 49.50 15.27
C GLY D 387 3.96 49.16 14.54
N LEU D 388 3.90 49.22 13.21
CA LEU D 388 5.04 48.88 12.35
C LEU D 388 6.24 49.82 12.57
N THR D 389 5.96 51.12 12.70
CA THR D 389 7.01 52.14 12.91
C THR D 389 7.89 51.81 14.10
N GLN D 390 7.26 51.57 15.24
CA GLN D 390 7.96 51.20 16.47
C GLN D 390 8.66 49.84 16.35
N PHE D 391 8.04 48.88 15.64
CA PHE D 391 8.72 47.62 15.33
C PHE D 391 10.04 47.90 14.58
N VAL D 392 9.96 48.69 13.51
CA VAL D 392 11.15 49.01 12.71
C VAL D 392 12.21 49.70 13.57
N GLU D 393 11.81 50.70 14.32
CA GLU D 393 12.75 51.41 15.18
C GLU D 393 13.40 50.47 16.16
N SER D 394 12.59 49.69 16.89
CA SER D 394 13.12 48.77 17.90
C SER D 394 14.01 47.70 17.32
N PHE D 395 13.61 47.11 16.20
CA PHE D 395 14.39 46.02 15.62
C PHE D 395 15.67 46.48 14.98
N THR D 396 15.67 47.73 14.48
CA THR D 396 16.88 48.34 13.94
C THR D 396 17.95 48.51 15.04
N ARG D 397 17.48 48.78 16.27
CA ARG D 397 18.36 48.99 17.42
C ARG D 397 18.81 47.72 18.13
N GLN D 398 18.07 46.62 17.99
CA GLN D 398 18.38 45.41 18.75
C GLN D 398 19.33 44.53 17.98
N ILE D 399 20.51 44.32 18.57
CA ILE D 399 21.56 43.55 17.95
C ILE D 399 21.23 42.04 17.95
N ALA D 400 21.70 41.34 16.92
CA ALA D 400 21.48 39.90 16.77
C ALA D 400 22.74 39.14 17.18
N GLY D 401 22.61 37.83 17.29
CA GLY D 401 23.69 37.00 17.77
C GLY D 401 24.60 36.49 16.68
N ARG D 402 25.86 36.24 17.05
CA ARG D 402 26.83 35.58 16.18
C ARG D 402 26.42 34.12 15.88
N VAL D 403 26.50 33.73 14.61
CA VAL D 403 26.05 32.41 14.16
C VAL D 403 27.15 31.36 14.33
N ALA D 404 28.35 31.66 13.84
CA ALA D 404 29.52 30.78 14.04
C ALA D 404 30.20 31.11 15.37
N GLY D 405 31.29 30.41 15.70
CA GLY D 405 32.00 30.61 16.97
C GLY D 405 31.54 29.74 18.12
N GLY D 406 30.39 29.08 17.94
CA GLY D 406 29.92 28.05 18.88
C GLY D 406 29.08 28.60 20.01
N ARG D 407 28.30 27.70 20.62
CA ARG D 407 27.59 27.97 21.88
C ARG D 407 26.73 29.24 21.86
N ASN D 408 25.91 29.40 20.83
CA ASN D 408 25.03 30.56 20.76
C ASN D 408 23.62 30.26 20.22
N VAL D 409 23.20 29.00 20.25
CA VAL D 409 21.83 28.62 19.92
C VAL D 409 20.96 28.88 21.15
N PRO D 410 19.92 29.73 21.01
CA PRO D 410 19.09 29.99 22.19
C PRO D 410 18.41 28.70 22.66
N ILE D 411 18.35 28.51 23.97
CA ILE D 411 17.79 27.30 24.55
C ILE D 411 16.33 27.08 24.12
N ALA D 412 15.57 28.16 23.97
CA ALA D 412 14.16 28.08 23.57
C ALA D 412 13.93 27.33 22.26
N VAL D 413 14.97 27.26 21.42
CA VAL D 413 14.86 26.59 20.13
C VAL D 413 15.81 25.39 20.06
N GLN D 414 16.09 24.76 21.20
CA GLN D 414 17.00 23.62 21.21
C GLN D 414 16.47 22.42 20.42
N ALA D 415 15.15 22.23 20.39
CA ALA D 415 14.54 21.13 19.64
C ALA D 415 14.77 21.26 18.13
N VAL D 416 14.83 22.50 17.63
CA VAL D 416 15.09 22.74 16.21
C VAL D 416 16.55 22.46 15.87
N ALA D 417 17.47 22.93 16.71
CA ALA D 417 18.89 22.65 16.54
C ALA D 417 19.11 21.14 16.53
N LYS D 418 18.54 20.43 17.49
CA LYS D 418 18.65 18.97 17.51
C LYS D 418 18.02 18.32 16.25
N ALA D 419 16.85 18.81 15.81
CA ALA D 419 16.22 18.23 14.61
C ALA D 419 17.11 18.41 13.39
N SER D 420 17.73 19.58 13.24
CA SER D 420 18.66 19.82 12.14
C SER D 420 19.77 18.77 12.10
N ILE D 421 20.33 18.41 13.26
CA ILE D 421 21.34 17.35 13.29
C ILE D 421 20.71 16.03 12.87
N ASP D 422 19.61 15.66 13.52
CA ASP D 422 18.92 14.39 13.28
C ASP D 422 18.44 14.23 11.83
N GLN D 423 17.93 15.30 11.23
CA GLN D 423 17.41 15.25 9.87
C GLN D 423 18.55 15.22 8.83
N SER D 424 19.68 15.86 9.13
CA SER D 424 20.88 15.71 8.31
C SER D 424 21.25 14.24 8.22
N ARG D 425 21.35 13.59 9.37
CA ARG D 425 21.68 12.17 9.45
C ARG D 425 20.68 11.31 8.66
N GLU D 426 19.40 11.46 8.97
CA GLU D 426 18.30 10.82 8.25
C GLU D 426 18.41 10.99 6.72
N MET D 427 18.87 12.15 6.27
CA MET D 427 19.10 12.40 4.84
C MET D 427 20.47 11.90 4.34
N LYS D 428 21.20 11.19 5.20
CA LYS D 428 22.51 10.61 4.89
C LYS D 428 23.49 11.61 4.24
N TYR D 429 23.65 12.75 4.89
CA TYR D 429 24.64 13.76 4.48
C TYR D 429 26.06 13.21 4.62
N GLN D 430 26.89 13.43 3.60
CA GLN D 430 28.34 13.21 3.72
C GLN D 430 28.91 14.19 4.78
N SER D 431 30.18 13.99 5.15
CA SER D 431 30.82 14.76 6.21
C SER D 431 31.09 16.21 5.85
N LEU D 432 31.39 16.99 6.87
CA LEU D 432 31.86 18.38 6.69
C LEU D 432 32.97 18.45 5.67
N ASN D 433 34.02 17.64 5.87
CA ASN D 433 35.18 17.65 4.97
C ASN D 433 34.87 17.30 3.51
N GLU D 434 33.93 16.38 3.24
CA GLU D 434 33.54 16.09 1.85
C GLU D 434 32.92 17.31 1.22
N TYR D 435 32.10 18.01 1.99
CA TYR D 435 31.50 19.25 1.50
C TYR D 435 32.53 20.35 1.30
N ARG D 436 33.55 20.39 2.15
CA ARG D 436 34.65 21.33 1.96
C ARG D 436 35.36 21.07 0.64
N LYS D 437 35.67 19.81 0.37
CA LYS D 437 36.32 19.45 -0.90
C LYS D 437 35.40 19.76 -2.09
N ARG D 438 34.11 19.47 -1.91
CA ARG D 438 33.10 19.73 -2.93
C ARG D 438 33.07 21.19 -3.32
N PHE D 439 33.35 22.10 -2.38
CA PHE D 439 33.33 23.53 -2.68
C PHE D 439 34.73 24.16 -2.69
N SER D 440 35.73 23.35 -3.05
CA SER D 440 37.11 23.78 -3.30
C SER D 440 37.86 24.32 -2.08
N LEU D 441 37.71 23.61 -0.95
CA LEU D 441 38.30 24.02 0.32
C LEU D 441 39.18 22.89 0.84
N LYS D 442 40.32 23.23 1.45
CA LYS D 442 41.19 22.25 2.07
C LYS D 442 40.44 21.63 3.25
N PRO D 443 40.44 20.29 3.37
CA PRO D 443 39.81 19.69 4.54
C PRO D 443 40.55 20.03 5.84
N TYR D 444 39.79 20.28 6.91
CA TYR D 444 40.34 20.45 8.25
C TYR D 444 41.08 19.20 8.68
N THR D 445 42.31 19.38 9.19
CA THR D 445 43.14 18.25 9.64
C THR D 445 42.95 17.96 11.13
N SER D 446 42.19 18.80 11.82
CA SER D 446 41.91 18.62 13.24
C SER D 446 40.73 19.49 13.69
N PHE D 447 40.19 19.17 14.86
CA PHE D 447 39.05 19.91 15.41
C PHE D 447 39.48 21.28 15.94
N GLU D 448 40.72 21.39 16.42
CA GLU D 448 41.28 22.68 16.81
C GLU D 448 41.33 23.66 15.62
N GLU D 449 41.63 23.13 14.44
CA GLU D 449 41.70 23.95 13.23
C GLU D 449 40.30 24.45 12.84
N LEU D 450 39.29 23.63 13.09
CA LEU D 450 37.90 24.00 12.82
C LEU D 450 37.44 25.15 13.71
N THR D 451 37.58 24.98 15.03
CA THR D 451 37.06 25.95 16.01
C THR D 451 37.95 27.19 16.19
N GLY D 452 39.26 27.00 16.11
CA GLY D 452 40.22 28.08 16.40
C GLY D 452 40.57 28.22 17.88
N GLU D 453 40.11 27.27 18.69
CA GLU D 453 40.26 27.29 20.14
C GLU D 453 40.35 25.83 20.59
N LYS D 454 40.47 25.59 21.89
CA LYS D 454 40.82 24.25 22.37
C LYS D 454 39.70 23.49 23.08
N GLU D 455 38.77 24.19 23.73
CA GLU D 455 37.77 23.55 24.59
C GLU D 455 36.71 22.80 23.80
N MET D 456 35.96 23.52 22.96
CA MET D 456 35.01 22.90 22.07
C MET D 456 35.71 21.86 21.18
N ALA D 457 36.93 22.15 20.77
CA ALA D 457 37.69 21.21 19.95
C ALA D 457 37.93 19.87 20.67
N ALA D 458 38.27 19.92 21.96
CA ALA D 458 38.48 18.68 22.73
C ALA D 458 37.17 17.90 22.92
N GLU D 459 36.08 18.61 23.18
CA GLU D 459 34.75 18.01 23.32
C GLU D 459 34.31 17.26 22.04
N LEU D 460 34.58 17.85 20.89
CA LEU D 460 34.18 17.28 19.61
C LEU D 460 35.03 16.06 19.30
N LYS D 461 36.30 16.12 19.66
CA LYS D 461 37.21 14.99 19.52
C LYS D 461 36.74 13.79 20.36
N ALA D 462 36.26 14.05 21.58
CA ALA D 462 35.78 12.97 22.45
C ALA D 462 34.52 12.30 21.87
N LEU D 463 33.72 13.09 21.16
CA LEU D 463 32.49 12.61 20.55
C LEU D 463 32.72 11.96 19.18
N TYR D 464 33.42 12.65 18.28
CA TYR D 464 33.60 12.21 16.90
C TYR D 464 34.86 11.36 16.65
N SER D 465 35.93 11.62 17.40
CA SER D 465 37.22 10.91 17.23
C SER D 465 38.06 11.41 16.04
N ASP D 466 37.49 11.30 14.83
CA ASP D 466 38.18 11.61 13.57
C ASP D 466 37.57 12.87 12.97
N ILE D 467 38.41 13.82 12.53
CA ILE D 467 37.95 15.06 11.91
C ILE D 467 37.13 14.83 10.64
N ASP D 468 37.44 13.75 9.92
CA ASP D 468 36.76 13.40 8.66
C ASP D 468 35.34 12.85 8.85
N VAL D 469 34.93 12.64 10.09
CA VAL D 469 33.58 12.17 10.38
C VAL D 469 32.69 13.28 11.00
N MET D 470 33.25 14.48 11.14
CA MET D 470 32.51 15.64 11.68
C MET D 470 31.42 16.05 10.72
N GLU D 471 30.24 16.35 11.27
CA GLU D 471 29.06 16.66 10.46
C GLU D 471 28.97 18.14 10.11
N LEU D 472 28.35 18.41 8.97
CA LEU D 472 28.32 19.76 8.37
C LEU D 472 27.62 20.81 9.22
N TYR D 473 26.40 20.49 9.67
CA TYR D 473 25.57 21.46 10.38
C TYR D 473 26.21 21.97 11.68
N PRO D 474 26.65 21.04 12.57
CA PRO D 474 27.31 21.49 13.78
C PRO D 474 28.63 22.23 13.52
N ALA D 475 29.36 21.82 12.47
CA ALA D 475 30.62 22.49 12.14
C ALA D 475 30.34 23.96 11.85
N LEU D 476 29.35 24.23 11.02
CA LEU D 476 29.01 25.59 10.64
C LEU D 476 28.82 26.49 11.86
N LEU D 477 28.22 25.97 12.92
CA LEU D 477 27.90 26.79 14.09
C LEU D 477 29.02 26.88 15.13
N VAL D 478 30.00 26.00 15.00
N VAL D 478 30.01 25.98 15.04
CA VAL D 478 31.15 25.95 15.89
CA VAL D 478 31.18 26.01 15.93
C VAL D 478 32.45 26.43 15.22
C VAL D 478 32.46 26.47 15.23
N GLU D 479 32.38 26.70 13.92
CA GLU D 479 33.56 27.07 13.11
C GLU D 479 34.17 28.40 13.51
N LYS D 480 35.51 28.46 13.43
CA LYS D 480 36.24 29.68 13.67
C LYS D 480 35.69 30.79 12.78
N PRO D 481 35.19 31.86 13.40
CA PRO D 481 34.72 32.97 12.61
C PRO D 481 35.88 33.58 11.88
N ARG D 482 35.60 34.28 10.78
CA ARG D 482 36.56 35.22 10.24
C ARG D 482 36.75 36.28 11.33
N PRO D 483 37.79 37.11 11.24
CA PRO D 483 38.02 38.14 12.28
C PRO D 483 36.88 39.16 12.39
N ASP D 484 36.27 39.26 13.57
CA ASP D 484 35.13 40.17 13.81
C ASP D 484 33.96 39.92 12.84
N ALA D 485 33.78 38.67 12.42
CA ALA D 485 32.75 38.34 11.43
C ALA D 485 31.70 37.41 12.01
N ILE D 486 30.56 37.37 11.35
CA ILE D 486 29.43 36.57 11.77
C ILE D 486 29.62 35.09 11.45
N PHE D 487 30.37 34.78 10.39
CA PHE D 487 30.51 33.39 9.88
C PHE D 487 31.94 32.96 9.72
N GLY D 488 32.14 31.63 9.71
CA GLY D 488 33.38 31.02 9.27
C GLY D 488 33.44 30.81 7.76
N GLU D 489 34.59 30.36 7.29
CA GLU D 489 34.83 30.09 5.87
C GLU D 489 33.79 29.16 5.24
N THR D 490 33.54 28.01 5.85
CA THR D 490 32.63 27.01 5.26
C THR D 490 31.25 27.59 4.93
N MET D 491 30.70 28.38 5.84
CA MET D 491 29.40 29.03 5.63
C MET D 491 29.38 29.92 4.38
N VAL D 492 30.42 30.72 4.22
CA VAL D 492 30.50 31.62 3.07
C VAL D 492 30.75 30.86 1.78
N GLU D 493 31.68 29.92 1.80
CA GLU D 493 32.07 29.24 0.58
C GLU D 493 30.99 28.27 0.05
N LEU D 494 30.13 27.75 0.93
CA LEU D 494 28.95 27.01 0.49
C LEU D 494 27.77 27.93 0.20
N GLY D 495 27.53 28.86 1.10
CA GLY D 495 26.33 29.69 1.06
C GLY D 495 26.29 30.66 -0.11
N ALA D 496 27.46 31.20 -0.49
CA ALA D 496 27.50 32.18 -1.57
C ALA D 496 27.08 31.57 -2.92
N PRO D 497 27.63 30.40 -3.28
CA PRO D 497 27.24 29.81 -4.56
C PRO D 497 25.73 29.56 -4.70
N PHE D 498 25.11 28.98 -3.67
CA PHE D 498 23.67 28.71 -3.67
C PHE D 498 22.84 29.98 -3.73
N SER D 499 23.28 30.98 -2.98
CA SER D 499 22.50 32.20 -2.85
C SER D 499 22.45 32.91 -4.18
N LEU D 500 23.61 33.12 -4.79
CA LEU D 500 23.72 33.93 -6.01
C LEU D 500 23.09 33.26 -7.22
N LYS D 501 23.12 31.93 -7.27
CA LYS D 501 22.41 31.17 -8.31
C LYS D 501 20.91 31.34 -8.13
N GLY D 502 20.49 31.37 -6.87
CA GLY D 502 19.09 31.59 -6.52
C GLY D 502 18.63 32.92 -7.06
N LEU D 503 19.46 33.94 -6.89
CA LEU D 503 19.10 35.31 -7.29
C LEU D 503 19.22 35.52 -8.80
N MET D 504 20.35 35.16 -9.38
CA MET D 504 20.58 35.46 -10.81
C MET D 504 19.91 34.44 -11.77
N GLY D 505 19.65 33.22 -11.29
CA GLY D 505 18.91 32.25 -12.06
C GLY D 505 17.45 32.60 -12.31
N ASN D 506 16.93 33.62 -11.64
CA ASN D 506 15.54 33.97 -11.78
C ASN D 506 15.25 34.44 -13.21
N PRO D 507 14.13 33.98 -13.81
CA PRO D 507 13.84 34.33 -15.19
C PRO D 507 13.74 35.82 -15.47
N ILE D 508 13.36 36.62 -14.48
CA ILE D 508 13.30 38.06 -14.66
C ILE D 508 14.68 38.64 -15.01
N CYS D 509 15.76 37.90 -14.73
CA CYS D 509 17.13 38.34 -15.06
C CYS D 509 17.57 37.96 -16.48
N SER D 510 16.77 37.14 -17.17
CA SER D 510 17.12 36.70 -18.51
C SER D 510 16.93 37.84 -19.50
N PRO D 511 17.70 37.84 -20.61
CA PRO D 511 17.64 38.91 -21.59
C PRO D 511 16.24 39.27 -22.08
N GLN D 512 15.34 38.29 -22.24
CA GLN D 512 13.99 38.63 -22.75
C GLN D 512 13.06 39.23 -21.68
N TYR D 513 13.37 39.03 -20.39
CA TYR D 513 12.57 39.61 -19.31
C TYR D 513 13.11 40.97 -18.85
N TRP D 514 14.44 41.12 -18.84
CA TRP D 514 15.07 42.30 -18.27
C TRP D 514 15.05 43.48 -19.24
N LYS D 515 13.88 44.08 -19.36
CA LYS D 515 13.71 45.28 -20.14
C LYS D 515 12.47 46.01 -19.61
N PRO D 516 12.39 47.34 -19.84
CA PRO D 516 11.35 48.17 -19.23
C PRO D 516 9.92 47.67 -19.38
N SER D 517 9.59 47.13 -20.56
CA SER D 517 8.21 46.72 -20.87
C SER D 517 7.72 45.53 -20.04
N THR D 518 8.65 44.74 -19.50
CA THR D 518 8.31 43.63 -18.63
C THR D 518 7.67 44.12 -17.35
N PHE D 519 8.09 45.31 -16.92
CA PHE D 519 7.74 45.88 -15.63
C PHE D 519 6.83 47.09 -15.77
N GLY D 520 6.22 47.25 -16.94
CA GLY D 520 5.26 48.34 -17.18
C GLY D 520 5.90 49.63 -17.69
N GLY D 521 7.16 49.57 -18.08
CA GLY D 521 7.87 50.77 -18.53
C GLY D 521 8.89 51.28 -17.53
N GLU D 522 9.44 52.44 -17.84
CA GLU D 522 10.65 52.96 -17.20
C GLU D 522 10.43 53.26 -15.72
N VAL D 523 9.20 53.63 -15.38
CA VAL D 523 8.81 53.91 -14.00
C VAL D 523 8.83 52.63 -13.17
N GLY D 524 8.21 51.58 -13.68
CA GLY D 524 8.20 50.30 -12.97
C GLY D 524 9.61 49.73 -12.88
N PHE D 525 10.38 49.97 -13.94
CA PHE D 525 11.74 49.50 -14.04
C PHE D 525 12.64 50.22 -13.00
N LYS D 526 12.44 51.53 -12.84
CA LYS D 526 13.25 52.31 -11.91
C LYS D 526 13.00 51.88 -10.46
N ILE D 527 11.76 51.54 -10.12
CA ILE D 527 11.40 51.04 -8.79
C ILE D 527 12.29 49.88 -8.37
N ILE D 528 12.58 49.01 -9.32
CA ILE D 528 13.43 47.88 -9.06
C ILE D 528 14.88 48.34 -8.90
N ASN D 529 15.33 49.12 -9.87
CA ASN D 529 16.72 49.50 -9.91
C ASN D 529 17.10 50.51 -8.82
N THR D 530 16.13 51.16 -8.20
CA THR D 530 16.40 52.05 -7.06
C THR D 530 15.98 51.47 -5.70
N ALA D 531 15.55 50.21 -5.66
CA ALA D 531 15.01 49.61 -4.43
C ALA D 531 16.10 49.46 -3.39
N SER D 532 15.74 49.72 -2.13
CA SER D 532 16.61 49.45 -0.98
C SER D 532 15.76 49.07 0.22
N ILE D 533 16.39 48.53 1.25
CA ILE D 533 15.70 48.28 2.52
C ILE D 533 15.21 49.60 3.15
N GLN D 534 15.99 50.68 3.02
CA GLN D 534 15.52 51.96 3.53
C GLN D 534 14.29 52.46 2.78
N SER D 535 14.31 52.40 1.45
CA SER D 535 13.15 52.86 0.66
C SER D 535 11.92 51.96 0.86
N LEU D 536 12.12 50.65 0.99
CA LEU D 536 10.99 49.74 1.31
C LEU D 536 10.26 50.20 2.58
N ILE D 537 11.04 50.55 3.59
CA ILE D 537 10.47 51.03 4.85
C ILE D 537 9.93 52.46 4.71
N CYS D 538 10.71 53.35 4.10
CA CYS D 538 10.30 54.77 3.97
C CYS D 538 8.95 54.94 3.27
N ASN D 539 8.72 54.18 2.20
CA ASN D 539 7.52 54.33 1.40
C ASN D 539 6.27 53.73 2.02
N ASN D 540 6.45 52.77 2.93
CA ASN D 540 5.34 51.97 3.45
C ASN D 540 5.10 52.06 4.95
N VAL D 541 6.00 52.69 5.71
CA VAL D 541 5.88 52.74 7.16
C VAL D 541 5.77 54.20 7.63
N LYS D 542 4.79 54.46 8.48
CA LYS D 542 4.44 55.81 8.87
C LYS D 542 5.64 56.52 9.49
N GLY D 543 5.91 57.73 9.02
CA GLY D 543 7.02 58.56 9.52
C GLY D 543 8.37 58.31 8.85
N CYS D 544 8.46 57.34 7.94
CA CYS D 544 9.72 57.00 7.27
C CYS D 544 10.89 56.86 8.25
N PRO D 545 10.76 55.93 9.22
CA PRO D 545 11.80 55.71 10.20
C PRO D 545 13.09 55.21 9.54
N PHE D 546 14.22 55.62 10.08
CA PHE D 546 15.49 55.08 9.64
C PHE D 546 15.55 53.58 9.87
N THR D 547 16.04 52.85 8.87
CA THR D 547 16.34 51.44 9.11
C THR D 547 17.60 51.03 8.40
N SER D 548 18.07 49.85 8.76
CA SER D 548 19.37 49.37 8.32
C SER D 548 19.45 47.93 8.77
N PHE D 549 20.32 47.14 8.16
CA PHE D 549 20.54 45.79 8.61
C PHE D 549 21.53 45.74 9.77
N ASN D 550 22.15 46.88 10.08
CA ASN D 550 23.05 46.95 11.22
C ASN D 550 22.65 47.99 12.26
N VAL D 551 23.14 47.75 13.46
CA VAL D 551 22.94 48.63 14.60
C VAL D 551 23.76 49.89 14.40
N GLN D 552 23.16 51.04 14.71
CA GLN D 552 23.84 52.33 14.52
C GLN D 552 24.66 52.75 15.74
#